data_8K29
#
_entry.id   8K29
#
_cell.length_a   1.00
_cell.length_b   1.00
_cell.length_c   1.00
_cell.angle_alpha   90.00
_cell.angle_beta   90.00
_cell.angle_gamma   90.00
#
_symmetry.space_group_name_H-M   'P 1'
#
loop_
_entity.id
_entity.type
_entity.pdbx_description
1 polymer 'RNA (60-MER)'
2 polymer Csy1
3 polymer Csy2
4 polymer Csy3
5 polymer Csy4
6 polymer 'DNA (43-MER)'
7 polymer "DNA (5'-D(P*GP*GP*CP*TP*TP*TP*CP*GP*TP*CP*AP*AP*CP*CP*CP*TP*TP*TP*GP*CP*TP*TP*AP*T)-3')"
#
loop_
_entity_poly.entity_id
_entity_poly.type
_entity_poly.pdbx_seq_one_letter_code
_entity_poly.pdbx_strand_id
1 'polyribonucleotide' CUUAAAGAGUCAACCCUUUGCUUAUCUUCCCUAUUUAAAUGUUAGCAGCCGCAUAGGCUG P
2 'polypeptide(L)'
;MIKEMIEDFISKGGLIFTHSGRYTNTNNSCFIFNKNDIGVDTKVDMYTPKSAGIKNEEGENLWQVLNKANMFYRIYSGEL
GEELQYLLKSCCTAKEDVTTLPQIYFKNGEGYDILVPIGNAHNLISGTEYLWEHKYYNTFTQKLGGSNPQNCTHACNKMR
GGFKQFNCTPPQVEDNYNA
;
A
3 'polypeptide(L)'
;MRKFIIVKNVKVDGINAKSSDITVGMPPATTFCGLGETMSIKTGIVVKAVSYGSVKFEVRGSRFNTSVTKFAWQDRGNGG
KANNNSPIQPKPLADGVFTLCFEVEWEDCAEVLVDKVTNFINTARIAGGTIASFNKPFVKVAKDAEELASVKNAMMPCYV
VVDCGVEVNIFEDAVNRKLQPMVNGYKKLEKIVDNKHMRDKFTPAYLATPTYTMIGYKMVSNVDNFDQALWQYGENTKVK
TIGGIYND
;
B
4 'polypeptide(L)'
;MTKLKAPAVLAYSRKINPTNALMFAVNWSDRDNTTAVMVGTKTVAGTQSVRGNPNDADKGNIQTVNFANLPHNKNTLLVK
YNVKFVGDVFKAELGGGEYSNTLQTALENTDFGTLAYRYVYNIAAGRTLWRNRVGAESIETVITVNDQTFTFSDLLVNEF
DEDVDVAEIADMVAGVLSGEGFVTLKVEHYMLLGEGSEVFPSQEFVENSKLSKQLFDLNGQAAMHDQKIGNAIRTIDTWY
EDATTPIAVEPYGSVVRNGVAYRAGNKTDLFTLMDGAVNGKSLTEEDQMFVTANLIRGGVFGGGKD
;
C,D,E,F,G,H
5 'polypeptide(L)'
;MYNTISITVVDADDVGVNFVVSKVLSTLHNKGIFNGEVGVTFPRMDKNVGDIITLFSKTGVDRKVLTSTLNTLTDFIHIG
KPKEADKVKTYRKVDTKSKGKLIRRCIKRKGVSAETAESLYGNYKGEKCKLPYIVVNSKSTGQRFSMFLEECENSEKFNS
YGLCIVSC
;
I
6 'polydeoxyribonucleotide'
;(DA)(DG)(DC)(DA)(DA)(DT)(DT)(DT)(DA)(DA)(DA)(DT)(DA)(DG)(DG)(DG)(DA)(DA)(DG)(DA)
(DT)(DA)(DA)(DG)(DC)(DA)(DA)(DA)(DG)(DG)(DG)(DT)(DT)(DG)(DA)(DC)(DG)(DA)(DA)(DA)
(DG)(DC)(DC)
;
Q
7 'polydeoxyribonucleotide'
;(DG)(DG)(DC)(DT)(DT)(DT)(DC)(DG)(DT)(DC)(DA)(DA)(DC)(DC)(DC)(DT)(DT)(DT)(DG)(DC)
(DT)(DT)(DA)(DT)
;
R
#
loop_
_chem_comp.id
_chem_comp.type
_chem_comp.name
_chem_comp.formula
A RNA linking ADENOSINE-5'-MONOPHOSPHATE 'C10 H14 N5 O7 P'
C RNA linking CYTIDINE-5'-MONOPHOSPHATE 'C9 H14 N3 O8 P'
DA DNA linking 2'-DEOXYADENOSINE-5'-MONOPHOSPHATE 'C10 H14 N5 O6 P'
DC DNA linking 2'-DEOXYCYTIDINE-5'-MONOPHOSPHATE 'C9 H14 N3 O7 P'
DG DNA linking 2'-DEOXYGUANOSINE-5'-MONOPHOSPHATE 'C10 H14 N5 O7 P'
DT DNA linking THYMIDINE-5'-MONOPHOSPHATE 'C10 H15 N2 O8 P'
G RNA linking GUANOSINE-5'-MONOPHOSPHATE 'C10 H14 N5 O8 P'
U RNA linking URIDINE-5'-MONOPHOSPHATE 'C9 H13 N2 O9 P'
#
# COMPACT_ATOMS: atom_id res chain seq x y z
N MET B 1 -65.22 39.59 -0.59
CA MET B 1 -66.05 39.94 -1.73
C MET B 1 -66.07 38.82 -2.75
N ILE B 2 -66.35 37.60 -2.30
CA ILE B 2 -66.29 36.44 -3.21
C ILE B 2 -67.47 36.31 -4.17
N LYS B 3 -68.27 37.35 -4.31
CA LYS B 3 -69.36 37.33 -5.29
C LYS B 3 -68.90 38.31 -6.34
N GLU B 4 -68.26 39.39 -5.90
CA GLU B 4 -67.76 40.38 -6.82
C GLU B 4 -66.65 39.80 -7.69
N MET B 5 -65.68 39.15 -7.06
CA MET B 5 -64.56 38.60 -7.82
C MET B 5 -65.01 37.46 -8.74
N ILE B 6 -66.26 37.04 -8.64
CA ILE B 6 -66.76 36.04 -9.57
C ILE B 6 -67.39 36.69 -10.80
N GLU B 7 -68.03 37.79 -10.63
CA GLU B 7 -68.55 38.43 -11.81
C GLU B 7 -67.40 39.08 -12.48
N ASP B 8 -66.31 39.29 -11.74
CA ASP B 8 -65.12 39.87 -12.33
C ASP B 8 -64.56 38.82 -13.21
N PHE B 9 -64.27 37.69 -12.58
CA PHE B 9 -63.70 36.59 -13.29
C PHE B 9 -64.40 36.32 -14.55
N ILE B 10 -65.68 36.07 -14.46
CA ILE B 10 -66.39 35.68 -15.62
C ILE B 10 -66.32 36.73 -16.71
N SER B 11 -66.20 37.98 -16.35
CA SER B 11 -66.23 38.97 -17.38
C SER B 11 -64.91 39.00 -18.09
N LYS B 12 -63.83 39.05 -17.33
CA LYS B 12 -62.52 39.11 -17.92
C LYS B 12 -62.39 37.93 -18.82
N GLY B 13 -62.64 36.75 -18.30
CA GLY B 13 -62.59 35.57 -19.12
C GLY B 13 -63.11 34.46 -18.28
N GLY B 14 -62.31 33.99 -17.35
CA GLY B 14 -62.80 33.01 -16.44
C GLY B 14 -62.96 31.63 -16.94
N LEU B 15 -62.04 30.77 -16.59
CA LEU B 15 -62.17 29.41 -16.96
C LEU B 15 -61.61 28.72 -15.80
N ILE B 16 -62.45 28.07 -15.05
CA ILE B 16 -62.00 27.29 -13.94
C ILE B 16 -61.78 25.96 -14.60
N PHE B 17 -60.73 25.25 -14.22
CA PHE B 17 -60.51 23.99 -14.79
C PHE B 17 -59.70 23.22 -13.87
N THR B 18 -59.88 21.92 -13.82
CA THR B 18 -58.95 21.14 -13.02
C THR B 18 -57.96 20.37 -13.89
N HIS B 19 -58.00 20.54 -15.20
CA HIS B 19 -57.04 19.94 -16.10
C HIS B 19 -56.79 20.91 -17.25
N SER B 20 -55.53 21.05 -17.65
CA SER B 20 -55.18 21.94 -18.74
C SER B 20 -53.88 21.48 -19.38
N GLY B 21 -53.62 21.99 -20.57
CA GLY B 21 -52.35 21.76 -21.23
C GLY B 21 -51.43 22.95 -21.14
N ARG B 22 -51.82 23.96 -20.34
CA ARG B 22 -50.97 25.13 -20.16
C ARG B 22 -49.74 24.82 -19.31
N TYR B 23 -49.77 23.74 -18.53
CA TYR B 23 -48.60 23.32 -17.80
C TYR B 23 -47.56 22.64 -18.70
N THR B 24 -47.97 22.20 -19.88
CA THR B 24 -47.06 21.62 -20.87
C THR B 24 -46.50 22.68 -21.80
N ASN B 25 -47.38 23.41 -22.47
CA ASN B 25 -47.02 24.47 -23.41
C ASN B 25 -47.90 25.66 -23.08
N THR B 26 -47.34 26.87 -23.08
CA THR B 26 -48.14 28.02 -22.67
C THR B 26 -48.96 28.55 -23.85
N ASN B 27 -48.64 28.11 -25.08
CA ASN B 27 -49.38 28.43 -26.30
C ASN B 27 -50.65 27.58 -26.47
N ASN B 28 -51.17 27.02 -25.39
CA ASN B 28 -52.13 25.91 -25.48
C ASN B 28 -53.59 26.38 -25.49
N SER B 29 -54.04 27.01 -24.39
CA SER B 29 -55.44 27.38 -24.13
C SER B 29 -56.43 26.24 -24.40
N CYS B 30 -56.25 25.13 -23.70
CA CYS B 30 -57.24 24.05 -23.62
C CYS B 30 -57.53 23.80 -22.15
N PHE B 31 -58.80 23.84 -21.78
CA PHE B 31 -59.21 23.83 -20.39
C PHE B 31 -60.45 22.96 -20.24
N ILE B 32 -60.35 21.92 -19.43
CA ILE B 32 -61.48 21.02 -19.18
C ILE B 32 -61.63 20.87 -17.66
N PHE B 33 -62.89 20.92 -17.20
CA PHE B 33 -63.24 20.68 -15.82
C PHE B 33 -63.84 19.29 -15.69
N ASN B 34 -63.19 18.44 -14.92
CA ASN B 34 -63.67 17.08 -14.66
C ASN B 34 -64.61 17.11 -13.47
N LYS B 35 -65.82 16.58 -13.67
CA LYS B 35 -66.82 16.63 -12.61
C LYS B 35 -66.57 15.56 -11.54
N ASN B 36 -65.92 14.46 -11.91
CA ASN B 36 -65.93 13.25 -11.10
C ASN B 36 -64.73 13.12 -10.16
N ASP B 37 -63.83 14.10 -10.12
CA ASP B 37 -62.65 14.00 -9.25
C ASP B 37 -62.59 15.10 -8.20
N ILE B 38 -63.68 15.86 -8.00
CA ILE B 38 -63.67 16.91 -6.99
C ILE B 38 -63.79 16.28 -5.62
N GLY B 39 -62.73 16.40 -4.82
CA GLY B 39 -62.71 15.88 -3.47
C GLY B 39 -62.39 16.97 -2.48
N VAL B 40 -62.25 16.59 -1.20
CA VAL B 40 -62.17 17.57 -0.12
C VAL B 40 -60.86 18.36 -0.19
N ASP B 41 -59.79 17.71 -0.64
CA ASP B 41 -58.50 18.38 -0.80
C ASP B 41 -58.17 18.66 -2.27
N THR B 42 -59.17 18.64 -3.14
CA THR B 42 -58.95 18.94 -4.55
C THR B 42 -58.72 20.43 -4.73
N LYS B 43 -57.54 20.81 -5.21
CA LYS B 43 -57.22 22.19 -5.45
C LYS B 43 -57.53 22.54 -6.89
N VAL B 44 -58.52 23.41 -7.08
CA VAL B 44 -58.99 23.80 -8.40
C VAL B 44 -58.14 24.95 -8.90
N ASP B 45 -58.17 25.18 -10.20
CA ASP B 45 -57.37 26.21 -10.83
C ASP B 45 -58.28 27.11 -11.66
N MET B 46 -57.72 28.20 -12.16
CA MET B 46 -58.48 29.13 -12.97
C MET B 46 -57.56 29.81 -13.96
N TYR B 47 -58.14 30.42 -14.99
CA TYR B 47 -57.39 31.19 -15.97
C TYR B 47 -58.22 32.36 -16.47
N THR B 48 -57.59 33.51 -16.57
CA THR B 48 -58.06 34.67 -17.31
C THR B 48 -56.94 35.13 -18.23
N PRO B 49 -57.26 35.82 -19.33
CA PRO B 49 -56.20 36.40 -20.17
C PRO B 49 -55.36 37.41 -19.41
N LYS B 50 -54.04 37.22 -19.51
CA LYS B 50 -52.97 37.90 -18.76
C LYS B 50 -53.10 37.73 -17.25
N SER B 51 -53.84 36.73 -16.80
CA SER B 51 -54.14 36.45 -15.38
C SER B 51 -54.71 37.68 -14.66
N ALA B 52 -55.63 38.36 -15.33
CA ALA B 52 -56.19 39.59 -14.80
C ALA B 52 -57.18 39.31 -13.67
N GLY B 53 -57.33 40.29 -12.79
CA GLY B 53 -58.27 40.17 -11.69
C GLY B 53 -57.99 41.22 -10.63
N ILE B 54 -58.89 41.30 -9.67
CA ILE B 54 -58.77 42.23 -8.56
C ILE B 54 -58.70 41.43 -7.27
N LYS B 55 -58.01 41.98 -6.28
CA LYS B 55 -57.81 41.33 -5.00
C LYS B 55 -58.97 41.62 -4.06
N ASN B 56 -58.95 40.97 -2.89
CA ASN B 56 -60.03 41.05 -1.91
C ASN B 56 -59.77 42.07 -0.82
N GLU B 57 -59.00 43.13 -1.14
CA GLU B 57 -58.39 44.14 -0.25
C GLU B 57 -57.67 43.54 0.97
N GLU B 58 -57.20 42.30 0.86
CA GLU B 58 -56.27 41.73 1.82
C GLU B 58 -55.00 41.22 1.15
N GLY B 59 -54.88 41.37 -0.17
CA GLY B 59 -53.72 40.94 -0.90
C GLY B 59 -53.91 39.67 -1.72
N GLU B 60 -55.07 39.03 -1.64
CA GLU B 60 -55.29 37.76 -2.34
C GLU B 60 -56.35 37.90 -3.43
N ASN B 61 -56.05 37.33 -4.58
CA ASN B 61 -56.96 37.28 -5.72
C ASN B 61 -57.94 36.12 -5.56
N LEU B 62 -58.63 35.78 -6.65
CA LEU B 62 -59.64 34.72 -6.62
C LEU B 62 -59.02 33.36 -6.35
N TRP B 63 -57.80 33.12 -6.84
CA TRP B 63 -57.24 31.77 -6.83
C TRP B 63 -56.88 31.30 -5.43
N GLN B 64 -56.22 32.16 -4.65
CA GLN B 64 -55.83 31.73 -3.31
C GLN B 64 -57.02 31.69 -2.35
N VAL B 65 -58.01 32.58 -2.51
CA VAL B 65 -59.19 32.49 -1.65
C VAL B 65 -60.09 31.32 -2.06
N LEU B 66 -60.01 30.88 -3.32
CA LEU B 66 -60.76 29.69 -3.70
C LEU B 66 -60.00 28.40 -3.39
N ASN B 67 -58.69 28.48 -3.20
CA ASN B 67 -57.90 27.32 -2.79
C ASN B 67 -57.80 27.18 -1.29
N LYS B 68 -58.04 28.25 -0.54
CA LYS B 68 -57.89 28.22 0.91
C LYS B 68 -59.10 27.58 1.57
N ALA B 69 -58.85 26.51 2.32
CA ALA B 69 -59.77 25.90 3.29
C ALA B 69 -61.06 25.41 2.65
N ASN B 70 -60.87 24.71 1.52
CA ASN B 70 -61.92 23.99 0.77
C ASN B 70 -63.09 24.89 0.36
N MET B 71 -62.79 26.14 0.04
CA MET B 71 -63.83 27.10 -0.34
C MET B 71 -64.46 26.75 -1.68
N PHE B 72 -63.70 26.12 -2.58
CA PHE B 72 -64.26 25.65 -3.84
C PHE B 72 -65.30 24.56 -3.61
N TYR B 73 -65.02 23.60 -2.71
CA TYR B 73 -66.04 22.61 -2.37
C TYR B 73 -67.20 23.23 -1.60
N ARG B 74 -66.92 24.28 -0.83
CA ARG B 74 -67.97 24.99 -0.10
C ARG B 74 -68.99 25.60 -1.06
N ILE B 75 -68.50 26.34 -2.07
CA ILE B 75 -69.38 26.88 -3.10
C ILE B 75 -69.99 25.80 -3.99
N TYR B 76 -69.22 24.75 -4.31
CA TYR B 76 -69.66 23.71 -5.22
C TYR B 76 -70.75 22.84 -4.61
N SER B 77 -70.69 22.63 -3.29
CA SER B 77 -71.82 22.01 -2.59
C SER B 77 -72.98 22.98 -2.48
N GLY B 78 -72.69 24.24 -2.10
CA GLY B 78 -73.75 25.23 -2.02
C GLY B 78 -73.90 25.80 -0.64
N GLU B 79 -72.85 25.66 0.18
CA GLU B 79 -72.84 26.22 1.53
C GLU B 79 -72.73 27.75 1.53
N LEU B 80 -72.41 28.38 0.39
CA LEU B 80 -72.43 29.84 0.28
C LEU B 80 -73.53 30.30 -0.66
N GLY B 81 -74.67 29.60 -0.67
CA GLY B 81 -75.81 30.01 -1.47
C GLY B 81 -75.82 29.40 -2.87
N GLU B 82 -76.99 29.37 -3.48
CA GLU B 82 -77.15 28.85 -4.84
C GLU B 82 -76.95 29.91 -5.91
N GLU B 83 -76.85 31.19 -5.53
CA GLU B 83 -76.50 32.23 -6.48
C GLU B 83 -75.02 32.29 -6.78
N LEU B 84 -74.18 31.76 -5.87
CA LEU B 84 -72.78 31.51 -6.15
C LEU B 84 -72.55 30.16 -6.82
N GLN B 85 -73.42 29.18 -6.56
CA GLN B 85 -73.38 27.86 -7.18
C GLN B 85 -73.54 27.90 -8.69
N TYR B 86 -74.54 28.62 -9.20
CA TYR B 86 -74.77 28.64 -10.63
C TYR B 86 -73.71 29.46 -11.34
N LEU B 87 -73.20 30.52 -10.70
CA LEU B 87 -72.09 31.28 -11.25
C LEU B 87 -70.82 30.44 -11.33
N LEU B 88 -70.53 29.66 -10.28
CA LEU B 88 -69.35 28.80 -10.31
C LEU B 88 -69.49 27.66 -11.29
N LYS B 89 -70.70 27.11 -11.44
CA LYS B 89 -70.89 25.99 -12.36
C LYS B 89 -70.94 26.45 -13.81
N SER B 90 -71.45 27.67 -14.07
CA SER B 90 -71.38 28.24 -15.40
C SER B 90 -69.97 28.74 -15.72
N CYS B 91 -69.16 29.02 -14.69
CA CYS B 91 -67.76 29.29 -14.92
C CYS B 91 -67.04 28.05 -15.45
N CYS B 92 -67.30 26.89 -14.85
CA CYS B 92 -66.63 25.66 -15.25
C CYS B 92 -67.31 25.10 -16.51
N THR B 93 -66.58 25.20 -17.62
CA THR B 93 -67.12 24.72 -18.89
C THR B 93 -66.07 23.88 -19.61
N ALA B 94 -65.95 24.05 -20.91
CA ALA B 94 -65.00 23.26 -21.69
C ALA B 94 -64.27 24.06 -22.75
N LYS B 95 -63.07 23.63 -23.13
CA LYS B 95 -62.29 24.30 -24.15
C LYS B 95 -61.43 23.23 -24.78
N GLU B 96 -61.22 23.30 -26.09
CA GLU B 96 -60.46 22.25 -26.78
C GLU B 96 -59.43 22.79 -27.76
N ASP B 97 -58.15 22.62 -27.45
CA ASP B 97 -57.09 23.06 -28.34
C ASP B 97 -55.94 22.08 -28.26
N VAL B 98 -55.92 21.10 -29.16
CA VAL B 98 -54.92 20.11 -29.15
C VAL B 98 -53.65 20.66 -29.71
N THR B 99 -53.60 21.96 -29.94
CA THR B 99 -52.42 22.53 -30.52
C THR B 99 -51.41 22.42 -29.50
N THR B 100 -50.18 22.26 -29.94
CA THR B 100 -49.08 22.11 -29.06
C THR B 100 -49.24 21.06 -28.06
N LEU B 101 -50.08 20.11 -28.35
CA LEU B 101 -50.33 19.15 -27.36
C LEU B 101 -49.84 17.76 -27.78
N PRO B 102 -48.96 17.08 -27.03
CA PRO B 102 -48.59 15.69 -27.33
C PRO B 102 -49.80 14.85 -27.67
N GLN B 103 -49.63 13.99 -28.67
CA GLN B 103 -50.68 13.10 -29.14
C GLN B 103 -50.09 11.71 -29.32
N ILE B 104 -50.53 10.77 -28.49
CA ILE B 104 -49.99 9.41 -28.52
C ILE B 104 -51.14 8.43 -28.75
N TYR B 105 -50.80 7.28 -29.28
CA TYR B 105 -51.75 6.18 -29.44
C TYR B 105 -51.72 5.31 -28.19
N PHE B 106 -52.89 4.82 -27.79
CA PHE B 106 -53.01 3.87 -26.71
C PHE B 106 -54.04 2.84 -27.11
N LYS B 107 -53.77 1.56 -26.82
CA LYS B 107 -54.66 0.51 -27.28
C LYS B 107 -55.95 0.48 -26.48
N ASN B 108 -57.03 0.12 -27.16
CA ASN B 108 -58.32 -0.13 -26.52
C ASN B 108 -58.57 -1.62 -26.32
N GLY B 109 -57.58 -2.46 -26.61
CA GLY B 109 -57.73 -3.89 -26.46
C GLY B 109 -57.85 -4.63 -27.77
N GLU B 110 -58.62 -4.06 -28.71
CA GLU B 110 -58.81 -4.64 -30.02
C GLU B 110 -58.56 -3.61 -31.11
N GLY B 111 -58.15 -2.41 -30.72
CA GLY B 111 -57.87 -1.33 -31.64
C GLY B 111 -57.04 -0.29 -30.92
N TYR B 112 -56.92 0.87 -31.55
CA TYR B 112 -56.11 1.96 -31.00
C TYR B 112 -57.00 3.17 -30.72
N ASP B 113 -56.48 4.05 -29.88
CA ASP B 113 -57.21 5.22 -29.41
C ASP B 113 -56.21 6.35 -29.26
N ILE B 114 -56.30 7.34 -30.15
CA ILE B 114 -55.32 8.42 -30.14
C ILE B 114 -55.65 9.35 -28.98
N LEU B 115 -54.65 9.61 -28.15
CA LEU B 115 -54.89 10.13 -26.81
C LEU B 115 -53.96 11.30 -26.54
N VAL B 116 -54.52 12.37 -26.01
CA VAL B 116 -53.79 13.61 -25.74
C VAL B 116 -53.63 13.75 -24.23
N PRO B 117 -52.43 13.61 -23.68
CA PRO B 117 -52.23 13.78 -22.24
C PRO B 117 -52.03 15.25 -21.88
N ILE B 118 -52.91 15.77 -21.03
CA ILE B 118 -52.78 17.11 -20.49
C ILE B 118 -52.58 17.02 -18.98
N GLY B 119 -52.03 18.09 -18.41
CA GLY B 119 -51.65 18.11 -17.02
C GLY B 119 -52.83 18.21 -16.08
N ASN B 120 -52.58 17.85 -14.82
CA ASN B 120 -53.57 17.91 -13.76
C ASN B 120 -53.28 19.09 -12.84
N ALA B 121 -54.30 19.89 -12.59
CA ALA B 121 -54.18 21.06 -11.73
C ALA B 121 -54.14 20.73 -10.26
N HIS B 122 -54.97 19.79 -9.79
CA HIS B 122 -54.93 19.35 -8.40
C HIS B 122 -53.59 18.69 -8.07
N ASN B 123 -53.08 17.88 -9.00
CA ASN B 123 -51.82 17.19 -8.78
C ASN B 123 -50.65 18.15 -8.64
N LEU B 124 -50.61 19.19 -9.46
CA LEU B 124 -49.49 20.14 -9.43
C LEU B 124 -49.46 20.95 -8.13
N ILE B 125 -50.55 21.66 -7.82
CA ILE B 125 -50.58 22.54 -6.65
C ILE B 125 -50.55 21.71 -5.36
N SER B 126 -51.28 20.59 -5.35
CA SER B 126 -51.30 19.74 -4.17
C SER B 126 -49.95 19.06 -3.95
N GLY B 127 -49.25 18.71 -5.04
CA GLY B 127 -47.93 18.14 -4.91
C GLY B 127 -46.91 19.14 -4.40
N THR B 128 -46.98 20.38 -4.90
CA THR B 128 -46.09 21.42 -4.39
C THR B 128 -46.30 21.66 -2.90
N GLU B 129 -47.56 21.84 -2.49
CA GLU B 129 -47.86 22.09 -1.08
C GLU B 129 -47.49 20.91 -0.19
N TYR B 130 -47.79 19.68 -0.62
CA TYR B 130 -47.57 18.53 0.25
C TYR B 130 -46.09 18.17 0.30
N LEU B 131 -45.39 18.14 -0.84
CA LEU B 131 -43.98 17.80 -0.83
C LEU B 131 -43.11 18.96 -0.36
N TRP B 132 -43.68 20.16 -0.16
CA TRP B 132 -42.99 21.16 0.62
C TRP B 132 -43.28 21.06 2.10
N GLU B 133 -44.49 20.62 2.50
CA GLU B 133 -44.84 20.66 3.92
C GLU B 133 -44.50 19.34 4.61
N HIS B 134 -44.30 18.25 3.87
CA HIS B 134 -43.66 17.05 4.41
C HIS B 134 -42.23 16.87 3.92
N LYS B 135 -41.63 17.93 3.35
CA LYS B 135 -40.20 18.05 3.09
C LYS B 135 -39.63 16.95 2.20
N TYR B 136 -40.28 16.65 1.09
CA TYR B 136 -39.75 15.66 0.16
C TYR B 136 -38.76 16.34 -0.75
N TYR B 137 -37.54 15.82 -0.78
CA TYR B 137 -36.43 16.53 -1.40
C TYR B 137 -35.82 15.80 -2.60
N ASN B 138 -36.22 14.55 -2.87
CA ASN B 138 -35.81 13.87 -4.09
C ASN B 138 -36.79 14.25 -5.18
N THR B 139 -36.63 15.46 -5.70
CA THR B 139 -37.64 16.09 -6.54
C THR B 139 -36.98 17.21 -7.34
N PHE B 140 -37.72 17.75 -8.30
CA PHE B 140 -37.25 18.82 -9.17
C PHE B 140 -38.06 20.08 -8.91
N THR B 141 -37.75 21.13 -9.67
CA THR B 141 -38.50 22.38 -9.62
C THR B 141 -38.61 22.91 -11.04
N GLN B 142 -39.83 23.26 -11.47
CA GLN B 142 -40.06 23.82 -12.79
C GLN B 142 -40.98 25.03 -12.68
N LYS B 143 -40.53 26.16 -13.20
CA LYS B 143 -41.34 27.37 -13.24
C LYS B 143 -42.06 27.41 -14.59
N LEU B 144 -43.37 27.26 -14.56
CA LEU B 144 -44.16 27.27 -15.78
C LEU B 144 -44.47 28.70 -16.20
N GLY B 145 -44.27 28.99 -17.48
CA GLY B 145 -44.56 30.31 -18.00
C GLY B 145 -43.33 31.06 -18.44
N GLY B 146 -42.19 30.75 -17.83
CA GLY B 146 -40.96 31.42 -18.17
C GLY B 146 -40.71 32.62 -17.29
N SER B 147 -40.37 33.76 -17.90
CA SER B 147 -40.15 34.99 -17.16
C SER B 147 -41.43 35.79 -16.96
N ASN B 148 -42.54 35.37 -17.56
CA ASN B 148 -43.85 35.99 -17.34
C ASN B 148 -44.86 34.91 -16.96
N PRO B 149 -44.90 34.52 -15.70
CA PRO B 149 -45.85 33.48 -15.27
C PRO B 149 -47.30 33.94 -15.15
N GLN B 150 -47.64 35.16 -15.56
CA GLN B 150 -49.04 35.56 -15.66
C GLN B 150 -49.68 35.07 -16.95
N ASN B 151 -48.90 34.43 -17.80
CA ASN B 151 -49.44 33.94 -19.07
C ASN B 151 -50.18 32.62 -18.94
N CYS B 152 -49.52 31.57 -18.45
CA CYS B 152 -50.16 30.24 -18.39
C CYS B 152 -51.46 30.17 -17.61
N THR B 153 -51.39 30.20 -16.28
CA THR B 153 -52.59 30.11 -15.44
C THR B 153 -52.54 31.08 -14.28
N HIS B 154 -53.45 30.93 -13.32
CA HIS B 154 -53.45 31.78 -12.14
C HIS B 154 -52.54 31.16 -11.10
N ALA B 155 -52.42 29.84 -11.10
CA ALA B 155 -51.51 29.17 -10.19
C ALA B 155 -50.10 29.57 -10.57
N CYS B 156 -49.83 29.63 -11.87
CA CYS B 156 -48.53 30.07 -12.34
C CYS B 156 -48.25 31.45 -11.76
N ASN B 157 -49.16 32.39 -12.01
CA ASN B 157 -48.97 33.77 -11.56
C ASN B 157 -48.70 33.88 -10.08
N LYS B 158 -49.36 33.07 -9.27
CA LYS B 158 -49.18 33.22 -7.83
C LYS B 158 -47.95 32.47 -7.37
N MET B 159 -47.89 31.17 -7.62
CA MET B 159 -46.75 30.36 -7.21
C MET B 159 -45.59 30.50 -8.21
N ARG B 160 -44.93 31.66 -8.13
CA ARG B 160 -43.82 31.96 -9.01
C ARG B 160 -42.51 31.37 -8.51
N GLY B 161 -42.52 30.70 -7.36
CA GLY B 161 -41.33 30.04 -6.86
C GLY B 161 -41.01 28.77 -7.62
N GLY B 162 -42.01 28.24 -8.33
CA GLY B 162 -41.78 27.08 -9.17
C GLY B 162 -42.54 25.85 -8.73
N PHE B 163 -43.21 25.20 -9.68
CA PHE B 163 -43.87 23.94 -9.42
C PHE B 163 -42.86 22.82 -9.26
N LYS B 164 -43.17 21.88 -8.38
CA LYS B 164 -42.27 20.79 -8.02
C LYS B 164 -42.63 19.53 -8.79
N GLN B 165 -41.62 18.91 -9.38
CA GLN B 165 -41.78 17.67 -10.12
C GLN B 165 -40.96 16.59 -9.44
N PHE B 166 -41.42 15.35 -9.52
CA PHE B 166 -40.70 14.23 -8.95
C PHE B 166 -39.42 13.98 -9.75
N ASN B 167 -38.33 13.75 -9.01
CA ASN B 167 -37.07 13.35 -9.62
C ASN B 167 -37.18 11.85 -9.85
N CYS B 168 -37.43 11.48 -11.10
CA CYS B 168 -37.64 10.08 -11.46
C CYS B 168 -36.39 9.42 -11.99
N THR B 169 -35.25 9.77 -11.43
CA THR B 169 -33.97 9.19 -11.82
C THR B 169 -33.85 7.78 -11.23
N PRO B 170 -33.57 6.77 -12.05
CA PRO B 170 -33.32 5.42 -11.52
C PRO B 170 -31.89 5.29 -11.02
N PRO B 171 -31.58 4.21 -10.30
CA PRO B 171 -30.18 3.94 -9.94
C PRO B 171 -29.33 3.63 -11.17
N GLN B 172 -28.03 3.84 -11.02
CA GLN B 172 -27.06 3.52 -12.06
C GLN B 172 -26.13 2.44 -11.53
N VAL B 173 -25.77 1.50 -12.40
CA VAL B 173 -24.89 0.39 -12.01
C VAL B 173 -23.45 0.90 -11.91
N GLU B 174 -22.58 0.07 -11.34
CA GLU B 174 -21.14 0.35 -11.13
C GLU B 174 -20.88 1.64 -10.36
N MET C 1 -44.95 -21.39 -24.75
CA MET C 1 -43.52 -21.09 -24.84
C MET C 1 -43.31 -19.59 -25.02
N ARG C 2 -42.42 -19.03 -24.21
CA ARG C 2 -42.15 -17.59 -24.20
C ARG C 2 -40.81 -17.33 -24.89
N LYS C 3 -40.82 -16.49 -25.91
CA LYS C 3 -39.61 -16.12 -26.65
C LYS C 3 -39.24 -14.70 -26.23
N PHE C 4 -38.18 -14.57 -25.45
CA PHE C 4 -37.73 -13.28 -24.95
C PHE C 4 -36.51 -12.82 -25.73
N ILE C 5 -36.68 -11.77 -26.53
CA ILE C 5 -35.55 -11.13 -27.20
C ILE C 5 -35.10 -9.96 -26.34
N ILE C 6 -33.84 -9.99 -25.94
CA ILE C 6 -33.27 -9.01 -25.02
C ILE C 6 -32.23 -8.20 -25.79
N VAL C 7 -32.41 -6.88 -25.79
CA VAL C 7 -31.36 -5.96 -26.24
C VAL C 7 -30.79 -5.29 -25.00
N LYS C 8 -29.49 -5.02 -25.03
CA LYS C 8 -28.80 -4.50 -23.88
C LYS C 8 -28.00 -3.26 -24.24
N ASN C 9 -27.76 -2.42 -23.23
CA ASN C 9 -26.89 -1.24 -23.31
C ASN C 9 -27.35 -0.26 -24.39
N VAL C 10 -28.66 -0.07 -24.50
CA VAL C 10 -29.22 0.84 -25.50
C VAL C 10 -28.97 2.27 -25.03
N LYS C 11 -27.94 2.90 -25.57
CA LYS C 11 -27.61 4.28 -25.20
C LYS C 11 -28.54 5.22 -25.95
N VAL C 12 -29.64 5.61 -25.31
CA VAL C 12 -30.59 6.56 -25.86
C VAL C 12 -30.15 7.95 -25.44
N ASP C 13 -30.11 8.87 -26.39
CA ASP C 13 -29.34 10.10 -26.21
C ASP C 13 -30.25 11.26 -26.58
N GLY C 14 -30.94 11.83 -25.58
CA GLY C 14 -31.89 12.90 -25.84
C GLY C 14 -33.32 12.56 -25.44
N ILE C 15 -33.47 11.74 -24.40
CA ILE C 15 -34.78 11.35 -23.89
C ILE C 15 -35.42 12.57 -23.23
N ASN C 16 -36.60 12.97 -23.71
CA ASN C 16 -37.31 14.05 -23.03
C ASN C 16 -37.92 13.51 -21.76
N ALA C 17 -37.36 13.92 -20.62
CA ALA C 17 -37.65 13.31 -19.33
C ALA C 17 -39.03 13.61 -18.80
N LYS C 18 -39.77 14.54 -19.40
CA LYS C 18 -41.08 14.95 -18.91
C LYS C 18 -42.09 13.84 -19.22
N SER C 19 -42.11 12.83 -18.35
CA SER C 19 -43.11 11.78 -18.46
C SER C 19 -44.48 12.31 -18.10
N SER C 20 -44.55 13.25 -17.18
CA SER C 20 -45.77 13.97 -16.83
C SER C 20 -45.40 15.33 -16.29
N ASP C 21 -46.41 16.11 -15.92
CA ASP C 21 -46.16 17.42 -15.36
C ASP C 21 -45.65 17.38 -13.93
N ILE C 22 -45.74 16.24 -13.25
CA ILE C 22 -45.17 16.07 -11.92
C ILE C 22 -44.06 15.02 -11.90
N THR C 23 -43.89 14.25 -12.95
CA THR C 23 -42.83 13.24 -13.00
C THR C 23 -41.85 13.61 -14.11
N VAL C 24 -40.58 13.79 -13.75
CA VAL C 24 -39.53 14.10 -14.70
C VAL C 24 -38.37 13.16 -14.40
N GLY C 25 -37.92 12.43 -15.42
CA GLY C 25 -36.87 11.46 -15.22
C GLY C 25 -36.91 10.30 -16.19
N MET C 26 -36.97 9.09 -15.64
CA MET C 26 -37.09 7.89 -16.46
C MET C 26 -38.40 7.91 -17.23
N PRO C 27 -38.37 7.57 -18.53
CA PRO C 27 -39.62 7.45 -19.30
C PRO C 27 -40.49 6.33 -18.74
N PRO C 28 -41.81 6.48 -18.80
CA PRO C 28 -42.70 5.54 -18.11
C PRO C 28 -42.82 4.22 -18.83
N ALA C 29 -43.63 3.34 -18.24
CA ALA C 29 -43.93 2.06 -18.89
C ALA C 29 -44.82 2.23 -20.11
N THR C 30 -45.57 3.33 -20.19
CA THR C 30 -46.35 3.61 -21.39
C THR C 30 -45.42 3.90 -22.57
N THR C 31 -44.26 4.51 -22.31
CA THR C 31 -43.27 4.74 -23.36
C THR C 31 -42.75 3.43 -23.94
N PHE C 32 -42.37 2.49 -23.09
CA PHE C 32 -41.80 1.24 -23.56
C PHE C 32 -42.86 0.32 -24.14
N CYS C 33 -44.08 0.35 -23.60
CA CYS C 33 -45.20 -0.35 -24.20
C CYS C 33 -45.55 0.21 -25.58
N GLY C 34 -45.51 1.54 -25.73
CA GLY C 34 -45.66 2.15 -27.04
C GLY C 34 -44.55 1.83 -28.00
N LEU C 35 -43.33 1.67 -27.50
CA LEU C 35 -42.21 1.22 -28.35
C LEU C 35 -42.43 -0.21 -28.82
N GLY C 36 -42.91 -1.08 -27.94
CA GLY C 36 -43.22 -2.45 -28.34
C GLY C 36 -44.35 -2.52 -29.35
N GLU C 37 -45.38 -1.70 -29.15
CA GLU C 37 -46.48 -1.63 -30.11
C GLU C 37 -46.07 -0.97 -31.43
N THR C 38 -45.16 -0.02 -31.40
CA THR C 38 -44.54 0.53 -32.59
C THR C 38 -43.74 -0.51 -33.37
N MET C 39 -43.01 -1.39 -32.68
CA MET C 39 -42.35 -2.51 -33.34
C MET C 39 -43.37 -3.49 -33.91
N SER C 40 -44.50 -3.67 -33.21
CA SER C 40 -45.57 -4.51 -33.72
C SER C 40 -46.19 -3.95 -35.00
N ILE C 41 -46.38 -2.62 -35.08
CA ILE C 41 -46.91 -2.03 -36.30
C ILE C 41 -45.88 -2.03 -37.43
N LYS C 42 -44.65 -1.58 -37.15
CA LYS C 42 -43.64 -1.33 -38.18
C LYS C 42 -43.15 -2.62 -38.83
N THR C 43 -42.75 -3.59 -38.00
CA THR C 43 -42.20 -4.83 -38.54
C THR C 43 -43.29 -5.89 -38.70
N GLY C 44 -44.04 -6.17 -37.64
CA GLY C 44 -45.12 -7.11 -37.72
C GLY C 44 -45.11 -8.14 -36.60
N ILE C 45 -44.03 -8.17 -35.83
CA ILE C 45 -43.89 -9.14 -34.76
C ILE C 45 -44.75 -8.72 -33.56
N VAL C 46 -45.66 -9.60 -33.15
CA VAL C 46 -46.63 -9.25 -32.11
C VAL C 46 -45.98 -9.36 -30.72
N VAL C 47 -45.62 -8.21 -30.15
CA VAL C 47 -45.13 -8.17 -28.78
C VAL C 47 -46.30 -7.94 -27.84
N LYS C 48 -46.48 -8.84 -26.88
CA LYS C 48 -47.56 -8.70 -25.92
C LYS C 48 -47.08 -8.20 -24.57
N ALA C 49 -45.77 -8.19 -24.31
CA ALA C 49 -45.27 -7.75 -23.01
C ALA C 49 -43.84 -7.26 -23.19
N VAL C 50 -43.48 -6.22 -22.43
CA VAL C 50 -42.19 -5.57 -22.56
C VAL C 50 -41.63 -5.27 -21.17
N SER C 51 -40.34 -5.52 -20.99
CA SER C 51 -39.59 -5.07 -19.82
C SER C 51 -38.58 -4.03 -20.25
N TYR C 52 -38.03 -3.31 -19.27
CA TYR C 52 -36.96 -2.37 -19.56
C TYR C 52 -35.99 -2.30 -18.40
N GLY C 53 -35.09 -1.32 -18.40
CA GLY C 53 -34.11 -1.25 -17.34
C GLY C 53 -33.33 0.04 -17.40
N SER C 54 -32.29 0.11 -16.56
CA SER C 54 -31.46 1.30 -16.47
C SER C 54 -30.04 0.87 -16.11
N VAL C 55 -29.20 0.72 -17.14
CA VAL C 55 -27.76 0.55 -16.88
C VAL C 55 -27.18 1.84 -16.34
N LYS C 56 -27.47 2.96 -17.01
CA LYS C 56 -27.11 4.28 -16.55
C LYS C 56 -28.22 5.23 -16.95
N PHE C 57 -28.43 6.27 -16.15
CA PHE C 57 -29.44 7.27 -16.46
C PHE C 57 -29.13 8.53 -15.67
N GLU C 58 -28.93 9.63 -16.39
CA GLU C 58 -28.81 10.94 -15.75
C GLU C 58 -29.71 11.94 -16.46
N VAL C 59 -30.72 12.44 -15.74
CA VAL C 59 -31.42 13.63 -16.19
C VAL C 59 -30.44 14.80 -16.12
N ARG C 60 -30.14 15.38 -17.28
CA ARG C 60 -29.16 16.46 -17.33
C ARG C 60 -29.71 17.69 -16.60
N GLY C 61 -28.88 18.29 -15.79
CA GLY C 61 -29.30 19.43 -15.02
C GLY C 61 -28.69 19.40 -13.63
N SER C 62 -29.22 20.26 -12.76
CA SER C 62 -28.76 20.41 -11.40
C SER C 62 -29.52 19.44 -10.49
N ARG C 63 -29.43 19.66 -9.17
CA ARG C 63 -30.10 18.80 -8.21
C ARG C 63 -31.62 18.93 -8.30
N PHE C 64 -32.13 20.16 -8.39
CA PHE C 64 -33.56 20.39 -8.45
C PHE C 64 -34.00 21.09 -9.73
N ASN C 65 -33.07 21.43 -10.62
CA ASN C 65 -33.43 22.08 -11.87
C ASN C 65 -32.84 21.30 -13.03
N THR C 66 -33.70 20.87 -13.94
CA THR C 66 -33.26 20.23 -15.16
C THR C 66 -32.71 21.27 -16.13
N SER C 67 -31.96 20.80 -17.13
CA SER C 67 -31.47 21.69 -18.16
C SER C 67 -32.61 22.18 -19.04
N VAL C 68 -32.69 23.49 -19.17
CA VAL C 68 -33.71 24.14 -19.99
C VAL C 68 -33.26 24.07 -21.44
N THR C 69 -33.99 23.33 -22.26
CA THR C 69 -33.63 23.23 -23.66
C THR C 69 -34.03 24.52 -24.37
N LYS C 70 -33.08 25.13 -25.07
CA LYS C 70 -33.38 26.32 -25.86
C LYS C 70 -34.34 25.97 -26.98
N PHE C 71 -35.20 26.92 -27.31
CA PHE C 71 -36.25 26.69 -28.28
C PHE C 71 -35.92 27.43 -29.57
N ALA C 72 -36.16 26.75 -30.69
CA ALA C 72 -36.04 27.37 -32.00
C ALA C 72 -37.36 28.04 -32.35
N TRP C 73 -37.27 29.16 -33.05
CA TRP C 73 -38.45 29.89 -33.49
C TRP C 73 -39.14 29.11 -34.59
N GLN C 74 -40.10 28.28 -34.21
CA GLN C 74 -40.81 27.41 -35.15
C GLN C 74 -42.33 27.63 -34.97
N ASP C 75 -42.83 28.64 -35.68
CA ASP C 75 -44.22 29.05 -35.64
C ASP C 75 -44.51 30.01 -36.79
N ARG C 76 -45.67 29.87 -37.44
CA ARG C 76 -46.01 30.78 -38.52
C ARG C 76 -46.40 32.15 -37.98
N GLY C 77 -46.00 33.19 -38.70
CA GLY C 77 -46.30 34.56 -38.29
C GLY C 77 -45.58 35.00 -37.04
N ASN C 78 -44.36 34.52 -36.82
CA ASN C 78 -43.57 34.86 -35.65
C ASN C 78 -42.20 35.39 -36.09
N GLY C 79 -42.15 36.02 -37.25
CA GLY C 79 -40.91 36.51 -37.80
C GLY C 79 -40.40 37.81 -37.23
N GLY C 80 -41.28 38.65 -36.68
CA GLY C 80 -40.83 39.87 -36.06
C GLY C 80 -40.29 39.63 -34.67
N LYS C 81 -40.64 38.48 -34.09
CA LYS C 81 -40.19 38.12 -32.77
C LYS C 81 -38.92 37.29 -32.76
N ALA C 82 -38.41 36.90 -33.94
CA ALA C 82 -37.31 35.96 -34.04
C ALA C 82 -35.95 36.60 -33.80
N ASN C 83 -35.86 37.93 -33.72
CA ASN C 83 -34.59 38.59 -33.45
C ASN C 83 -34.13 38.36 -32.02
N ASN C 84 -35.05 38.40 -31.06
CA ASN C 84 -34.67 38.07 -29.68
C ASN C 84 -34.65 36.56 -29.49
N ASN C 85 -34.57 36.15 -28.23
CA ASN C 85 -34.66 34.73 -27.88
C ASN C 85 -36.09 34.23 -28.02
N SER C 86 -36.28 32.94 -27.81
CA SER C 86 -37.62 32.37 -27.94
C SER C 86 -38.14 31.99 -26.56
N PRO C 87 -39.43 32.16 -26.32
CA PRO C 87 -40.03 31.61 -25.09
C PRO C 87 -39.90 30.11 -25.05
N ILE C 88 -39.56 29.59 -23.87
CA ILE C 88 -39.28 28.18 -23.70
C ILE C 88 -40.35 27.55 -22.85
N GLN C 89 -41.00 26.51 -23.38
CA GLN C 89 -41.96 25.71 -22.63
C GLN C 89 -41.19 24.62 -21.89
N PRO C 90 -41.69 24.12 -20.75
CA PRO C 90 -40.95 23.08 -20.02
C PRO C 90 -40.76 21.79 -20.78
N LYS C 91 -39.51 21.51 -21.13
CA LYS C 91 -39.14 20.22 -21.70
C LYS C 91 -37.77 19.85 -21.15
N PRO C 92 -37.72 19.09 -20.07
CA PRO C 92 -36.46 18.54 -19.61
C PRO C 92 -35.98 17.43 -20.55
N LEU C 93 -34.66 17.31 -20.64
CA LEU C 93 -34.07 16.22 -21.40
C LEU C 93 -33.24 15.36 -20.46
N ALA C 94 -33.03 14.12 -20.87
CA ALA C 94 -32.31 13.15 -20.07
C ALA C 94 -31.57 12.20 -20.99
N ASP C 95 -30.41 11.73 -20.53
CA ASP C 95 -29.54 10.89 -21.34
C ASP C 95 -29.18 9.66 -20.53
N GLY C 96 -29.59 8.49 -21.00
CA GLY C 96 -29.41 7.29 -20.23
C GLY C 96 -29.20 6.06 -21.09
N VAL C 97 -28.84 4.97 -20.42
CA VAL C 97 -28.56 3.69 -21.06
C VAL C 97 -29.61 2.69 -20.60
N PHE C 98 -30.21 1.98 -21.54
CA PHE C 98 -31.35 1.10 -21.26
C PHE C 98 -31.01 -0.34 -21.63
N THR C 99 -31.48 -1.29 -20.82
CA THR C 99 -31.70 -2.65 -21.30
C THR C 99 -33.18 -2.84 -21.56
N LEU C 100 -33.52 -3.74 -22.48
CA LEU C 100 -34.91 -3.98 -22.80
C LEU C 100 -35.16 -5.46 -23.04
N CYS C 101 -36.36 -5.92 -22.68
CA CYS C 101 -36.80 -7.28 -22.94
C CYS C 101 -38.19 -7.23 -23.55
N PHE C 102 -38.41 -8.01 -24.61
CA PHE C 102 -39.70 -8.10 -25.25
C PHE C 102 -40.22 -9.53 -25.13
N GLU C 103 -41.55 -9.68 -25.21
CA GLU C 103 -42.17 -11.00 -25.19
C GLU C 103 -42.96 -11.15 -26.49
N VAL C 104 -42.39 -11.88 -27.44
CA VAL C 104 -42.90 -11.93 -28.80
C VAL C 104 -43.22 -13.37 -29.18
N GLU C 105 -44.36 -13.54 -29.85
CA GLU C 105 -44.73 -14.82 -30.46
C GLU C 105 -44.30 -14.74 -31.93
N TRP C 106 -43.10 -15.25 -32.21
CA TRP C 106 -42.56 -15.21 -33.56
C TRP C 106 -42.66 -16.55 -34.27
N GLU C 107 -42.68 -17.66 -33.52
CA GLU C 107 -42.73 -19.07 -33.93
C GLU C 107 -41.86 -19.41 -35.13
N ASP C 108 -40.69 -18.77 -35.23
CA ASP C 108 -39.81 -18.90 -36.38
C ASP C 108 -38.38 -19.01 -35.90
N CYS C 109 -37.42 -18.82 -36.80
CA CYS C 109 -36.01 -18.85 -36.46
C CYS C 109 -35.63 -17.66 -35.59
N ALA C 110 -34.47 -17.75 -34.93
CA ALA C 110 -34.05 -16.69 -34.02
C ALA C 110 -33.04 -15.71 -34.61
N GLU C 111 -32.39 -16.03 -35.73
CA GLU C 111 -31.46 -15.12 -36.36
C GLU C 111 -32.13 -14.21 -37.37
N VAL C 112 -33.43 -14.39 -37.60
CA VAL C 112 -34.21 -13.45 -38.40
C VAL C 112 -35.03 -12.51 -37.53
N LEU C 113 -35.35 -12.90 -36.29
CA LEU C 113 -36.01 -11.99 -35.36
C LEU C 113 -35.05 -10.90 -34.91
N VAL C 114 -33.84 -11.30 -34.64
CA VAL C 114 -32.87 -10.37 -34.19
C VAL C 114 -32.85 -9.33 -35.22
N ASP C 115 -33.09 -9.68 -36.45
CA ASP C 115 -32.93 -8.62 -37.42
C ASP C 115 -34.17 -7.98 -37.82
N LYS C 116 -35.28 -8.49 -37.35
CA LYS C 116 -36.49 -7.79 -37.63
C LYS C 116 -36.57 -6.92 -36.42
N VAL C 117 -35.48 -6.81 -35.69
CA VAL C 117 -35.49 -5.90 -34.56
C VAL C 117 -34.40 -4.84 -34.69
N THR C 118 -33.19 -5.26 -35.08
CA THR C 118 -32.07 -4.38 -35.39
C THR C 118 -32.37 -3.43 -36.55
N ASN C 119 -33.28 -3.80 -37.46
CA ASN C 119 -33.74 -2.91 -38.52
C ASN C 119 -34.88 -2.01 -38.06
N PHE C 120 -35.36 -2.19 -36.82
CA PHE C 120 -36.34 -1.28 -36.23
C PHE C 120 -35.72 -0.37 -35.19
N ILE C 121 -34.87 -0.92 -34.32
CA ILE C 121 -34.22 -0.15 -33.24
C ILE C 121 -33.32 0.93 -33.82
N ASN C 122 -32.68 0.65 -34.96
CA ASN C 122 -31.93 1.65 -35.70
C ASN C 122 -32.83 2.71 -36.34
N THR C 123 -34.15 2.48 -36.42
CA THR C 123 -35.03 3.53 -36.92
C THR C 123 -36.07 3.96 -35.88
N ALA C 124 -35.85 3.71 -34.60
CA ALA C 124 -36.79 4.06 -33.56
C ALA C 124 -36.10 4.89 -32.48
N ARG C 125 -36.91 5.66 -31.76
CA ARG C 125 -36.44 6.51 -30.68
C ARG C 125 -37.14 6.11 -29.40
N ILE C 126 -36.38 5.93 -28.32
CA ILE C 126 -36.96 5.56 -27.03
C ILE C 126 -37.26 6.85 -26.29
N ALA C 127 -38.53 7.27 -26.33
CA ALA C 127 -39.04 8.53 -25.79
C ALA C 127 -38.24 9.73 -26.32
N GLY C 128 -38.36 9.94 -27.63
CA GLY C 128 -37.80 11.11 -28.27
C GLY C 128 -36.29 11.20 -28.31
N GLY C 129 -35.61 10.13 -27.94
CA GLY C 129 -34.18 10.12 -27.85
C GLY C 129 -33.53 9.82 -29.17
N THR C 130 -32.24 9.51 -29.11
CA THR C 130 -31.49 9.10 -30.29
C THR C 130 -30.66 7.88 -29.85
N ILE C 131 -30.98 6.73 -30.42
CA ILE C 131 -30.31 5.49 -30.03
C ILE C 131 -28.91 5.49 -30.61
N ALA C 132 -27.92 5.70 -29.73
CA ALA C 132 -26.54 5.83 -30.15
C ALA C 132 -25.91 4.51 -30.53
N SER C 133 -25.82 3.57 -29.59
CA SER C 133 -25.23 2.28 -29.84
C SER C 133 -25.87 1.29 -28.88
N PHE C 134 -26.39 0.20 -29.42
CA PHE C 134 -27.02 -0.84 -28.63
C PHE C 134 -26.27 -2.13 -28.91
N ASN C 135 -26.16 -2.98 -27.89
CA ASN C 135 -25.56 -4.29 -28.07
C ASN C 135 -26.48 -5.15 -28.94
N LYS C 136 -25.90 -6.16 -29.58
CA LYS C 136 -26.59 -7.03 -30.53
C LYS C 136 -27.76 -7.76 -29.87
N PRO C 137 -28.94 -7.75 -30.49
CA PRO C 137 -30.07 -8.50 -29.94
C PRO C 137 -29.79 -10.00 -29.92
N PHE C 138 -30.27 -10.66 -28.87
CA PHE C 138 -30.14 -12.10 -28.74
C PHE C 138 -31.48 -12.66 -28.25
N VAL C 139 -32.00 -13.65 -28.98
CA VAL C 139 -33.27 -14.25 -28.59
C VAL C 139 -33.01 -15.39 -27.62
N LYS C 140 -33.76 -15.40 -26.54
CA LYS C 140 -33.72 -16.48 -25.56
C LYS C 140 -35.14 -16.96 -25.31
N VAL C 141 -35.26 -18.25 -24.99
CA VAL C 141 -36.56 -18.87 -24.79
C VAL C 141 -36.78 -19.10 -23.30
N ALA C 142 -38.02 -19.41 -22.95
CA ALA C 142 -38.39 -19.76 -21.58
C ALA C 142 -39.40 -20.89 -21.62
N LYS C 143 -39.00 -22.05 -21.08
CA LYS C 143 -39.88 -23.23 -21.06
C LYS C 143 -40.65 -23.26 -19.74
N ASP C 144 -39.93 -23.34 -18.64
CA ASP C 144 -40.54 -23.35 -17.31
C ASP C 144 -40.48 -21.97 -16.69
N ALA C 145 -40.79 -21.86 -15.39
CA ALA C 145 -40.76 -20.57 -14.71
C ALA C 145 -39.33 -20.16 -14.38
N GLU C 146 -38.42 -21.13 -14.41
CA GLU C 146 -37.02 -20.83 -14.14
C GLU C 146 -36.24 -20.64 -15.39
N GLU C 147 -36.86 -20.92 -16.51
CA GLU C 147 -36.15 -20.65 -17.72
C GLU C 147 -36.36 -19.18 -18.01
N LEU C 148 -37.52 -18.69 -17.60
CA LEU C 148 -37.81 -17.30 -17.77
C LEU C 148 -36.84 -16.58 -16.93
N ALA C 149 -36.48 -17.13 -15.80
CA ALA C 149 -35.63 -16.39 -14.93
C ALA C 149 -34.22 -16.72 -15.20
N SER C 150 -33.94 -17.01 -16.44
CA SER C 150 -32.57 -17.19 -16.81
C SER C 150 -32.55 -16.16 -17.88
N VAL C 151 -33.69 -15.49 -18.08
CA VAL C 151 -33.68 -14.38 -18.98
C VAL C 151 -33.68 -13.13 -18.12
N LYS C 152 -34.39 -13.13 -17.03
CA LYS C 152 -34.39 -11.96 -16.15
C LYS C 152 -32.94 -11.69 -15.82
N ASN C 153 -32.19 -12.75 -15.56
CA ASN C 153 -30.80 -12.62 -15.20
C ASN C 153 -29.96 -12.17 -16.39
N ALA C 154 -30.41 -12.28 -17.59
CA ALA C 154 -29.77 -12.00 -18.88
C ALA C 154 -29.85 -10.58 -19.32
N MET C 155 -30.74 -9.80 -18.73
CA MET C 155 -30.79 -8.38 -19.09
C MET C 155 -30.17 -7.75 -17.91
N MET C 156 -28.87 -7.93 -17.78
CA MET C 156 -28.30 -7.45 -16.55
C MET C 156 -27.74 -6.05 -16.37
N PRO C 157 -26.71 -5.83 -15.51
CA PRO C 157 -26.37 -4.45 -15.16
C PRO C 157 -27.54 -3.49 -15.29
N CYS C 158 -28.66 -3.68 -14.58
CA CYS C 158 -29.83 -2.81 -14.76
C CYS C 158 -30.88 -2.87 -13.65
N TYR C 159 -31.75 -1.87 -13.63
CA TYR C 159 -32.75 -1.80 -12.58
C TYR C 159 -34.16 -1.81 -13.15
N VAL C 160 -34.73 -3.00 -13.31
CA VAL C 160 -36.09 -3.11 -13.83
C VAL C 160 -37.10 -2.64 -12.80
N VAL C 161 -38.04 -1.81 -13.25
CA VAL C 161 -39.07 -1.34 -12.34
C VAL C 161 -40.13 -2.41 -12.07
N VAL C 162 -40.66 -2.41 -10.85
CA VAL C 162 -41.73 -3.34 -10.50
C VAL C 162 -42.91 -2.54 -10.00
N ASP C 163 -44.12 -2.98 -10.35
CA ASP C 163 -45.31 -2.29 -9.91
C ASP C 163 -45.54 -2.52 -8.42
N CYS C 164 -45.55 -1.43 -7.66
CA CYS C 164 -45.70 -1.51 -6.22
C CYS C 164 -47.07 -1.03 -5.73
N GLY C 165 -47.93 -0.54 -6.60
CA GLY C 165 -49.30 -0.25 -6.24
C GLY C 165 -49.51 1.06 -5.49
N VAL C 166 -50.58 1.77 -5.85
CA VAL C 166 -50.91 3.03 -5.19
C VAL C 166 -51.88 2.74 -4.05
N GLU C 167 -51.56 3.24 -2.85
CA GLU C 167 -52.37 2.97 -1.66
C GLU C 167 -53.57 3.91 -1.59
N VAL C 168 -53.32 5.21 -1.47
CA VAL C 168 -54.40 6.19 -1.46
C VAL C 168 -54.21 7.21 -2.57
N ASN C 169 -52.99 7.72 -2.73
CA ASN C 169 -52.57 8.53 -3.88
C ASN C 169 -51.06 8.41 -4.02
N ILE C 170 -50.47 9.27 -4.84
CA ILE C 170 -49.05 9.15 -5.11
C ILE C 170 -48.24 10.03 -4.16
N PHE C 171 -48.80 11.16 -3.72
CA PHE C 171 -48.05 12.06 -2.84
C PHE C 171 -47.98 11.52 -1.42
N GLU C 172 -49.06 10.89 -0.95
CA GLU C 172 -49.02 10.25 0.37
C GLU C 172 -48.08 9.05 0.36
N ASP C 173 -48.06 8.30 -0.72
CA ASP C 173 -47.26 7.08 -0.78
C ASP C 173 -45.84 7.33 -1.30
N ALA C 174 -45.42 8.59 -1.44
CA ALA C 174 -44.05 8.93 -1.78
C ALA C 174 -43.21 9.32 -0.57
N VAL C 175 -43.82 9.91 0.46
CA VAL C 175 -43.04 10.35 1.61
C VAL C 175 -43.15 9.35 2.75
N ASN C 176 -44.24 8.57 2.80
CA ASN C 176 -44.35 7.53 3.81
C ASN C 176 -43.63 6.29 3.32
N ARG C 177 -44.07 5.75 2.20
CA ARG C 177 -43.33 4.73 1.47
C ARG C 177 -42.26 5.44 0.65
N LYS C 178 -40.98 5.17 0.93
CA LYS C 178 -39.91 5.83 0.19
C LYS C 178 -39.87 5.30 -1.23
N LEU C 179 -40.55 5.99 -2.13
CA LEU C 179 -40.89 5.45 -3.44
C LEU C 179 -41.15 6.61 -4.38
N GLN C 180 -41.32 6.31 -5.67
CA GLN C 180 -41.53 7.34 -6.67
C GLN C 180 -42.62 6.95 -7.66
N PRO C 181 -43.32 7.93 -8.23
CA PRO C 181 -44.41 7.63 -9.15
C PRO C 181 -43.91 7.37 -10.56
N MET C 182 -44.83 6.85 -11.39
CA MET C 182 -44.59 6.69 -12.82
C MET C 182 -45.97 6.55 -13.47
N VAL C 183 -46.10 7.15 -14.65
CA VAL C 183 -47.34 7.07 -15.41
C VAL C 183 -47.60 5.64 -15.88
N ASN C 184 -48.61 5.00 -15.28
CA ASN C 184 -48.99 3.66 -15.71
C ASN C 184 -50.22 3.65 -16.60
N GLY C 185 -50.67 4.80 -17.09
CA GLY C 185 -51.82 4.84 -17.96
C GLY C 185 -52.42 6.23 -17.98
N TYR C 186 -53.54 6.33 -18.69
CA TYR C 186 -54.21 7.60 -18.89
C TYR C 186 -55.71 7.41 -18.71
N LYS C 187 -56.38 8.46 -18.25
CA LYS C 187 -57.80 8.40 -17.92
C LYS C 187 -58.53 9.36 -18.85
N LYS C 188 -59.49 8.83 -19.62
CA LYS C 188 -60.20 9.62 -20.63
C LYS C 188 -61.15 10.63 -20.00
N LEU C 189 -60.84 11.92 -20.16
CA LEU C 189 -61.72 12.97 -19.66
C LEU C 189 -62.85 13.29 -20.64
N GLU C 190 -62.50 13.77 -21.83
CA GLU C 190 -63.49 14.18 -22.81
C GLU C 190 -63.14 13.61 -24.18
N LYS C 191 -64.00 13.89 -25.15
CA LYS C 191 -63.82 13.43 -26.52
C LYS C 191 -63.47 14.61 -27.40
N ILE C 192 -62.36 14.50 -28.13
CA ILE C 192 -61.97 15.56 -29.06
C ILE C 192 -62.85 15.49 -30.29
N VAL C 193 -63.54 16.59 -30.59
CA VAL C 193 -64.43 16.64 -31.74
C VAL C 193 -63.72 17.17 -32.97
N ASP C 194 -62.67 17.96 -32.78
CA ASP C 194 -61.92 18.53 -33.89
C ASP C 194 -60.80 17.58 -34.28
N ASN C 195 -61.09 16.69 -35.23
CA ASN C 195 -60.10 15.73 -35.72
C ASN C 195 -59.34 16.24 -36.94
N LYS C 196 -59.57 17.48 -37.36
CA LYS C 196 -58.88 18.03 -38.53
C LYS C 196 -57.40 18.22 -38.26
N HIS C 197 -57.11 18.62 -37.02
CA HIS C 197 -55.74 18.81 -36.57
C HIS C 197 -55.33 17.72 -35.61
N MET C 198 -55.33 16.48 -36.04
CA MET C 198 -54.90 15.39 -35.18
C MET C 198 -53.83 14.56 -35.86
N ARG C 199 -53.52 13.41 -35.34
CA ARG C 199 -52.46 12.65 -35.93
C ARG C 199 -53.01 11.80 -37.00
N ASP C 200 -54.22 11.32 -36.83
CA ASP C 200 -54.76 10.38 -37.81
C ASP C 200 -56.09 10.65 -38.40
N LYS C 201 -56.92 11.44 -37.74
CA LYS C 201 -58.28 11.70 -38.18
C LYS C 201 -59.27 10.56 -37.94
N PHE C 202 -58.95 9.34 -38.31
CA PHE C 202 -59.91 8.27 -38.13
C PHE C 202 -59.99 7.68 -36.74
N THR C 203 -58.88 7.58 -36.04
CA THR C 203 -58.88 6.95 -34.74
C THR C 203 -59.60 7.88 -33.81
N PRO C 204 -60.45 7.34 -32.96
CA PRO C 204 -61.23 8.16 -32.02
C PRO C 204 -60.34 8.97 -31.14
N ALA C 205 -60.66 10.23 -30.86
CA ALA C 205 -59.68 10.98 -30.08
C ALA C 205 -60.24 11.40 -28.73
N TYR C 206 -59.45 11.19 -27.68
CA TYR C 206 -59.84 11.51 -26.32
C TYR C 206 -58.79 12.40 -25.66
N LEU C 207 -59.28 13.40 -24.92
CA LEU C 207 -58.45 14.14 -23.99
C LEU C 207 -58.27 13.32 -22.72
N ALA C 208 -57.07 13.36 -22.16
CA ALA C 208 -56.76 12.50 -21.03
C ALA C 208 -55.75 13.18 -20.11
N THR C 209 -55.59 12.60 -18.92
CA THR C 209 -54.57 13.00 -17.97
C THR C 209 -53.86 11.73 -17.51
N PRO C 210 -52.61 11.81 -17.10
CA PRO C 210 -51.93 10.63 -16.57
C PRO C 210 -52.54 10.11 -15.28
N THR C 211 -52.50 8.79 -15.12
CA THR C 211 -52.78 8.12 -13.87
C THR C 211 -51.53 7.34 -13.50
N TYR C 212 -51.11 7.44 -12.26
CA TYR C 212 -49.84 6.92 -11.89
C TYR C 212 -49.82 5.77 -10.97
N THR C 213 -48.74 5.03 -10.97
CA THR C 213 -48.59 3.91 -10.10
C THR C 213 -47.27 4.15 -9.52
N MET C 214 -46.91 3.51 -8.44
CA MET C 214 -45.59 3.73 -7.96
C MET C 214 -44.70 2.60 -8.32
N ILE C 215 -43.41 2.84 -8.43
CA ILE C 215 -42.50 1.82 -8.87
C ILE C 215 -41.27 1.73 -8.06
N GLY C 216 -40.57 0.63 -8.22
CA GLY C 216 -39.41 0.43 -7.41
C GLY C 216 -38.34 -0.09 -8.29
N TYR C 217 -37.13 0.35 -8.05
CA TYR C 217 -36.15 -0.11 -9.04
C TYR C 217 -35.30 -1.20 -8.42
N LYS C 218 -35.82 -2.43 -8.40
CA LYS C 218 -35.06 -3.57 -7.93
C LYS C 218 -34.17 -4.04 -9.07
N MET C 219 -32.91 -4.38 -8.74
CA MET C 219 -32.05 -5.04 -9.70
C MET C 219 -32.67 -6.38 -10.07
N VAL C 220 -32.60 -6.72 -11.37
CA VAL C 220 -33.47 -7.76 -11.93
C VAL C 220 -33.15 -9.14 -11.36
N SER C 221 -31.88 -9.39 -11.05
CA SER C 221 -31.50 -10.65 -10.41
C SER C 221 -31.97 -10.75 -8.97
N ASN C 222 -32.33 -9.62 -8.33
CA ASN C 222 -32.86 -9.65 -6.97
C ASN C 222 -34.39 -9.69 -6.95
N VAL C 223 -35.03 -9.72 -8.11
CA VAL C 223 -36.48 -9.87 -8.20
C VAL C 223 -36.79 -11.35 -8.22
N ASP C 224 -37.74 -11.77 -7.38
CA ASP C 224 -38.16 -13.16 -7.29
C ASP C 224 -38.79 -13.65 -8.58
N ASN C 225 -39.64 -12.82 -9.19
CA ASN C 225 -40.29 -13.18 -10.44
C ASN C 225 -39.72 -12.33 -11.58
N PHE C 226 -40.27 -12.51 -12.78
CA PHE C 226 -40.01 -11.57 -13.87
C PHE C 226 -41.31 -11.25 -14.59
N ASP C 227 -42.40 -11.98 -14.31
CA ASP C 227 -43.73 -11.60 -14.73
C ASP C 227 -44.27 -10.41 -13.94
N GLN C 228 -43.70 -10.11 -12.78
CA GLN C 228 -43.97 -8.89 -12.03
C GLN C 228 -43.17 -7.72 -12.56
N ALA C 229 -42.32 -7.93 -13.57
CA ALA C 229 -41.49 -6.90 -14.16
C ALA C 229 -41.66 -6.83 -15.67
N LEU C 230 -42.73 -7.41 -16.19
CA LEU C 230 -43.02 -7.46 -17.62
C LEU C 230 -44.30 -6.69 -17.88
N TRP C 231 -44.16 -5.45 -18.36
CA TRP C 231 -45.30 -4.55 -18.50
C TRP C 231 -46.06 -4.81 -19.79
N GLN C 232 -47.37 -4.69 -19.71
CA GLN C 232 -48.26 -4.92 -20.85
C GLN C 232 -49.50 -4.06 -20.66
N TYR C 233 -50.21 -3.83 -21.77
CA TYR C 233 -51.42 -3.02 -21.77
C TYR C 233 -52.54 -3.74 -21.03
N GLY C 234 -53.51 -2.98 -20.57
CA GLY C 234 -54.64 -3.51 -19.82
C GLY C 234 -55.95 -3.13 -20.46
N GLU C 235 -56.97 -2.93 -19.63
CA GLU C 235 -58.33 -2.72 -20.10
C GLU C 235 -58.68 -1.24 -20.23
N ASN C 236 -58.57 -0.49 -19.13
CA ASN C 236 -58.99 0.91 -19.12
C ASN C 236 -57.80 1.83 -19.40
N THR C 237 -57.10 1.52 -20.50
CA THR C 237 -55.85 2.16 -20.95
C THR C 237 -54.84 2.31 -19.81
N LYS C 238 -54.45 1.17 -19.26
CA LYS C 238 -53.56 1.11 -18.12
C LYS C 238 -52.49 0.06 -18.39
N VAL C 239 -51.23 0.46 -18.47
CA VAL C 239 -50.16 -0.53 -18.60
C VAL C 239 -49.92 -1.16 -17.25
N LYS C 240 -49.67 -2.47 -17.23
CA LYS C 240 -49.56 -3.24 -16.00
C LYS C 240 -48.64 -4.43 -16.22
N THR C 241 -48.12 -4.94 -15.12
CA THR C 241 -47.33 -6.15 -15.18
C THR C 241 -48.23 -7.38 -15.06
N ILE C 242 -47.77 -8.50 -15.62
CA ILE C 242 -48.56 -9.72 -15.60
C ILE C 242 -48.58 -10.32 -14.19
N GLY C 243 -47.50 -10.14 -13.43
CA GLY C 243 -47.46 -10.63 -12.07
C GLY C 243 -48.08 -9.67 -11.07
N GLY C 244 -48.61 -8.55 -11.56
CA GLY C 244 -49.32 -7.59 -10.75
C GLY C 244 -48.40 -6.81 -9.81
N ILE C 245 -48.97 -6.52 -8.64
CA ILE C 245 -48.28 -5.71 -7.63
C ILE C 245 -47.18 -6.55 -6.98
N TYR C 246 -46.00 -5.98 -6.87
CA TYR C 246 -44.90 -6.64 -6.18
C TYR C 246 -45.23 -6.53 -4.69
N THR D 2 -54.97 27.97 -55.69
CA THR D 2 -56.15 27.36 -55.08
C THR D 2 -56.19 27.64 -53.59
N LYS D 3 -55.21 28.43 -53.12
CA LYS D 3 -54.95 28.72 -51.70
C LYS D 3 -54.89 27.45 -50.86
N LEU D 4 -53.86 26.65 -51.14
CA LEU D 4 -53.59 25.45 -50.35
C LEU D 4 -53.01 25.88 -49.01
N LYS D 5 -53.89 26.27 -48.09
CA LYS D 5 -53.52 26.87 -46.83
C LYS D 5 -53.04 25.79 -45.86
N ALA D 6 -52.09 26.16 -45.01
CA ALA D 6 -51.34 25.24 -44.15
C ALA D 6 -52.23 24.61 -43.08
N PRO D 7 -51.85 23.42 -42.57
CA PRO D 7 -52.58 22.88 -41.41
C PRO D 7 -52.24 23.66 -40.14
N ALA D 8 -52.90 23.32 -39.03
CA ALA D 8 -52.65 23.99 -37.77
C ALA D 8 -51.23 23.73 -37.27
N VAL D 9 -50.83 22.46 -37.21
CA VAL D 9 -49.46 22.08 -36.89
C VAL D 9 -49.01 21.07 -37.93
N LEU D 10 -47.94 21.41 -38.65
CA LEU D 10 -47.29 20.48 -39.57
C LEU D 10 -45.95 20.08 -38.98
N ALA D 11 -45.83 18.81 -38.59
CA ALA D 11 -44.71 18.38 -37.77
C ALA D 11 -43.90 17.32 -38.50
N TYR D 12 -42.60 17.58 -38.63
CA TYR D 12 -41.68 16.66 -39.27
C TYR D 12 -40.66 16.17 -38.25
N SER D 13 -40.34 14.88 -38.36
CA SER D 13 -39.39 14.26 -37.45
C SER D 13 -37.98 14.74 -37.75
N ARG D 14 -37.11 14.60 -36.75
CA ARG D 14 -35.70 14.91 -36.94
C ARG D 14 -35.04 13.82 -37.77
N LYS D 15 -34.60 14.18 -38.96
CA LYS D 15 -34.01 13.21 -39.88
C LYS D 15 -32.52 13.04 -39.70
N ILE D 16 -31.80 14.09 -39.32
CA ILE D 16 -30.47 13.94 -38.74
C ILE D 16 -30.66 13.52 -37.30
N ASN D 17 -30.03 12.43 -36.90
CA ASN D 17 -30.18 12.06 -35.50
C ASN D 17 -28.83 11.95 -34.83
N PRO D 18 -28.22 13.07 -34.44
CA PRO D 18 -26.93 13.00 -33.75
C PRO D 18 -27.11 12.57 -32.31
N THR D 19 -26.03 12.05 -31.75
CA THR D 19 -25.97 11.66 -30.35
C THR D 19 -25.12 12.69 -29.61
N ASN D 20 -25.04 12.55 -28.30
CA ASN D 20 -24.13 13.38 -27.51
C ASN D 20 -22.69 13.02 -27.84
N ALA D 21 -21.89 14.05 -28.08
CA ALA D 21 -20.45 13.87 -28.17
C ALA D 21 -19.90 13.41 -26.83
N LEU D 22 -18.87 12.60 -26.88
CA LEU D 22 -18.26 12.11 -25.65
C LEU D 22 -16.79 12.49 -25.67
N MET D 23 -16.39 13.28 -24.68
CA MET D 23 -15.07 13.90 -24.65
C MET D 23 -14.07 12.97 -23.96
N PHE D 24 -13.08 12.53 -24.72
CA PHE D 24 -12.03 11.65 -24.21
C PHE D 24 -10.68 12.33 -24.39
N ALA D 25 -9.71 11.89 -23.60
CA ALA D 25 -8.35 12.40 -23.66
C ALA D 25 -7.41 11.31 -24.17
N VAL D 26 -6.85 11.53 -25.36
CA VAL D 26 -5.87 10.63 -25.94
C VAL D 26 -4.62 11.43 -26.29
N ASN D 27 -3.57 10.73 -26.66
CA ASN D 27 -2.37 11.35 -27.19
C ASN D 27 -2.46 11.39 -28.71
N TRP D 28 -1.63 12.23 -29.32
CA TRP D 28 -1.69 12.39 -30.77
C TRP D 28 -1.11 11.18 -31.49
N SER D 29 -0.01 10.64 -30.96
CA SER D 29 0.60 9.47 -31.59
C SER D 29 -0.21 8.21 -31.27
N ASP D 30 -0.33 7.88 -30.00
CA ASP D 30 -1.09 6.71 -29.57
C ASP D 30 -2.52 7.17 -29.28
N ARG D 31 -3.40 6.90 -30.24
CA ARG D 31 -4.82 7.24 -30.10
C ARG D 31 -5.60 6.01 -29.64
N ASP D 32 -5.12 5.39 -28.57
CA ASP D 32 -5.78 4.20 -28.07
C ASP D 32 -5.94 4.16 -26.56
N ASN D 33 -5.32 5.07 -25.81
CA ASN D 33 -5.58 5.13 -24.37
C ASN D 33 -6.65 6.18 -24.10
N THR D 34 -7.88 5.86 -24.47
CA THR D 34 -8.98 6.80 -24.33
C THR D 34 -9.41 6.90 -22.87
N THR D 35 -8.88 7.90 -22.18
CA THR D 35 -9.32 8.23 -20.83
C THR D 35 -10.34 9.36 -20.91
N ALA D 36 -11.34 9.30 -20.05
CA ALA D 36 -12.45 10.23 -20.02
C ALA D 36 -12.00 11.60 -19.56
N VAL D 37 -12.55 12.63 -20.19
CA VAL D 37 -12.34 14.01 -19.77
C VAL D 37 -13.28 14.28 -18.61
N MET D 38 -12.71 14.46 -17.42
CA MET D 38 -13.47 14.57 -16.19
C MET D 38 -13.98 16.00 -16.03
N VAL D 39 -15.28 16.15 -15.85
CA VAL D 39 -15.82 17.46 -15.48
C VAL D 39 -15.47 17.70 -14.03
N GLY D 40 -14.75 18.79 -13.78
CA GLY D 40 -14.36 19.11 -12.42
C GLY D 40 -15.18 20.24 -11.86
N THR D 41 -14.88 20.66 -10.63
CA THR D 41 -15.59 21.74 -9.98
C THR D 41 -14.59 22.77 -9.51
N LYS D 42 -14.62 23.95 -10.12
CA LYS D 42 -13.64 24.99 -9.88
C LYS D 42 -14.33 26.22 -9.31
N THR D 43 -13.84 26.71 -8.18
CA THR D 43 -14.35 27.92 -7.58
C THR D 43 -13.37 29.06 -7.82
N VAL D 44 -13.87 30.16 -8.37
CA VAL D 44 -13.01 31.23 -8.86
C VAL D 44 -13.11 32.41 -7.90
N ALA D 45 -12.17 33.33 -8.03
CA ALA D 45 -12.26 34.64 -7.41
C ALA D 45 -11.92 35.68 -8.46
N GLY D 46 -12.87 36.55 -8.77
CA GLY D 46 -12.61 37.59 -9.74
C GLY D 46 -13.08 38.94 -9.23
N THR D 47 -13.67 39.73 -10.12
CA THR D 47 -14.31 40.97 -9.72
C THR D 47 -15.65 41.04 -10.45
N GLN D 48 -16.50 41.96 -10.00
CA GLN D 48 -17.90 41.97 -10.42
C GLN D 48 -18.02 42.39 -11.89
N SER D 49 -17.58 43.61 -12.22
CA SER D 49 -17.42 44.11 -13.59
C SER D 49 -18.73 44.06 -14.38
N VAL D 50 -19.81 44.47 -13.74
CA VAL D 50 -21.15 44.44 -14.30
C VAL D 50 -21.46 45.80 -14.87
N ARG D 51 -22.12 45.83 -16.04
CA ARG D 51 -22.58 47.07 -16.66
C ARG D 51 -23.49 47.86 -15.73
N GLY D 52 -23.17 49.16 -15.59
CA GLY D 52 -23.89 50.18 -14.82
C GLY D 52 -23.81 50.00 -13.32
N ASN D 53 -23.15 48.94 -12.85
CA ASN D 53 -22.91 48.78 -11.41
C ASN D 53 -21.45 49.07 -11.11
N PRO D 54 -21.12 50.35 -10.93
CA PRO D 54 -19.74 50.76 -10.70
C PRO D 54 -19.41 50.94 -9.22
N ASN D 55 -20.41 50.89 -8.34
CA ASN D 55 -20.20 51.07 -6.91
C ASN D 55 -20.00 49.72 -6.21
N ASP D 56 -19.94 48.65 -7.00
CA ASP D 56 -19.70 47.32 -6.47
C ASP D 56 -18.43 46.75 -7.09
N ALA D 57 -17.68 47.60 -7.78
CA ALA D 57 -16.54 47.17 -8.59
C ALA D 57 -15.26 47.14 -7.77
N ASP D 58 -15.38 47.53 -6.50
CA ASP D 58 -14.25 47.44 -5.58
C ASP D 58 -14.37 46.16 -4.77
N LYS D 59 -15.34 45.34 -5.11
CA LYS D 59 -15.58 44.04 -4.49
C LYS D 59 -15.24 42.94 -5.49
N GLY D 60 -15.34 41.70 -5.04
CA GLY D 60 -15.10 40.55 -5.89
C GLY D 60 -16.39 39.75 -6.04
N ASN D 61 -16.32 38.73 -6.88
CA ASN D 61 -17.40 37.73 -6.98
C ASN D 61 -16.76 36.36 -6.87
N ILE D 62 -17.40 35.47 -6.14
CA ILE D 62 -16.92 34.10 -6.01
C ILE D 62 -17.85 33.19 -6.77
N GLN D 63 -17.33 32.59 -7.84
CA GLN D 63 -18.19 31.82 -8.74
C GLN D 63 -17.64 30.41 -8.90
N THR D 64 -18.39 29.44 -8.39
CA THR D 64 -18.08 28.05 -8.62
C THR D 64 -18.50 27.69 -10.05
N VAL D 65 -17.55 27.20 -10.85
CA VAL D 65 -17.82 26.85 -12.23
C VAL D 65 -17.38 25.41 -12.46
N ASN D 66 -18.01 24.78 -13.45
CA ASN D 66 -17.55 23.49 -13.94
C ASN D 66 -16.48 23.71 -14.99
N PHE D 67 -15.41 22.93 -14.90
CA PHE D 67 -14.34 23.05 -15.88
C PHE D 67 -13.97 21.66 -16.34
N ALA D 68 -13.58 21.59 -17.61
CA ALA D 68 -13.12 20.33 -18.19
C ALA D 68 -11.81 20.60 -18.91
N ASN D 69 -10.74 19.97 -18.43
CA ASN D 69 -9.41 20.15 -19.00
C ASN D 69 -8.90 18.80 -19.46
N LEU D 70 -8.00 18.84 -20.44
CA LEU D 70 -7.27 17.60 -20.68
C LEU D 70 -6.31 17.34 -19.53
N PRO D 71 -6.12 16.08 -19.14
CA PRO D 71 -5.04 15.76 -18.21
C PRO D 71 -3.68 16.08 -18.81
N HIS D 72 -2.74 16.43 -17.95
CA HIS D 72 -1.44 16.94 -18.39
C HIS D 72 -0.45 15.85 -18.82
N ASN D 73 -0.93 14.63 -19.05
CA ASN D 73 -0.17 13.63 -19.76
C ASN D 73 -0.66 13.41 -21.19
N LYS D 74 -1.85 13.90 -21.52
CA LYS D 74 -2.45 13.72 -22.83
C LYS D 74 -2.67 15.07 -23.51
N ASN D 75 -2.57 15.08 -24.83
CA ASN D 75 -2.50 16.33 -25.57
C ASN D 75 -3.43 16.34 -26.78
N THR D 76 -4.46 15.50 -26.78
CA THR D 76 -5.42 15.51 -27.87
C THR D 76 -6.79 15.16 -27.34
N LEU D 77 -7.75 16.04 -27.59
CA LEU D 77 -9.13 15.81 -27.16
C LEU D 77 -9.82 14.93 -28.18
N LEU D 78 -10.39 13.82 -27.70
CA LEU D 78 -11.13 12.90 -28.54
C LEU D 78 -12.62 13.16 -28.34
N VAL D 79 -13.31 13.43 -29.44
CA VAL D 79 -14.75 13.68 -29.43
C VAL D 79 -15.43 12.59 -30.25
N LYS D 80 -16.28 11.81 -29.60
CA LYS D 80 -16.93 10.66 -30.23
C LYS D 80 -18.44 10.83 -30.15
N TYR D 81 -19.09 10.82 -31.31
CA TYR D 81 -20.54 10.80 -31.41
C TYR D 81 -20.93 9.99 -32.64
N ASN D 82 -22.22 9.69 -32.76
CA ASN D 82 -22.75 9.07 -33.96
C ASN D 82 -23.77 10.04 -34.56
N VAL D 83 -23.82 10.07 -35.89
CA VAL D 83 -24.82 10.87 -36.59
C VAL D 83 -25.62 9.94 -37.49
N LYS D 84 -26.92 9.83 -37.21
CA LYS D 84 -27.79 8.91 -37.93
C LYS D 84 -28.68 9.72 -38.87
N PHE D 85 -28.29 9.73 -40.15
CA PHE D 85 -29.13 10.36 -41.16
C PHE D 85 -30.27 9.42 -41.54
N VAL D 86 -31.49 9.75 -41.15
CA VAL D 86 -32.65 8.94 -41.51
C VAL D 86 -33.30 9.64 -42.70
N GLY D 87 -33.85 8.88 -43.65
CA GLY D 87 -34.62 9.55 -44.67
C GLY D 87 -36.07 9.12 -44.75
N ASP D 88 -36.94 9.99 -44.27
CA ASP D 88 -38.39 9.91 -44.50
C ASP D 88 -38.89 11.34 -44.59
N VAL D 89 -38.11 12.19 -45.28
CA VAL D 89 -38.09 13.65 -45.15
C VAL D 89 -39.45 14.29 -45.35
N PHE D 90 -40.18 13.87 -46.37
CA PHE D 90 -41.48 14.45 -46.67
C PHE D 90 -42.63 13.66 -46.06
N LYS D 91 -42.40 12.97 -44.95
CA LYS D 91 -43.46 12.32 -44.20
C LYS D 91 -43.67 13.05 -42.88
N ALA D 92 -44.92 13.37 -42.58
CA ALA D 92 -45.27 14.20 -41.43
C ALA D 92 -45.72 13.34 -40.26
N GLU D 93 -45.40 13.80 -39.05
CA GLU D 93 -45.92 13.19 -37.84
C GLU D 93 -47.32 13.72 -37.60
N LEU D 94 -47.44 15.03 -37.38
CA LEU D 94 -48.75 15.66 -37.38
C LEU D 94 -49.11 16.20 -38.75
N GLY D 95 -50.36 16.01 -39.12
CA GLY D 95 -50.88 16.50 -40.37
C GLY D 95 -50.30 15.75 -41.56
N GLY D 96 -50.46 16.38 -42.72
CA GLY D 96 -49.98 15.85 -43.97
C GLY D 96 -51.09 15.21 -44.76
N GLY D 97 -51.67 16.02 -45.63
CA GLY D 97 -52.54 15.55 -46.69
C GLY D 97 -52.98 16.77 -47.49
N GLU D 98 -52.72 16.71 -48.80
CA GLU D 98 -52.86 17.82 -49.75
C GLU D 98 -52.02 19.05 -49.35
N TYR D 99 -51.10 18.93 -48.39
CA TYR D 99 -50.12 19.96 -48.09
C TYR D 99 -48.71 19.39 -48.05
N SER D 100 -48.55 18.20 -47.49
CA SER D 100 -47.22 17.60 -47.42
C SER D 100 -46.92 16.80 -48.68
N ASN D 101 -47.96 16.21 -49.28
CA ASN D 101 -47.78 15.45 -50.51
C ASN D 101 -47.48 16.38 -51.69
N THR D 102 -48.21 17.49 -51.78
CA THR D 102 -47.93 18.45 -52.85
C THR D 102 -46.66 19.24 -52.59
N LEU D 103 -46.17 19.28 -51.35
CA LEU D 103 -44.84 19.81 -51.10
C LEU D 103 -43.77 18.80 -51.49
N GLN D 104 -44.07 17.50 -51.30
CA GLN D 104 -43.16 16.44 -51.71
C GLN D 104 -42.99 16.42 -53.23
N THR D 105 -44.08 16.63 -53.95
CA THR D 105 -44.02 16.76 -55.41
C THR D 105 -43.81 18.21 -55.84
N ALA D 106 -43.18 19.01 -54.97
CA ALA D 106 -42.66 20.31 -55.34
C ALA D 106 -41.22 20.44 -54.86
N LEU D 107 -40.80 19.48 -54.01
CA LEU D 107 -39.44 19.46 -53.49
C LEU D 107 -38.72 18.18 -53.91
N GLU D 108 -39.17 17.56 -54.99
CA GLU D 108 -38.58 16.30 -55.41
C GLU D 108 -37.31 16.48 -56.22
N ASN D 109 -36.97 17.71 -56.60
CA ASN D 109 -35.83 17.94 -57.47
C ASN D 109 -34.78 18.86 -56.86
N THR D 110 -34.65 18.85 -55.54
CA THR D 110 -33.57 19.55 -54.87
C THR D 110 -32.26 18.79 -55.06
N ASP D 111 -31.15 19.50 -54.94
CA ASP D 111 -29.85 18.85 -54.86
C ASP D 111 -29.68 18.27 -53.46
N PHE D 112 -30.11 17.03 -53.29
CA PHE D 112 -29.87 16.30 -52.05
C PHE D 112 -28.39 15.99 -51.87
N GLY D 113 -27.62 15.92 -52.95
CA GLY D 113 -26.18 15.75 -52.88
C GLY D 113 -25.46 16.94 -52.30
N THR D 114 -25.89 18.16 -52.64
CA THR D 114 -25.31 19.35 -52.04
C THR D 114 -25.71 19.50 -50.58
N LEU D 115 -26.96 19.17 -50.25
CA LEU D 115 -27.41 19.21 -48.87
C LEU D 115 -26.68 18.18 -48.01
N ALA D 116 -26.57 16.94 -48.50
CA ALA D 116 -25.77 15.94 -47.81
C ALA D 116 -24.29 16.30 -47.77
N TYR D 117 -23.80 17.00 -48.79
CA TYR D 117 -22.41 17.45 -48.80
C TYR D 117 -22.13 18.47 -47.71
N ARG D 118 -22.97 19.51 -47.59
CA ARG D 118 -22.80 20.49 -46.54
C ARG D 118 -23.18 19.95 -45.16
N TYR D 119 -24.01 18.93 -45.10
CA TYR D 119 -24.30 18.18 -43.88
C TYR D 119 -23.09 17.41 -43.39
N VAL D 120 -22.47 16.61 -44.25
CA VAL D 120 -21.30 15.82 -43.90
C VAL D 120 -20.07 16.68 -43.70
N TYR D 121 -19.96 17.80 -44.41
CA TYR D 121 -18.79 18.68 -44.32
C TYR D 121 -18.68 19.31 -42.93
N ASN D 122 -19.81 19.69 -42.33
CA ASN D 122 -19.79 20.22 -40.97
C ASN D 122 -19.38 19.17 -39.96
N ILE D 123 -19.65 17.90 -40.22
CA ILE D 123 -19.12 16.83 -39.40
C ILE D 123 -17.65 16.55 -39.74
N ALA D 124 -17.21 16.93 -40.94
CA ALA D 124 -15.87 16.59 -41.39
C ALA D 124 -14.89 17.75 -41.20
N ALA D 125 -15.35 18.99 -41.41
CA ALA D 125 -14.50 20.13 -41.08
C ALA D 125 -14.39 20.34 -39.58
N GLY D 126 -15.30 19.79 -38.80
CA GLY D 126 -15.23 19.91 -37.36
C GLY D 126 -15.98 21.07 -36.77
N ARG D 127 -17.18 21.40 -37.31
CA ARG D 127 -17.96 22.46 -36.70
C ARG D 127 -18.72 21.96 -35.47
N THR D 128 -18.72 20.64 -35.25
CA THR D 128 -19.32 20.04 -34.07
C THR D 128 -18.51 20.25 -32.81
N LEU D 129 -17.32 20.81 -32.94
CA LEU D 129 -16.43 21.06 -31.80
C LEU D 129 -16.54 22.47 -31.28
N TRP D 130 -16.89 23.43 -32.16
CA TRP D 130 -17.00 24.85 -31.88
C TRP D 130 -15.72 25.44 -31.28
N ARG D 131 -15.72 25.66 -29.96
CA ARG D 131 -14.59 26.28 -29.29
C ARG D 131 -13.52 25.25 -28.91
N ASN D 132 -13.80 23.97 -29.11
CA ASN D 132 -12.75 22.95 -29.12
C ASN D 132 -11.92 23.01 -30.38
N ARG D 133 -12.45 23.60 -31.45
CA ARG D 133 -11.76 23.70 -32.73
C ARG D 133 -10.81 24.88 -32.81
N VAL D 134 -10.97 25.90 -31.97
CA VAL D 134 -10.07 27.05 -32.00
C VAL D 134 -8.87 26.76 -31.11
N GLY D 135 -7.70 27.18 -31.56
CA GLY D 135 -6.45 26.93 -30.84
C GLY D 135 -5.85 25.56 -31.06
N ALA D 136 -6.53 24.69 -31.80
CA ALA D 136 -6.00 23.36 -32.07
C ALA D 136 -4.93 23.42 -33.16
N GLU D 137 -3.81 22.74 -32.91
CA GLU D 137 -2.74 22.67 -33.91
C GLU D 137 -3.18 21.89 -35.15
N SER D 138 -3.92 20.80 -34.96
CA SER D 138 -4.37 19.97 -36.06
C SER D 138 -5.66 19.27 -35.66
N ILE D 139 -6.66 19.37 -36.52
CA ILE D 139 -7.99 18.82 -36.28
C ILE D 139 -8.19 17.69 -37.28
N GLU D 140 -7.85 16.46 -36.87
CA GLU D 140 -8.01 15.30 -37.73
C GLU D 140 -9.29 14.57 -37.30
N THR D 141 -10.20 14.40 -38.26
CA THR D 141 -11.51 13.80 -38.01
C THR D 141 -11.61 12.47 -38.73
N VAL D 142 -12.13 11.46 -38.04
CA VAL D 142 -12.29 10.13 -38.62
C VAL D 142 -13.76 9.80 -38.67
N ILE D 143 -14.33 9.71 -39.88
CA ILE D 143 -15.73 9.33 -40.03
C ILE D 143 -15.81 7.89 -40.49
N THR D 144 -16.50 7.07 -39.72
CA THR D 144 -16.62 5.64 -40.02
C THR D 144 -18.06 5.39 -40.45
N VAL D 145 -18.31 5.56 -41.75
CA VAL D 145 -19.52 5.03 -42.36
C VAL D 145 -19.35 3.52 -42.52
N ASN D 146 -20.47 2.81 -42.74
CA ASN D 146 -20.55 1.35 -42.68
C ASN D 146 -19.54 0.62 -43.54
N ASP D 147 -18.58 -0.05 -42.86
CA ASP D 147 -17.43 -0.73 -43.43
C ASP D 147 -16.61 0.14 -44.37
N GLN D 148 -16.52 1.44 -44.08
CA GLN D 148 -15.78 2.38 -44.92
C GLN D 148 -15.21 3.52 -44.07
N THR D 149 -13.95 3.40 -43.65
CA THR D 149 -13.36 4.42 -42.79
C THR D 149 -12.85 5.59 -43.62
N PHE D 150 -13.32 6.79 -43.28
CA PHE D 150 -12.91 8.02 -43.93
C PHE D 150 -12.20 8.91 -42.92
N THR D 151 -11.13 9.57 -43.38
CA THR D 151 -10.38 10.49 -42.52
C THR D 151 -10.23 11.83 -43.22
N PHE D 152 -10.29 12.90 -42.43
CA PHE D 152 -10.07 14.27 -42.89
C PHE D 152 -9.23 14.99 -41.84
N SER D 153 -8.28 15.81 -42.32
CA SER D 153 -7.35 16.43 -41.39
C SER D 153 -7.27 17.95 -41.51
N ASP D 154 -7.65 18.53 -42.65
CA ASP D 154 -7.57 19.98 -42.79
C ASP D 154 -8.65 20.50 -43.73
N LEU D 155 -9.76 20.98 -43.17
CA LEU D 155 -10.85 21.56 -43.94
C LEU D 155 -11.21 22.92 -43.37
N LEU D 156 -11.36 23.90 -44.25
CA LEU D 156 -11.83 25.22 -43.84
C LEU D 156 -13.29 25.13 -43.44
N VAL D 157 -13.61 25.55 -42.21
CA VAL D 157 -14.93 25.28 -41.66
C VAL D 157 -15.95 26.27 -42.20
N ASN D 158 -15.49 27.39 -42.74
CA ASN D 158 -16.42 28.41 -43.22
C ASN D 158 -16.81 28.16 -44.67
N GLU D 159 -15.82 28.00 -45.54
CA GLU D 159 -16.06 27.75 -46.95
C GLU D 159 -16.12 26.26 -47.22
N PHE D 160 -17.17 25.84 -47.92
CA PHE D 160 -17.36 24.43 -48.28
C PHE D 160 -16.53 24.11 -49.54
N ASP D 161 -15.23 24.00 -49.33
CA ASP D 161 -14.32 23.68 -50.43
C ASP D 161 -14.50 22.22 -50.84
N GLU D 162 -14.32 21.93 -52.13
CA GLU D 162 -14.68 20.64 -52.67
C GLU D 162 -13.59 19.62 -52.35
N ASP D 163 -13.95 18.58 -51.59
CA ASP D 163 -13.11 17.46 -51.26
C ASP D 163 -13.62 16.22 -52.00
N VAL D 164 -12.81 15.18 -52.10
CA VAL D 164 -13.16 14.00 -52.88
C VAL D 164 -13.64 12.88 -51.97
N ASP D 165 -13.48 13.07 -50.66
CA ASP D 165 -13.93 12.08 -49.69
C ASP D 165 -15.14 12.54 -48.87
N VAL D 166 -15.36 13.85 -48.75
CA VAL D 166 -16.64 14.34 -48.22
C VAL D 166 -17.75 14.03 -49.20
N ALA D 167 -17.49 14.18 -50.50
CA ALA D 167 -18.48 13.91 -51.53
C ALA D 167 -18.83 12.43 -51.65
N GLU D 168 -17.91 11.53 -51.29
CA GLU D 168 -18.23 10.11 -51.31
C GLU D 168 -19.18 9.71 -50.19
N ILE D 169 -19.03 10.29 -49.01
CA ILE D 169 -20.03 10.11 -47.96
C ILE D 169 -21.33 10.80 -48.36
N ALA D 170 -21.21 11.94 -49.05
CA ALA D 170 -22.36 12.74 -49.43
C ALA D 170 -23.30 12.01 -50.38
N ASP D 171 -22.75 11.16 -51.27
CA ASP D 171 -23.58 10.37 -52.17
C ASP D 171 -24.49 9.39 -51.45
N MET D 172 -23.97 8.63 -50.48
CA MET D 172 -24.81 7.68 -49.76
C MET D 172 -25.73 8.38 -48.76
N VAL D 173 -25.28 9.49 -48.14
CA VAL D 173 -26.16 10.25 -47.27
C VAL D 173 -27.31 10.88 -48.07
N ALA D 174 -27.02 11.38 -49.28
CA ALA D 174 -28.06 11.88 -50.18
C ALA D 174 -28.98 10.79 -50.68
N GLY D 175 -28.47 9.59 -50.94
CA GLY D 175 -29.32 8.49 -51.36
C GLY D 175 -30.24 8.01 -50.26
N VAL D 176 -29.80 8.14 -49.02
CA VAL D 176 -30.67 7.83 -47.88
C VAL D 176 -31.68 8.95 -47.62
N LEU D 177 -31.25 10.20 -47.71
CA LEU D 177 -32.14 11.35 -47.48
C LEU D 177 -33.23 11.43 -48.54
N SER D 178 -32.88 11.20 -49.81
CA SER D 178 -33.88 11.17 -50.86
C SER D 178 -34.73 9.92 -50.76
N GLY D 179 -34.13 8.80 -50.41
CA GLY D 179 -34.85 7.55 -50.27
C GLY D 179 -35.21 7.23 -48.83
N GLU D 180 -35.01 5.98 -48.43
CA GLU D 180 -35.28 5.52 -47.08
C GLU D 180 -34.04 4.82 -46.52
N GLY D 181 -33.98 4.73 -45.18
CA GLY D 181 -32.97 3.97 -44.49
C GLY D 181 -32.18 4.83 -43.53
N PHE D 182 -31.03 4.32 -43.12
CA PHE D 182 -30.13 4.99 -42.19
C PHE D 182 -28.70 4.71 -42.63
N VAL D 183 -27.86 5.73 -42.54
CA VAL D 183 -26.50 5.63 -43.07
C VAL D 183 -25.58 6.08 -41.94
N THR D 184 -25.95 5.74 -40.70
CA THR D 184 -25.39 6.25 -39.44
C THR D 184 -23.87 6.40 -39.37
N LEU D 185 -23.43 7.62 -39.09
CA LEU D 185 -22.02 8.03 -39.17
C LEU D 185 -21.32 7.93 -37.83
N LYS D 186 -20.58 6.85 -37.60
CA LYS D 186 -19.75 6.79 -36.40
C LYS D 186 -18.56 7.72 -36.57
N VAL D 187 -18.55 8.84 -35.87
CA VAL D 187 -17.64 9.93 -36.19
C VAL D 187 -16.65 10.14 -35.04
N GLU D 188 -15.37 10.21 -35.38
CA GLU D 188 -14.30 10.30 -34.39
C GLU D 188 -13.46 11.54 -34.64
N HIS D 189 -13.41 12.45 -33.66
CA HIS D 189 -12.70 13.72 -33.81
C HIS D 189 -11.45 13.72 -32.96
N TYR D 190 -10.34 14.19 -33.52
CA TYR D 190 -9.10 14.38 -32.79
C TYR D 190 -8.61 15.80 -33.01
N MET D 191 -8.34 16.50 -31.92
CA MET D 191 -7.84 17.87 -31.96
C MET D 191 -6.54 17.96 -31.18
N LEU D 192 -5.46 18.30 -31.88
CA LEU D 192 -4.17 18.55 -31.23
C LEU D 192 -4.27 19.90 -30.53
N LEU D 193 -4.78 19.86 -29.30
CA LEU D 193 -4.99 21.09 -28.54
C LEU D 193 -3.72 21.50 -27.78
N GLY D 194 -3.06 20.54 -27.18
CA GLY D 194 -1.90 20.79 -26.33
C GLY D 194 -2.04 20.05 -25.02
N GLU D 195 -0.93 20.00 -24.29
CA GLU D 195 -0.88 19.25 -23.04
C GLU D 195 -1.61 20.03 -21.96
N GLY D 196 -2.72 19.49 -21.46
CA GLY D 196 -3.47 20.14 -20.41
C GLY D 196 -4.29 21.32 -20.83
N SER D 197 -4.63 21.43 -22.11
CA SER D 197 -5.45 22.53 -22.62
C SER D 197 -6.90 22.36 -22.17
N GLU D 198 -7.60 23.49 -22.10
CA GLU D 198 -9.01 23.47 -21.74
C GLU D 198 -9.86 23.02 -22.90
N VAL D 199 -10.78 22.10 -22.63
CA VAL D 199 -11.78 21.69 -23.60
C VAL D 199 -13.10 22.31 -23.18
N PHE D 200 -14.01 22.46 -24.14
CA PHE D 200 -15.24 23.23 -23.94
C PHE D 200 -16.44 22.34 -24.24
N PRO D 201 -16.98 21.66 -23.23
CA PRO D 201 -18.23 20.93 -23.42
C PRO D 201 -19.40 21.89 -23.53
N SER D 202 -20.57 21.33 -23.86
CA SER D 202 -21.79 22.10 -23.83
C SER D 202 -22.14 22.44 -22.38
N GLN D 203 -22.57 23.68 -22.17
CA GLN D 203 -22.97 24.10 -20.84
C GLN D 203 -24.47 23.90 -20.73
N GLU D 204 -24.93 23.43 -19.58
CA GLU D 204 -26.35 23.26 -19.38
C GLU D 204 -27.01 24.57 -19.02
N PHE D 205 -28.14 24.87 -19.65
CA PHE D 205 -28.90 26.06 -19.28
C PHE D 205 -29.66 25.54 -18.08
N VAL D 206 -29.15 25.78 -16.87
CA VAL D 206 -29.82 25.29 -15.67
C VAL D 206 -30.05 26.45 -14.75
N GLU D 207 -30.48 26.15 -13.52
CA GLU D 207 -30.62 27.22 -12.55
C GLU D 207 -29.98 26.69 -11.35
N ASN D 208 -28.71 26.42 -11.40
CA ASN D 208 -27.92 25.78 -10.37
C ASN D 208 -27.50 26.78 -9.30
N SER D 209 -27.74 26.42 -8.04
CA SER D 209 -27.36 27.27 -6.92
C SER D 209 -25.89 27.15 -6.56
N LYS D 210 -25.34 25.93 -6.63
CA LYS D 210 -23.91 25.76 -6.33
C LYS D 210 -23.05 26.31 -7.45
N LEU D 211 -23.38 26.01 -8.70
CA LEU D 211 -22.53 26.32 -9.84
C LEU D 211 -23.13 27.47 -10.64
N SER D 212 -22.25 28.34 -11.12
CA SER D 212 -22.63 29.40 -12.04
C SER D 212 -22.47 28.98 -13.50
N LYS D 213 -21.55 28.08 -13.78
CA LYS D 213 -21.44 27.43 -15.09
C LYS D 213 -21.45 25.94 -14.87
N GLN D 214 -22.51 25.27 -15.32
CA GLN D 214 -22.60 23.83 -15.23
C GLN D 214 -22.36 23.24 -16.61
N LEU D 215 -21.33 22.40 -16.72
CA LEU D 215 -21.01 21.74 -17.97
C LEU D 215 -21.73 20.41 -18.04
N PHE D 216 -22.03 19.99 -19.26
CA PHE D 216 -22.74 18.74 -19.47
C PHE D 216 -21.81 17.56 -19.18
N ASP D 217 -22.25 16.69 -18.28
CA ASP D 217 -21.48 15.52 -17.89
C ASP D 217 -22.35 14.27 -18.03
N LEU D 218 -21.78 13.21 -18.58
CA LEU D 218 -22.43 11.91 -18.67
C LEU D 218 -21.58 10.94 -17.87
N ASN D 219 -22.11 10.52 -16.71
CA ASN D 219 -21.55 9.67 -15.65
C ASN D 219 -20.51 10.48 -14.83
N GLY D 220 -20.14 11.66 -15.30
CA GLY D 220 -19.00 12.42 -14.80
C GLY D 220 -18.04 12.80 -15.90
N GLN D 221 -17.97 12.03 -16.98
CA GLN D 221 -17.19 12.36 -18.15
C GLN D 221 -17.85 13.51 -18.89
N ALA D 222 -17.04 14.46 -19.37
CA ALA D 222 -17.54 15.59 -20.13
C ALA D 222 -18.22 15.13 -21.42
N ALA D 223 -19.21 15.91 -21.85
CA ALA D 223 -19.99 15.58 -23.04
C ALA D 223 -20.57 16.86 -23.62
N MET D 224 -20.94 16.81 -24.90
CA MET D 224 -21.61 17.91 -25.57
C MET D 224 -23.02 17.46 -25.91
N HIS D 225 -23.95 18.42 -25.96
CA HIS D 225 -25.35 18.13 -26.21
C HIS D 225 -25.57 17.65 -27.63
N ASP D 226 -26.53 16.73 -27.79
CA ASP D 226 -26.86 16.22 -29.11
C ASP D 226 -27.55 17.26 -29.98
N GLN D 227 -28.36 18.15 -29.41
CA GLN D 227 -28.92 19.23 -30.21
C GLN D 227 -27.89 20.28 -30.58
N LYS D 228 -26.82 20.43 -29.78
CA LYS D 228 -25.68 21.27 -30.15
C LYS D 228 -24.94 20.71 -31.36
N ILE D 229 -24.71 19.39 -31.36
CA ILE D 229 -24.11 18.71 -32.50
C ILE D 229 -24.99 18.85 -33.73
N GLY D 230 -26.31 18.68 -33.54
CA GLY D 230 -27.24 18.85 -34.64
C GLY D 230 -27.29 20.27 -35.16
N ASN D 231 -27.17 21.25 -34.27
CA ASN D 231 -27.08 22.65 -34.69
C ASN D 231 -25.81 22.91 -35.48
N ALA D 232 -24.74 22.19 -35.15
CA ALA D 232 -23.51 22.32 -35.93
C ALA D 232 -23.65 21.71 -37.32
N ILE D 233 -24.31 20.56 -37.42
CA ILE D 233 -24.44 19.84 -38.69
C ILE D 233 -25.30 20.63 -39.67
N ARG D 234 -26.42 21.20 -39.19
CA ARG D 234 -27.30 21.97 -40.06
C ARG D 234 -26.85 23.41 -40.26
N THR D 235 -25.59 23.74 -39.93
CA THR D 235 -25.05 25.08 -40.17
C THR D 235 -24.57 25.17 -41.61
N ILE D 236 -25.54 25.16 -42.52
CA ILE D 236 -25.28 25.09 -43.95
C ILE D 236 -25.77 26.34 -44.69
N ASP D 237 -26.56 27.20 -44.05
CA ASP D 237 -27.32 28.21 -44.76
C ASP D 237 -26.46 29.39 -45.19
N THR D 238 -26.07 29.41 -46.46
CA THR D 238 -25.42 30.57 -47.07
C THR D 238 -26.29 31.17 -48.15
N TRP D 239 -27.60 30.98 -48.05
CA TRP D 239 -28.55 31.39 -49.08
C TRP D 239 -29.46 32.51 -48.61
N TYR D 240 -29.09 33.20 -47.53
CA TYR D 240 -29.88 34.32 -47.06
C TYR D 240 -29.34 35.62 -47.64
N GLU D 241 -30.05 36.71 -47.35
CA GLU D 241 -29.69 38.01 -47.89
C GLU D 241 -28.40 38.52 -47.26
N ASP D 242 -27.45 38.91 -48.11
CA ASP D 242 -26.09 39.35 -47.75
C ASP D 242 -25.39 38.29 -46.91
N ALA D 243 -25.25 37.10 -47.52
CA ALA D 243 -24.67 35.96 -46.83
C ALA D 243 -23.16 36.13 -46.67
N THR D 244 -22.70 35.96 -45.43
CA THR D 244 -21.27 36.03 -45.13
C THR D 244 -20.78 34.69 -44.60
N THR D 245 -21.45 34.18 -43.58
CA THR D 245 -21.13 32.93 -42.92
C THR D 245 -22.33 32.01 -42.94
N PRO D 246 -22.12 30.69 -42.94
CA PRO D 246 -23.25 29.76 -42.80
C PRO D 246 -23.88 29.83 -41.42
N ILE D 247 -25.20 29.81 -41.39
CA ILE D 247 -25.94 29.75 -40.14
C ILE D 247 -26.74 28.45 -40.14
N ALA D 248 -27.29 28.09 -38.98
CA ALA D 248 -28.15 26.93 -38.89
C ALA D 248 -29.46 27.20 -39.62
N VAL D 249 -29.94 26.20 -40.36
CA VAL D 249 -31.23 26.35 -41.03
C VAL D 249 -32.33 26.31 -39.97
N GLU D 250 -33.08 27.39 -39.88
CA GLU D 250 -34.18 27.57 -38.96
C GLU D 250 -35.38 28.04 -39.75
N PRO D 251 -36.61 27.91 -39.20
CA PRO D 251 -37.80 28.43 -39.88
C PRO D 251 -37.77 29.92 -40.24
N TYR D 252 -37.06 30.73 -39.45
CA TYR D 252 -36.89 32.13 -39.78
C TYR D 252 -35.43 32.51 -40.04
N GLY D 253 -34.53 31.52 -40.16
CA GLY D 253 -33.14 31.76 -40.41
C GLY D 253 -32.49 32.56 -39.29
N SER D 254 -32.85 32.24 -38.05
CA SER D 254 -32.53 33.06 -36.90
C SER D 254 -31.48 32.38 -36.05
N VAL D 255 -30.54 33.19 -35.55
CA VAL D 255 -29.72 32.77 -34.43
C VAL D 255 -30.02 33.69 -33.25
N VAL D 256 -30.53 33.11 -32.16
CA VAL D 256 -30.84 33.90 -30.97
C VAL D 256 -29.59 34.31 -30.21
N ARG D 257 -28.46 33.67 -30.50
CA ARG D 257 -27.20 34.02 -29.85
C ARG D 257 -26.68 35.36 -30.35
N ASN D 258 -26.73 35.59 -31.66
CA ASN D 258 -26.29 36.86 -32.23
C ASN D 258 -27.37 37.93 -32.17
N GLY D 259 -28.59 37.56 -31.83
CA GLY D 259 -29.65 38.55 -31.70
C GLY D 259 -30.18 39.10 -33.01
N VAL D 260 -29.96 38.41 -34.12
CA VAL D 260 -30.44 38.83 -35.42
C VAL D 260 -31.02 37.64 -36.17
N ALA D 261 -32.12 37.87 -36.87
CA ALA D 261 -32.71 36.88 -37.76
C ALA D 261 -32.45 37.31 -39.20
N TYR D 262 -31.72 36.48 -39.94
CA TYR D 262 -31.28 36.81 -41.28
C TYR D 262 -32.29 36.47 -42.36
N ARG D 263 -33.39 35.78 -42.02
CA ARG D 263 -34.36 35.35 -43.02
C ARG D 263 -35.78 35.67 -42.52
N ALA D 264 -35.93 36.84 -41.91
CA ALA D 264 -37.22 37.27 -41.39
C ALA D 264 -37.46 38.72 -41.80
N GLY D 265 -38.70 39.02 -42.16
CA GLY D 265 -39.05 40.36 -42.59
C GLY D 265 -38.64 40.67 -44.03
N ASN D 266 -38.28 39.64 -44.80
CA ASN D 266 -37.92 39.87 -46.20
C ASN D 266 -38.51 38.81 -47.13
N LYS D 267 -39.59 38.13 -46.74
CA LYS D 267 -40.30 37.11 -47.52
C LYS D 267 -39.41 35.95 -47.94
N THR D 268 -38.40 35.61 -47.13
CA THR D 268 -37.49 34.52 -47.43
C THR D 268 -37.52 33.46 -46.34
N ASP D 269 -38.49 33.54 -45.43
CA ASP D 269 -38.61 32.58 -44.35
C ASP D 269 -39.13 31.24 -44.89
N LEU D 270 -39.08 30.22 -44.01
CA LEU D 270 -39.47 28.87 -44.41
C LEU D 270 -40.95 28.77 -44.76
N PHE D 271 -41.80 29.47 -44.00
CA PHE D 271 -43.23 29.34 -44.21
C PHE D 271 -43.70 30.05 -45.47
N THR D 272 -43.09 31.20 -45.79
CA THR D 272 -43.45 31.92 -47.01
C THR D 272 -43.04 31.13 -48.26
N LEU D 273 -41.81 30.58 -48.24
CA LEU D 273 -41.34 29.77 -49.36
C LEU D 273 -42.12 28.47 -49.47
N MET D 274 -42.49 27.88 -48.33
CA MET D 274 -43.30 26.66 -48.33
C MET D 274 -44.69 26.92 -48.89
N ASP D 275 -45.29 28.06 -48.52
CA ASP D 275 -46.59 28.43 -49.04
C ASP D 275 -46.55 28.70 -50.54
N GLY D 276 -45.49 29.36 -51.01
CA GLY D 276 -45.32 29.53 -52.45
C GLY D 276 -45.12 28.22 -53.17
N ALA D 277 -44.41 27.29 -52.53
CA ALA D 277 -44.18 25.97 -53.12
C ALA D 277 -45.47 25.16 -53.23
N VAL D 278 -46.37 25.30 -52.25
CA VAL D 278 -47.58 24.47 -52.35
C VAL D 278 -48.61 25.13 -53.27
N ASN D 279 -48.75 26.47 -53.25
CA ASN D 279 -49.72 27.04 -54.17
C ASN D 279 -49.20 27.14 -55.60
N GLY D 280 -47.90 26.93 -55.81
CA GLY D 280 -47.36 26.89 -57.15
C GLY D 280 -46.55 28.11 -57.47
N LYS D 281 -45.24 28.00 -57.35
CA LYS D 281 -44.31 29.06 -57.70
C LYS D 281 -43.11 28.43 -58.37
N SER D 282 -42.12 29.24 -58.72
CA SER D 282 -40.87 28.76 -59.27
C SER D 282 -39.76 29.15 -58.29
N LEU D 283 -39.56 28.33 -57.27
CA LEU D 283 -38.50 28.52 -56.30
C LEU D 283 -37.16 28.29 -56.99
N THR D 284 -36.18 29.13 -56.66
CA THR D 284 -34.84 28.87 -57.16
C THR D 284 -34.22 27.72 -56.38
N GLU D 285 -33.00 27.35 -56.77
CA GLU D 285 -32.39 26.14 -56.21
C GLU D 285 -32.00 26.34 -54.74
N GLU D 286 -31.57 27.54 -54.37
CA GLU D 286 -31.10 27.80 -53.02
C GLU D 286 -32.25 27.80 -52.01
N ASP D 287 -33.34 28.49 -52.30
CA ASP D 287 -34.42 28.56 -51.33
C ASP D 287 -35.34 27.34 -51.37
N GLN D 288 -35.15 26.45 -52.33
CA GLN D 288 -35.72 25.11 -52.29
C GLN D 288 -34.88 24.15 -51.46
N MET D 289 -33.56 24.25 -51.59
CA MET D 289 -32.62 23.55 -50.73
C MET D 289 -32.81 23.94 -49.26
N PHE D 290 -33.12 25.21 -49.00
CA PHE D 290 -33.37 25.68 -47.64
C PHE D 290 -34.61 25.04 -47.04
N VAL D 291 -35.70 24.97 -47.81
CA VAL D 291 -36.95 24.39 -47.31
C VAL D 291 -36.80 22.90 -47.06
N THR D 292 -36.14 22.18 -47.98
CA THR D 292 -35.94 20.75 -47.69
C THR D 292 -34.91 20.52 -46.59
N ALA D 293 -33.97 21.45 -46.37
CA ALA D 293 -33.08 21.37 -45.22
C ALA D 293 -33.82 21.57 -43.90
N ASN D 294 -34.81 22.47 -43.86
CA ASN D 294 -35.66 22.56 -42.68
C ASN D 294 -36.54 21.33 -42.51
N LEU D 295 -36.94 20.69 -43.62
CA LEU D 295 -37.74 19.47 -43.51
C LEU D 295 -36.91 18.33 -42.91
N ILE D 296 -35.64 18.23 -43.29
CA ILE D 296 -34.73 17.33 -42.57
C ILE D 296 -34.54 17.77 -41.12
N ARG D 297 -34.44 19.08 -40.87
CA ARG D 297 -34.40 19.57 -39.50
C ARG D 297 -35.70 19.28 -38.74
N GLY D 298 -36.84 19.47 -39.38
CA GLY D 298 -38.11 19.18 -38.74
C GLY D 298 -38.65 20.38 -37.97
N GLY D 299 -39.53 20.06 -37.01
CA GLY D 299 -40.12 21.09 -36.18
C GLY D 299 -41.60 21.30 -36.42
N VAL D 300 -42.32 21.68 -35.38
CA VAL D 300 -43.74 21.98 -35.50
C VAL D 300 -43.89 23.32 -36.19
N PHE D 301 -44.88 23.41 -37.08
CA PHE D 301 -45.01 24.57 -37.94
C PHE D 301 -46.32 25.27 -37.63
N GLY D 302 -46.54 25.55 -36.34
CA GLY D 302 -47.83 26.04 -35.89
C GLY D 302 -48.15 27.42 -36.43
N GLY D 303 -49.44 27.66 -36.68
CA GLY D 303 -49.91 28.92 -37.22
C GLY D 303 -50.98 28.74 -38.28
N THR E 2 -30.76 57.68 -31.52
CA THR E 2 -29.75 58.61 -31.02
C THR E 2 -28.43 57.90 -30.78
N LYS E 3 -28.40 57.05 -29.77
CA LYS E 3 -27.20 56.29 -29.42
C LYS E 3 -27.43 54.81 -29.71
N LEU E 4 -26.35 54.15 -30.13
CA LEU E 4 -26.37 52.73 -30.41
C LEU E 4 -25.94 51.98 -29.14
N LYS E 5 -26.86 51.22 -28.57
CA LYS E 5 -26.70 50.63 -27.26
C LYS E 5 -26.11 49.22 -27.38
N ALA E 6 -25.53 48.77 -26.27
CA ALA E 6 -25.03 47.40 -26.20
C ALA E 6 -26.19 46.42 -26.20
N PRO E 7 -26.06 45.26 -26.84
CA PRO E 7 -27.11 44.25 -26.75
C PRO E 7 -27.21 43.71 -25.33
N ALA E 8 -28.44 43.35 -24.93
CA ALA E 8 -28.66 42.85 -23.58
C ALA E 8 -28.01 41.50 -23.37
N VAL E 9 -27.86 40.70 -24.42
CA VAL E 9 -27.02 39.50 -24.41
C VAL E 9 -25.79 39.82 -25.27
N LEU E 10 -24.62 39.79 -24.63
CA LEU E 10 -23.35 40.14 -25.25
C LEU E 10 -22.21 39.60 -24.41
N ALA E 11 -21.30 38.87 -25.05
CA ALA E 11 -20.17 38.32 -24.33
C ALA E 11 -19.02 38.09 -25.30
N TYR E 12 -17.80 38.13 -24.78
CA TYR E 12 -16.61 37.86 -25.56
C TYR E 12 -15.88 36.66 -24.94
N SER E 13 -15.27 35.86 -25.80
CA SER E 13 -14.57 34.67 -25.35
C SER E 13 -13.14 35.02 -24.98
N ARG E 14 -12.51 34.13 -24.21
CA ARG E 14 -11.16 34.34 -23.72
C ARG E 14 -10.16 34.13 -24.84
N LYS E 15 -9.21 35.07 -24.98
CA LYS E 15 -8.22 35.01 -26.06
C LYS E 15 -6.81 34.79 -25.54
N ILE E 16 -6.61 34.75 -24.23
CA ILE E 16 -5.35 34.29 -23.63
C ILE E 16 -5.71 33.11 -22.75
N ASN E 17 -5.34 31.91 -23.18
CA ASN E 17 -5.75 30.68 -22.49
C ASN E 17 -4.54 29.96 -21.93
N PRO E 18 -4.14 30.25 -20.69
CA PRO E 18 -3.11 29.43 -20.05
C PRO E 18 -3.67 28.08 -19.63
N THR E 19 -2.78 27.10 -19.56
CA THR E 19 -3.06 25.84 -18.90
C THR E 19 -2.81 26.03 -17.41
N ASN E 20 -3.35 25.11 -16.60
CA ASN E 20 -2.98 25.08 -15.20
C ASN E 20 -1.51 24.71 -15.08
N ALA E 21 -0.74 25.59 -14.45
CA ALA E 21 0.69 25.38 -14.33
C ALA E 21 0.99 24.22 -13.40
N LEU E 22 1.93 23.38 -13.82
CA LEU E 22 2.43 22.32 -12.97
C LEU E 22 3.81 22.72 -12.49
N MET E 23 4.03 22.56 -11.19
CA MET E 23 5.18 23.11 -10.52
C MET E 23 6.12 21.98 -10.11
N PHE E 24 7.28 21.93 -10.76
CA PHE E 24 8.22 20.83 -10.62
C PHE E 24 9.45 21.28 -9.83
N ALA E 25 10.22 20.30 -9.38
CA ALA E 25 11.46 20.55 -8.66
C ALA E 25 12.62 20.10 -9.52
N VAL E 26 13.54 21.01 -9.81
CA VAL E 26 14.77 20.69 -10.53
C VAL E 26 15.94 21.34 -9.83
N ASN E 27 17.14 21.12 -10.34
CA ASN E 27 18.32 21.87 -9.94
C ASN E 27 18.53 22.99 -10.95
N TRP E 28 19.38 23.94 -10.60
CA TRP E 28 19.65 25.03 -11.53
C TRP E 28 20.46 24.59 -12.74
N SER E 29 21.41 23.68 -12.55
CA SER E 29 22.22 23.16 -13.64
C SER E 29 21.61 21.95 -14.34
N ASP E 30 20.92 21.09 -13.58
CA ASP E 30 20.23 19.93 -14.13
C ASP E 30 18.73 20.26 -14.14
N ARG E 31 18.26 20.75 -15.28
CA ARG E 31 16.86 21.14 -15.42
C ARG E 31 15.99 20.04 -16.01
N ASP E 32 16.54 18.85 -16.28
CA ASP E 32 15.79 17.78 -16.93
C ASP E 32 15.67 16.56 -16.03
N ASN E 33 15.71 16.75 -14.71
CA ASN E 33 15.42 15.69 -13.74
C ASN E 33 14.15 16.02 -12.95
N THR E 34 13.09 16.40 -13.65
CA THR E 34 11.89 16.98 -13.08
C THR E 34 11.16 16.00 -12.17
N THR E 35 11.20 16.28 -10.87
CA THR E 35 10.36 15.59 -9.91
C THR E 35 9.15 16.48 -9.59
N ALA E 36 8.11 15.85 -9.07
CA ALA E 36 6.85 16.53 -8.83
C ALA E 36 6.81 17.07 -7.40
N VAL E 37 6.60 18.37 -7.29
CA VAL E 37 6.41 19.02 -6.01
C VAL E 37 5.02 18.63 -5.54
N MET E 38 4.95 17.70 -4.60
CA MET E 38 3.68 17.21 -4.12
C MET E 38 3.17 18.08 -2.98
N VAL E 39 1.89 18.41 -3.03
CA VAL E 39 1.23 19.14 -1.96
C VAL E 39 0.97 18.17 -0.82
N GLY E 40 1.50 18.50 0.35
CA GLY E 40 1.26 17.72 1.54
C GLY E 40 0.44 18.53 2.53
N THR E 41 0.08 17.89 3.64
CA THR E 41 -0.75 18.52 4.65
C THR E 41 0.06 18.74 5.92
N LYS E 42 0.08 19.98 6.38
CA LYS E 42 0.80 20.37 7.58
C LYS E 42 -0.18 20.93 8.60
N THR E 43 -0.16 20.38 9.80
CA THR E 43 -0.99 20.86 10.89
C THR E 43 -0.13 21.71 11.82
N VAL E 44 -0.45 23.01 11.87
CA VAL E 44 0.39 24.01 12.51
C VAL E 44 -0.24 24.45 13.82
N ALA E 45 0.59 24.63 14.84
CA ALA E 45 0.16 25.17 16.13
C ALA E 45 0.45 26.66 16.10
N GLY E 46 -0.59 27.48 16.20
CA GLY E 46 -0.42 28.91 16.08
C GLY E 46 -0.74 29.67 17.35
N THR E 47 -1.02 30.96 17.19
CA THR E 47 -1.45 31.82 18.27
C THR E 47 -2.68 32.60 17.82
N GLN E 48 -3.69 32.65 18.68
CA GLN E 48 -4.93 33.35 18.35
C GLN E 48 -4.69 34.85 18.47
N SER E 49 -4.68 35.53 17.33
CA SER E 49 -4.46 36.96 17.29
C SER E 49 -5.48 37.61 16.36
N VAL E 50 -6.60 38.02 16.91
CA VAL E 50 -7.72 38.54 16.13
C VAL E 50 -8.05 39.94 16.63
N ARG E 51 -8.37 40.82 15.68
CA ARG E 51 -8.49 42.25 15.99
C ARG E 51 -9.61 42.57 16.96
N GLY E 52 -10.67 41.76 16.98
CA GLY E 52 -11.77 41.99 17.89
C GLY E 52 -11.50 41.37 19.26
N ASN E 53 -11.30 40.04 19.29
CA ASN E 53 -11.16 39.34 20.55
C ASN E 53 -9.74 39.45 21.10
N PRO E 54 -9.58 40.16 22.21
CA PRO E 54 -8.32 40.22 22.94
C PRO E 54 -8.32 39.32 24.17
N ASN E 55 -9.45 38.69 24.48
CA ASN E 55 -9.56 37.81 25.64
C ASN E 55 -9.12 36.40 25.32
N ASP E 56 -9.45 35.91 24.12
CA ASP E 56 -8.96 34.62 23.62
C ASP E 56 -7.68 34.88 22.87
N ALA E 57 -6.68 35.39 23.57
CA ALA E 57 -5.39 35.72 22.96
C ALA E 57 -4.28 34.94 23.63
N ASP E 58 -4.58 34.29 24.75
CA ASP E 58 -3.64 33.39 25.37
C ASP E 58 -3.82 31.95 24.94
N LYS E 59 -4.84 31.64 24.14
CA LYS E 59 -5.01 30.34 23.50
C LYS E 59 -4.33 30.37 22.14
N GLY E 60 -4.12 29.19 21.58
CA GLY E 60 -3.45 29.11 20.29
C GLY E 60 -4.10 28.16 19.32
N ASN E 61 -4.53 28.66 18.17
CA ASN E 61 -5.30 27.86 17.22
C ASN E 61 -4.41 26.82 16.56
N ILE E 62 -4.98 25.65 16.32
CA ILE E 62 -4.31 24.59 15.58
C ILE E 62 -4.97 24.52 14.21
N GLN E 63 -4.28 25.02 13.19
CA GLN E 63 -4.81 25.00 11.84
C GLN E 63 -4.00 24.07 10.96
N THR E 64 -4.68 23.11 10.35
CA THR E 64 -4.09 22.25 9.34
C THR E 64 -4.12 22.98 8.00
N VAL E 65 -2.95 23.06 7.36
CA VAL E 65 -2.80 23.76 6.10
C VAL E 65 -2.16 22.81 5.11
N ASN E 66 -2.26 23.17 3.84
CA ASN E 66 -1.55 22.46 2.79
C ASN E 66 -0.28 23.21 2.48
N PHE E 67 0.84 22.48 2.45
CA PHE E 67 2.14 23.11 2.21
C PHE E 67 2.69 22.60 0.89
N ALA E 68 3.71 23.29 0.40
CA ALA E 68 4.44 22.87 -0.78
C ALA E 68 5.87 23.37 -0.63
N ASN E 69 6.81 22.44 -0.60
CA ASN E 69 8.22 22.79 -0.53
C ASN E 69 8.97 22.06 -1.64
N LEU E 70 10.09 22.65 -2.05
CA LEU E 70 11.04 21.93 -2.86
C LEU E 70 11.63 20.80 -2.03
N PRO E 71 11.90 19.63 -2.60
CA PRO E 71 12.73 18.65 -1.91
C PRO E 71 14.11 19.21 -1.66
N HIS E 72 14.73 18.77 -0.57
CA HIS E 72 15.96 19.38 -0.07
C HIS E 72 17.17 19.13 -0.93
N ASN E 73 17.06 18.24 -1.92
CA ASN E 73 18.12 18.03 -2.90
C ASN E 73 17.93 18.87 -4.15
N LYS E 74 16.83 19.63 -4.26
CA LYS E 74 16.55 20.44 -5.44
C LYS E 74 16.32 21.88 -5.03
N ASN E 75 16.97 22.80 -5.74
CA ASN E 75 17.01 24.21 -5.35
C ASN E 75 16.35 25.10 -6.39
N THR E 76 15.53 24.53 -7.27
CA THR E 76 14.95 25.35 -8.32
C THR E 76 13.55 24.85 -8.62
N LEU E 77 12.58 25.76 -8.57
CA LEU E 77 11.19 25.47 -8.89
C LEU E 77 10.95 25.68 -10.37
N LEU E 78 10.55 24.61 -11.06
CA LEU E 78 10.15 24.69 -12.46
C LEU E 78 8.63 24.81 -12.52
N VAL E 79 8.15 25.88 -13.14
CA VAL E 79 6.72 26.12 -13.33
C VAL E 79 6.42 26.00 -14.82
N LYS E 80 5.68 24.97 -15.19
CA LYS E 80 5.46 24.61 -16.59
C LYS E 80 3.99 24.82 -16.96
N TYR E 81 3.75 25.65 -17.97
CA TYR E 81 2.42 25.85 -18.52
C TYR E 81 2.54 26.29 -19.96
N ASN E 82 1.42 26.20 -20.68
CA ASN E 82 1.32 26.66 -22.06
C ASN E 82 0.27 27.74 -22.18
N VAL E 83 0.62 28.82 -22.88
CA VAL E 83 -0.25 29.97 -23.06
C VAL E 83 -0.73 29.97 -24.49
N LYS E 84 -2.05 29.83 -24.69
CA LYS E 84 -2.63 29.84 -26.01
C LYS E 84 -3.24 31.21 -26.30
N PHE E 85 -2.62 31.95 -27.21
CA PHE E 85 -3.11 33.26 -27.65
C PHE E 85 -4.04 33.03 -28.83
N VAL E 86 -5.34 33.13 -28.58
CA VAL E 86 -6.32 32.88 -29.62
C VAL E 86 -6.66 34.18 -30.33
N GLY E 87 -6.79 34.13 -31.65
CA GLY E 87 -7.16 35.26 -32.45
C GLY E 87 -8.66 35.49 -32.50
N ASP E 88 -9.09 36.26 -33.51
CA ASP E 88 -10.48 36.73 -33.68
C ASP E 88 -10.96 37.46 -32.42
N VAL E 89 -10.28 38.55 -32.09
CA VAL E 89 -10.49 39.23 -30.81
C VAL E 89 -11.85 39.93 -30.79
N PHE E 90 -12.18 40.64 -31.86
CA PHE E 90 -13.41 41.43 -31.93
C PHE E 90 -14.60 40.61 -32.36
N LYS E 91 -14.43 39.31 -32.59
CA LYS E 91 -15.53 38.42 -32.92
C LYS E 91 -16.18 37.96 -31.63
N ALA E 92 -17.31 38.58 -31.29
CA ALA E 92 -17.99 38.28 -30.05
C ALA E 92 -18.67 36.91 -30.13
N GLU E 93 -18.61 36.18 -29.01
CA GLU E 93 -19.29 34.90 -28.91
C GLU E 93 -20.78 35.11 -28.83
N LEU E 94 -21.22 35.91 -27.86
CA LEU E 94 -22.62 36.25 -27.72
C LEU E 94 -22.90 37.64 -28.26
N GLY E 95 -24.10 37.82 -28.80
CA GLY E 95 -24.39 39.02 -29.56
C GLY E 95 -23.59 39.07 -30.84
N GLY E 96 -23.29 40.28 -31.27
CA GLY E 96 -22.49 40.43 -32.46
C GLY E 96 -23.24 41.04 -33.61
N GLY E 97 -24.31 41.78 -33.28
CA GLY E 97 -25.06 42.46 -34.31
C GLY E 97 -25.04 43.96 -34.12
N GLU E 98 -24.30 44.65 -35.00
CA GLU E 98 -24.24 46.10 -35.15
C GLU E 98 -23.67 46.80 -33.91
N TYR E 99 -23.08 46.06 -32.99
CA TYR E 99 -22.29 46.67 -31.92
C TYR E 99 -20.91 46.06 -31.79
N SER E 100 -20.76 44.75 -31.98
CA SER E 100 -19.44 44.13 -32.02
C SER E 100 -18.77 44.31 -33.38
N ASN E 101 -19.50 44.82 -34.37
CA ASN E 101 -18.97 45.03 -35.71
C ASN E 101 -18.63 46.48 -36.00
N THR E 102 -19.24 47.43 -35.31
CA THR E 102 -18.88 48.84 -35.42
C THR E 102 -17.80 49.19 -34.40
N LEU E 103 -17.55 48.28 -33.46
CA LEU E 103 -16.43 48.39 -32.55
C LEU E 103 -15.19 47.70 -33.06
N GLN E 104 -15.31 46.68 -33.90
CA GLN E 104 -14.17 46.13 -34.62
C GLN E 104 -13.57 47.16 -35.56
N THR E 105 -14.42 47.89 -36.29
CA THR E 105 -13.93 48.98 -37.14
C THR E 105 -13.49 50.18 -36.32
N ALA E 106 -13.99 50.32 -35.09
CA ALA E 106 -13.49 51.38 -34.23
C ALA E 106 -12.09 51.08 -33.72
N LEU E 107 -11.86 49.85 -33.26
CA LEU E 107 -10.53 49.44 -32.79
C LEU E 107 -9.77 48.69 -33.89
N GLU E 108 -9.64 49.36 -35.03
CA GLU E 108 -8.93 48.80 -36.17
C GLU E 108 -7.47 49.25 -36.24
N ASN E 109 -7.12 50.37 -35.61
CA ASN E 109 -5.76 50.88 -35.60
C ASN E 109 -5.15 50.85 -34.20
N THR E 110 -5.69 50.01 -33.31
CA THR E 110 -5.16 49.90 -31.96
C THR E 110 -3.77 49.25 -31.97
N ASP E 111 -2.95 49.65 -31.01
CA ASP E 111 -1.56 49.21 -30.95
C ASP E 111 -1.52 47.81 -30.37
N PHE E 112 -1.78 46.82 -31.22
CA PHE E 112 -1.75 45.41 -30.82
C PHE E 112 -0.34 44.94 -30.47
N GLY E 113 0.68 45.51 -31.09
CA GLY E 113 2.06 45.15 -30.78
C GLY E 113 2.50 45.47 -29.37
N THR E 114 2.11 46.63 -28.84
CA THR E 114 2.45 46.97 -27.46
C THR E 114 1.64 46.14 -26.46
N LEU E 115 0.39 45.81 -26.81
CA LEU E 115 -0.42 44.92 -25.99
C LEU E 115 0.20 43.53 -25.90
N ALA E 116 0.60 42.98 -27.05
CA ALA E 116 1.28 41.70 -27.07
C ALA E 116 2.64 41.76 -26.38
N TYR E 117 3.33 42.91 -26.47
CA TYR E 117 4.60 43.05 -25.79
C TYR E 117 4.41 43.03 -24.28
N ARG E 118 3.39 43.71 -23.78
CA ARG E 118 3.12 43.66 -22.35
C ARG E 118 2.61 42.31 -21.89
N TYR E 119 1.84 41.59 -22.73
CA TYR E 119 1.44 40.22 -22.41
C TYR E 119 2.64 39.29 -22.30
N VAL E 120 3.42 39.15 -23.37
CA VAL E 120 4.54 38.22 -23.37
C VAL E 120 5.68 38.73 -22.48
N TYR E 121 5.70 40.02 -22.18
CA TYR E 121 6.59 40.53 -21.15
C TYR E 121 6.16 40.10 -19.76
N ASN E 122 4.87 40.07 -19.47
CA ASN E 122 4.36 39.57 -18.21
C ASN E 122 4.55 38.07 -18.06
N ILE E 123 4.59 37.34 -19.17
CA ILE E 123 5.03 35.94 -19.14
C ILE E 123 6.55 35.83 -19.12
N ALA E 124 7.28 36.86 -19.55
CA ALA E 124 8.72 36.79 -19.70
C ALA E 124 9.49 37.43 -18.56
N ALA E 125 8.96 38.48 -17.94
CA ALA E 125 9.55 38.96 -16.69
C ALA E 125 9.25 38.00 -15.55
N GLY E 126 8.17 37.23 -15.69
CA GLY E 126 7.85 36.20 -14.74
C GLY E 126 6.78 36.63 -13.75
N ARG E 127 5.94 37.58 -14.14
CA ARG E 127 4.87 38.04 -13.26
C ARG E 127 3.80 37.00 -13.03
N THR E 128 3.77 35.95 -13.84
CA THR E 128 2.84 34.83 -13.68
C THR E 128 3.31 33.82 -12.65
N LEU E 129 4.20 34.22 -11.74
CA LEU E 129 4.62 33.40 -10.62
C LEU E 129 4.20 33.98 -9.27
N TRP E 130 3.92 35.28 -9.22
CA TRP E 130 3.34 35.99 -8.08
C TRP E 130 4.24 35.95 -6.86
N ARG E 131 3.90 35.13 -5.88
CA ARG E 131 4.66 35.04 -4.63
C ARG E 131 5.85 34.10 -4.78
N ASN E 132 5.87 33.31 -5.86
CA ASN E 132 6.99 32.40 -6.10
C ASN E 132 8.29 33.10 -6.48
N ARG E 133 8.26 34.40 -6.80
CA ARG E 133 9.47 35.10 -7.22
C ARG E 133 10.26 35.69 -6.07
N VAL E 134 9.63 35.99 -4.94
CA VAL E 134 10.30 36.70 -3.86
C VAL E 134 11.27 35.73 -3.19
N GLY E 135 12.47 36.22 -2.91
CA GLY E 135 13.54 35.38 -2.43
C GLY E 135 14.03 34.36 -3.44
N ALA E 136 14.32 34.82 -4.66
CA ALA E 136 14.92 33.96 -5.67
C ALA E 136 16.24 34.61 -6.10
N GLU E 137 17.31 33.82 -6.12
CA GLU E 137 18.63 34.37 -6.47
C GLU E 137 18.69 34.82 -7.91
N SER E 138 18.19 34.00 -8.84
CA SER E 138 18.10 34.38 -10.23
C SER E 138 16.94 33.64 -10.87
N ILE E 139 16.24 34.37 -11.73
CA ILE E 139 15.08 33.86 -12.45
C ILE E 139 15.57 33.51 -13.86
N GLU E 140 14.97 32.48 -14.47
CA GLU E 140 15.20 32.20 -15.87
C GLU E 140 13.93 31.58 -16.45
N THR E 141 13.25 32.30 -17.33
CA THR E 141 12.13 31.71 -18.05
C THR E 141 12.53 31.42 -19.49
N VAL E 142 12.04 30.30 -19.99
CA VAL E 142 12.18 29.94 -21.40
C VAL E 142 10.77 29.90 -21.97
N ILE E 143 10.61 30.46 -23.15
CA ILE E 143 9.36 30.40 -23.89
C ILE E 143 9.64 29.70 -25.22
N THR E 144 9.12 28.49 -25.38
CA THR E 144 9.33 27.70 -26.57
C THR E 144 8.09 27.86 -27.44
N VAL E 145 8.08 28.94 -28.23
CA VAL E 145 7.10 29.13 -29.29
C VAL E 145 7.52 28.20 -30.44
N ASN E 146 6.64 28.02 -31.44
CA ASN E 146 6.72 27.00 -32.47
C ASN E 146 8.07 26.91 -33.19
N ASP E 147 8.76 25.79 -32.94
CA ASP E 147 10.11 25.50 -33.45
C ASP E 147 11.14 26.57 -33.10
N GLN E 148 10.94 27.25 -31.96
CA GLN E 148 11.89 28.24 -31.46
C GLN E 148 12.03 28.10 -29.95
N THR E 149 12.99 28.84 -29.40
CA THR E 149 13.22 28.87 -27.96
C THR E 149 13.89 30.18 -27.59
N PHE E 150 13.25 30.93 -26.69
CA PHE E 150 13.76 32.21 -26.22
C PHE E 150 13.95 32.15 -24.71
N THR E 151 15.11 32.62 -24.24
CA THR E 151 15.45 32.58 -22.82
C THR E 151 15.60 34.00 -22.30
N PHE E 152 14.89 34.30 -21.20
CA PHE E 152 14.99 35.59 -20.52
C PHE E 152 15.36 35.34 -19.07
N SER E 153 16.55 35.81 -18.67
CA SER E 153 16.95 35.58 -17.29
C SER E 153 16.36 36.62 -16.35
N ASP E 154 16.81 37.87 -16.46
CA ASP E 154 16.47 38.89 -15.48
C ASP E 154 15.83 40.08 -16.19
N LEU E 155 14.52 40.20 -16.02
CA LEU E 155 13.75 41.31 -16.57
C LEU E 155 13.06 42.05 -15.44
N LEU E 156 12.98 43.37 -15.58
CA LEU E 156 12.27 44.20 -14.62
C LEU E 156 10.78 43.90 -14.71
N VAL E 157 10.08 44.02 -13.58
CA VAL E 157 8.71 43.52 -13.53
C VAL E 157 7.72 44.61 -13.93
N ASN E 158 7.64 45.69 -13.14
CA ASN E 158 6.66 46.73 -13.36
C ASN E 158 7.02 47.64 -14.52
N GLU E 159 8.27 47.61 -14.98
CA GLU E 159 8.71 48.43 -16.10
C GLU E 159 8.81 47.53 -17.33
N PHE E 160 8.04 47.87 -18.36
CA PHE E 160 8.04 47.11 -19.61
C PHE E 160 9.22 47.58 -20.45
N ASP E 161 10.40 47.05 -20.13
CA ASP E 161 11.64 47.46 -20.76
C ASP E 161 11.73 46.93 -22.18
N GLU E 162 12.63 47.52 -22.97
CA GLU E 162 12.76 47.21 -24.38
C GLU E 162 13.90 46.22 -24.59
N ASP E 163 13.55 44.98 -24.96
CA ASP E 163 14.51 43.98 -25.39
C ASP E 163 13.94 43.20 -26.56
N VAL E 164 14.81 42.67 -27.40
CA VAL E 164 14.43 42.29 -28.76
C VAL E 164 13.69 40.95 -28.85
N ASP E 165 13.94 40.00 -27.94
CA ASP E 165 13.28 38.69 -28.06
C ASP E 165 11.83 38.72 -27.60
N VAL E 166 11.52 39.48 -26.55
CA VAL E 166 10.13 39.75 -26.20
C VAL E 166 9.43 40.49 -27.32
N ALA E 167 10.15 41.37 -28.05
CA ALA E 167 9.59 42.02 -29.21
C ALA E 167 9.33 41.03 -30.35
N GLU E 168 10.16 40.00 -30.50
CA GLU E 168 9.95 38.98 -31.52
C GLU E 168 8.71 38.15 -31.23
N ILE E 169 8.58 37.66 -29.99
CA ILE E 169 7.37 36.92 -29.62
C ILE E 169 6.16 37.85 -29.62
N ALA E 170 6.36 39.13 -29.32
CA ALA E 170 5.29 40.12 -29.39
C ALA E 170 4.79 40.30 -30.80
N ASP E 171 5.70 40.35 -31.77
CA ASP E 171 5.30 40.48 -33.16
C ASP E 171 4.57 39.24 -33.65
N MET E 172 5.04 38.05 -33.27
CA MET E 172 4.37 36.84 -33.76
C MET E 172 3.09 36.55 -32.99
N VAL E 173 2.90 37.17 -31.82
CA VAL E 173 1.60 37.08 -31.14
C VAL E 173 0.64 38.12 -31.68
N ALA E 174 1.13 39.33 -31.99
CA ALA E 174 0.29 40.39 -32.52
C ALA E 174 0.01 40.19 -34.00
N GLY E 175 0.65 39.19 -34.62
CA GLY E 175 0.23 38.73 -35.93
C GLY E 175 -0.91 37.72 -35.82
N VAL E 176 -1.28 37.39 -34.59
CA VAL E 176 -2.42 36.52 -34.32
C VAL E 176 -3.55 37.28 -33.64
N LEU E 177 -3.23 38.11 -32.64
CA LEU E 177 -4.24 38.91 -31.96
C LEU E 177 -4.88 39.96 -32.86
N SER E 178 -4.11 40.55 -33.77
CA SER E 178 -4.67 41.49 -34.74
C SER E 178 -5.24 40.79 -35.97
N GLY E 179 -5.10 39.48 -36.08
CA GLY E 179 -5.63 38.76 -37.22
C GLY E 179 -6.43 37.54 -36.82
N GLU E 180 -6.12 36.40 -37.42
CA GLU E 180 -6.84 35.17 -37.14
C GLU E 180 -5.85 34.06 -36.86
N GLY E 181 -6.36 32.97 -36.30
CA GLY E 181 -5.54 31.81 -35.99
C GLY E 181 -5.25 31.76 -34.51
N PHE E 182 -4.11 31.17 -34.17
CA PHE E 182 -3.69 31.06 -32.79
C PHE E 182 -2.16 30.97 -32.77
N VAL E 183 -1.60 31.20 -31.59
CA VAL E 183 -0.18 30.98 -31.34
C VAL E 183 -0.03 30.53 -29.89
N THR E 184 0.77 29.49 -29.66
CA THR E 184 0.94 28.93 -28.34
C THR E 184 2.36 29.20 -27.84
N LEU E 185 2.48 29.48 -26.55
CA LEU E 185 3.78 29.65 -25.90
C LEU E 185 3.89 28.63 -24.78
N LYS E 186 4.76 27.64 -24.96
CA LYS E 186 5.03 26.65 -23.91
C LYS E 186 6.11 27.27 -23.02
N VAL E 187 5.70 27.73 -21.85
CA VAL E 187 6.55 28.54 -20.98
C VAL E 187 7.01 27.72 -19.79
N GLU E 188 8.31 27.74 -19.53
CA GLU E 188 8.89 27.10 -18.37
C GLU E 188 9.60 28.14 -17.53
N HIS E 189 9.28 28.19 -16.24
CA HIS E 189 9.78 29.20 -15.33
C HIS E 189 10.73 28.58 -14.32
N TYR E 190 12.00 28.95 -14.36
CA TYR E 190 12.98 28.49 -13.39
C TYR E 190 13.27 29.61 -12.42
N MET E 191 13.17 29.32 -11.12
CA MET E 191 13.55 30.25 -10.07
C MET E 191 14.51 29.55 -9.14
N LEU E 192 15.73 30.06 -9.04
CA LEU E 192 16.69 29.53 -8.06
C LEU E 192 16.24 30.03 -6.70
N LEU E 193 15.36 29.27 -6.06
CA LEU E 193 14.82 29.64 -4.74
C LEU E 193 15.78 29.16 -3.65
N GLY E 194 16.00 27.87 -3.57
CA GLY E 194 16.85 27.30 -2.55
C GLY E 194 16.39 25.91 -2.20
N GLU E 195 17.30 25.16 -1.57
CA GLU E 195 17.04 23.77 -1.21
C GLU E 195 16.06 23.71 -0.05
N GLY E 196 14.89 23.13 -0.31
CA GLY E 196 13.86 23.02 0.71
C GLY E 196 13.05 24.27 0.95
N SER E 197 13.13 25.24 0.04
CA SER E 197 12.46 26.52 0.21
C SER E 197 10.95 26.37 0.07
N GLU E 198 10.23 27.34 0.61
CA GLU E 198 8.77 27.31 0.59
C GLU E 198 8.27 27.68 -0.80
N VAL E 199 7.42 26.83 -1.34
CA VAL E 199 6.90 26.97 -2.70
C VAL E 199 5.43 27.35 -2.60
N PHE E 200 5.04 28.35 -3.39
CA PHE E 200 3.71 28.96 -3.29
C PHE E 200 2.85 28.57 -4.48
N PRO E 201 1.92 27.64 -4.35
CA PRO E 201 0.93 27.44 -5.40
C PRO E 201 -0.20 28.43 -5.27
N SER E 202 -1.21 28.29 -6.13
CA SER E 202 -2.48 28.94 -5.91
C SER E 202 -3.29 28.06 -4.98
N GLN E 203 -3.84 28.64 -3.92
CA GLN E 203 -4.67 27.84 -3.04
C GLN E 203 -6.13 27.94 -3.46
N GLU E 204 -6.84 26.82 -3.32
CA GLU E 204 -8.20 26.67 -3.77
C GLU E 204 -9.15 27.45 -2.87
N PHE E 205 -10.31 27.79 -3.42
CA PHE E 205 -11.42 28.30 -2.64
C PHE E 205 -12.14 27.09 -2.04
N VAL E 206 -12.05 26.95 -0.72
CA VAL E 206 -12.75 25.89 -0.03
C VAL E 206 -13.70 26.52 0.98
N GLU E 207 -14.92 26.00 1.04
CA GLU E 207 -15.94 26.49 1.95
C GLU E 207 -16.29 25.38 2.92
N ASN E 208 -16.24 25.69 4.22
CA ASN E 208 -16.48 24.78 5.33
C ASN E 208 -15.61 23.52 5.24
N SER E 209 -14.31 23.72 5.05
CA SER E 209 -13.33 22.63 4.97
C SER E 209 -12.50 22.63 6.24
N LYS E 210 -11.95 21.47 6.58
CA LYS E 210 -11.08 21.33 7.75
C LYS E 210 -9.76 22.07 7.54
N LEU E 211 -9.28 22.10 6.31
CA LEU E 211 -8.03 22.79 6.00
C LEU E 211 -8.24 24.29 6.00
N SER E 212 -7.36 25.00 6.70
CA SER E 212 -7.33 26.46 6.66
C SER E 212 -6.67 27.00 5.40
N LYS E 213 -5.99 26.13 4.66
CA LYS E 213 -5.31 26.52 3.42
C LYS E 213 -5.23 25.27 2.57
N GLN E 214 -5.92 25.26 1.44
CA GLN E 214 -5.96 24.11 0.54
C GLN E 214 -5.40 24.51 -0.81
N LEU E 215 -4.21 23.99 -1.14
CA LEU E 215 -3.55 24.36 -2.38
C LEU E 215 -4.12 23.59 -3.55
N PHE E 216 -3.98 24.16 -4.75
CA PHE E 216 -4.45 23.52 -5.97
C PHE E 216 -3.55 22.34 -6.31
N ASP E 217 -4.17 21.26 -6.77
CA ASP E 217 -3.42 20.08 -7.16
C ASP E 217 -4.18 19.29 -8.21
N LEU E 218 -3.46 18.86 -9.24
CA LEU E 218 -3.93 17.81 -10.14
C LEU E 218 -3.05 16.59 -9.88
N ASN E 219 -3.67 15.52 -9.36
CA ASN E 219 -3.03 14.27 -8.97
C ASN E 219 -1.91 14.46 -7.94
N GLY E 220 -2.06 15.45 -7.06
CA GLY E 220 -1.15 15.60 -5.94
C GLY E 220 -0.04 16.62 -6.13
N GLN E 221 0.29 16.93 -7.38
CA GLN E 221 1.36 17.88 -7.66
C GLN E 221 0.94 19.30 -7.30
N ALA E 222 1.89 20.09 -6.80
CA ALA E 222 1.62 21.50 -6.54
C ALA E 222 1.38 22.22 -7.86
N ALA E 223 0.29 22.99 -7.90
CA ALA E 223 -0.16 23.56 -9.15
C ALA E 223 -0.75 24.94 -8.91
N MET E 224 -0.69 25.76 -9.95
CA MET E 224 -1.26 27.10 -9.91
C MET E 224 -2.37 27.17 -10.95
N HIS E 225 -3.44 27.89 -10.60
CA HIS E 225 -4.61 27.99 -11.46
C HIS E 225 -4.27 28.70 -12.77
N ASP E 226 -4.93 28.29 -13.85
CA ASP E 226 -4.81 28.93 -15.14
C ASP E 226 -5.30 30.36 -15.13
N GLN E 227 -6.37 30.64 -14.38
CA GLN E 227 -6.86 31.99 -14.18
C GLN E 227 -5.86 32.88 -13.44
N LYS E 228 -5.06 32.31 -12.52
CA LYS E 228 -4.02 33.05 -11.83
C LYS E 228 -2.89 33.46 -12.78
N ILE E 229 -2.52 32.58 -13.70
CA ILE E 229 -1.57 32.94 -14.74
C ILE E 229 -2.16 33.98 -15.66
N GLY E 230 -3.40 33.78 -16.10
CA GLY E 230 -4.02 34.66 -17.07
C GLY E 230 -4.30 36.04 -16.54
N ASN E 231 -4.53 36.17 -15.23
CA ASN E 231 -4.58 37.47 -14.59
C ASN E 231 -3.27 38.20 -14.68
N ALA E 232 -2.16 37.54 -14.40
CA ALA E 232 -0.86 38.18 -14.40
C ALA E 232 -0.33 38.45 -15.80
N ILE E 233 -0.79 37.70 -16.80
CA ILE E 233 -0.49 38.04 -18.18
C ILE E 233 -1.13 39.37 -18.56
N ARG E 234 -2.40 39.56 -18.17
CA ARG E 234 -3.13 40.76 -18.56
C ARG E 234 -2.97 41.89 -17.56
N THR E 235 -1.95 41.82 -16.69
CA THR E 235 -1.57 42.94 -15.83
C THR E 235 -0.76 43.93 -16.67
N ILE E 236 -1.46 44.61 -17.58
CA ILE E 236 -0.86 45.50 -18.56
C ILE E 236 -1.38 46.92 -18.44
N ASP E 237 -2.37 47.16 -17.59
CA ASP E 237 -3.05 48.45 -17.52
C ASP E 237 -2.17 49.43 -16.75
N THR E 238 -1.45 50.27 -17.49
CA THR E 238 -0.75 51.42 -16.92
C THR E 238 -1.38 52.71 -17.41
N TRP E 239 -2.62 52.64 -17.88
CA TRP E 239 -3.28 53.75 -18.56
C TRP E 239 -4.47 54.27 -17.77
N TYR E 240 -4.60 53.89 -16.51
CA TYR E 240 -5.68 54.39 -15.68
C TYR E 240 -5.28 55.71 -15.04
N GLU E 241 -6.25 56.36 -14.40
CA GLU E 241 -6.01 57.64 -13.76
C GLU E 241 -5.11 57.47 -12.54
N ASP E 242 -4.05 58.29 -12.48
CA ASP E 242 -2.97 58.24 -11.51
C ASP E 242 -2.33 56.85 -11.47
N ALA E 243 -1.73 56.44 -12.58
CA ALA E 243 -1.17 55.11 -12.73
C ALA E 243 0.27 55.06 -12.21
N THR E 244 0.52 54.07 -11.34
CA THR E 244 1.85 53.87 -10.79
C THR E 244 2.33 52.44 -11.02
N THR E 245 1.39 51.49 -11.10
CA THR E 245 1.74 50.09 -11.31
C THR E 245 0.77 49.44 -12.29
N PRO E 246 1.23 48.47 -13.10
CA PRO E 246 0.30 47.74 -13.98
C PRO E 246 -0.68 46.87 -13.22
N ILE E 247 -1.97 47.08 -13.46
CA ILE E 247 -3.00 46.23 -12.90
C ILE E 247 -3.61 45.41 -14.03
N ALA E 248 -4.43 44.42 -13.66
CA ALA E 248 -5.09 43.58 -14.64
C ALA E 248 -6.16 44.37 -15.38
N VAL E 249 -6.36 44.04 -16.66
CA VAL E 249 -7.37 44.76 -17.43
C VAL E 249 -8.73 44.16 -17.14
N GLU E 250 -9.34 44.60 -16.05
CA GLU E 250 -10.73 44.37 -15.75
C GLU E 250 -11.55 45.49 -16.38
N PRO E 251 -12.86 45.27 -16.57
CA PRO E 251 -13.69 46.36 -17.12
C PRO E 251 -13.73 47.63 -16.28
N TYR E 252 -13.58 47.52 -14.97
CA TYR E 252 -13.59 48.69 -14.11
C TYR E 252 -12.21 49.05 -13.56
N GLY E 253 -11.16 48.43 -14.06
CA GLY E 253 -9.84 48.59 -13.49
C GLY E 253 -9.77 48.07 -12.07
N SER E 254 -10.43 46.95 -11.80
CA SER E 254 -10.65 46.50 -10.43
C SER E 254 -9.46 45.72 -9.91
N VAL E 255 -9.08 46.03 -8.68
CA VAL E 255 -8.14 45.21 -7.91
C VAL E 255 -8.83 44.85 -6.61
N VAL E 256 -9.17 43.58 -6.45
CA VAL E 256 -9.90 43.13 -5.28
C VAL E 256 -8.97 43.00 -4.07
N ARG E 257 -7.66 42.85 -4.32
CA ARG E 257 -6.69 42.88 -3.22
C ARG E 257 -6.69 44.21 -2.51
N ASN E 258 -6.53 45.30 -3.26
CA ASN E 258 -6.48 46.63 -2.65
C ASN E 258 -7.87 47.11 -2.25
N GLY E 259 -8.92 46.51 -2.81
CA GLY E 259 -10.27 46.87 -2.46
C GLY E 259 -10.72 48.17 -3.10
N VAL E 260 -10.19 48.48 -4.27
CA VAL E 260 -10.59 49.70 -4.97
C VAL E 260 -10.59 49.41 -6.47
N ALA E 261 -11.48 50.09 -7.19
CA ALA E 261 -11.54 50.03 -8.65
C ALA E 261 -10.93 51.31 -9.20
N TYR E 262 -9.88 51.17 -10.01
CA TYR E 262 -9.12 52.33 -10.44
C TYR E 262 -9.72 53.04 -11.64
N ARG E 263 -10.68 52.43 -12.33
CA ARG E 263 -11.26 53.04 -13.52
C ARG E 263 -12.78 53.23 -13.39
N ALA E 264 -13.31 53.13 -12.18
CA ALA E 264 -14.72 53.32 -11.93
C ALA E 264 -14.98 54.70 -11.34
N GLY E 265 -15.85 55.47 -11.99
CA GLY E 265 -16.18 56.79 -11.50
C GLY E 265 -15.53 57.91 -12.26
N ASN E 266 -14.40 57.62 -12.93
CA ASN E 266 -13.66 58.61 -13.70
C ASN E 266 -14.01 58.60 -15.18
N LYS E 267 -15.06 57.87 -15.56
CA LYS E 267 -15.51 57.68 -16.95
C LYS E 267 -14.39 57.14 -17.83
N THR E 268 -13.61 56.22 -17.27
CA THR E 268 -12.51 55.59 -18.00
C THR E 268 -12.59 54.07 -17.91
N ASP E 269 -13.77 53.54 -17.58
CA ASP E 269 -13.99 52.10 -17.54
C ASP E 269 -14.21 51.58 -18.96
N LEU E 270 -14.45 50.26 -19.05
CA LEU E 270 -14.63 49.64 -20.36
C LEU E 270 -15.94 50.06 -21.02
N PHE E 271 -17.00 50.18 -20.23
CA PHE E 271 -18.33 50.31 -20.81
C PHE E 271 -18.57 51.70 -21.39
N THR E 272 -18.10 52.74 -20.70
CA THR E 272 -18.28 54.10 -21.22
C THR E 272 -17.42 54.35 -22.45
N LEU E 273 -16.16 53.90 -22.43
CA LEU E 273 -15.30 54.00 -23.61
C LEU E 273 -15.78 53.14 -24.76
N MET E 274 -16.33 51.95 -24.49
CA MET E 274 -16.89 51.08 -25.52
C MET E 274 -18.14 51.70 -26.15
N ASP E 275 -19.01 52.29 -25.33
CA ASP E 275 -20.18 52.98 -25.86
C ASP E 275 -19.79 54.22 -26.65
N GLY E 276 -18.76 54.93 -26.20
CA GLY E 276 -18.27 56.08 -26.96
C GLY E 276 -17.64 55.70 -28.28
N ALA E 277 -16.90 54.59 -28.30
CA ALA E 277 -16.31 54.08 -29.54
C ALA E 277 -17.39 53.62 -30.51
N VAL E 278 -18.46 53.00 -30.00
CA VAL E 278 -19.58 52.66 -30.86
C VAL E 278 -20.33 53.91 -31.30
N ASN E 279 -20.60 54.83 -30.38
CA ASN E 279 -21.32 56.05 -30.72
C ASN E 279 -20.39 57.20 -31.11
N GLY E 280 -19.49 56.94 -32.05
CA GLY E 280 -18.78 58.01 -32.70
C GLY E 280 -17.53 58.56 -32.05
N LYS E 281 -17.54 58.69 -30.72
CA LYS E 281 -16.46 59.39 -30.01
C LYS E 281 -15.17 58.60 -30.05
N SER E 282 -14.08 59.25 -30.47
CA SER E 282 -12.79 58.59 -30.57
C SER E 282 -12.18 58.37 -29.19
N LEU E 283 -11.29 57.39 -29.10
CA LEU E 283 -10.60 57.09 -27.86
C LEU E 283 -9.11 57.35 -28.01
N THR E 284 -8.44 57.51 -26.87
CA THR E 284 -6.99 57.61 -26.84
C THR E 284 -6.39 56.24 -27.19
N GLU E 285 -5.15 56.25 -27.66
CA GLU E 285 -4.44 55.02 -28.00
C GLU E 285 -4.28 54.11 -26.79
N GLU E 286 -3.95 54.68 -25.63
CA GLU E 286 -3.89 53.91 -24.40
C GLU E 286 -5.26 53.50 -23.88
N ASP E 287 -6.33 54.15 -24.33
CA ASP E 287 -7.69 53.71 -24.03
C ASP E 287 -8.20 52.69 -25.03
N GLN E 288 -7.84 52.84 -26.31
CA GLN E 288 -8.11 51.81 -27.31
C GLN E 288 -7.44 50.50 -26.97
N MET E 289 -6.19 50.57 -26.49
CA MET E 289 -5.50 49.41 -25.94
C MET E 289 -6.26 48.78 -24.79
N PHE E 290 -6.85 49.59 -23.90
CA PHE E 290 -7.60 49.06 -22.76
C PHE E 290 -8.86 48.31 -23.20
N VAL E 291 -9.63 48.91 -24.11
CA VAL E 291 -10.89 48.27 -24.51
C VAL E 291 -10.63 47.01 -25.33
N THR E 292 -9.65 47.02 -26.25
CA THR E 292 -9.40 45.76 -26.95
C THR E 292 -8.62 44.76 -26.09
N ALA E 293 -7.92 45.19 -25.04
CA ALA E 293 -7.37 44.27 -24.06
C ALA E 293 -8.45 43.58 -23.25
N ASN E 294 -9.53 44.29 -22.92
CA ASN E 294 -10.70 43.65 -22.34
C ASN E 294 -11.42 42.72 -23.30
N LEU E 295 -11.46 43.06 -24.59
CA LEU E 295 -12.02 42.13 -25.57
C LEU E 295 -11.16 40.88 -25.71
N ILE E 296 -9.84 41.01 -25.54
CA ILE E 296 -8.98 39.84 -25.43
C ILE E 296 -9.31 39.06 -24.16
N ARG E 297 -9.52 39.77 -23.05
CA ARG E 297 -9.86 39.13 -21.78
C ARG E 297 -11.22 38.44 -21.84
N GLY E 298 -12.21 39.10 -22.41
CA GLY E 298 -13.54 38.56 -22.56
C GLY E 298 -14.39 38.84 -21.34
N GLY E 299 -15.68 38.57 -21.45
CA GLY E 299 -16.62 38.80 -20.36
C GLY E 299 -17.97 39.26 -20.83
N VAL E 300 -18.94 39.24 -19.92
CA VAL E 300 -20.28 39.76 -20.21
C VAL E 300 -20.16 41.28 -20.27
N PHE E 301 -20.19 41.82 -21.48
CA PHE E 301 -19.88 43.22 -21.72
C PHE E 301 -21.13 44.00 -22.09
N GLY E 302 -22.29 43.50 -21.67
CA GLY E 302 -23.54 44.15 -21.99
C GLY E 302 -24.67 43.74 -21.07
N GLY E 303 -25.42 44.72 -20.56
CA GLY E 303 -26.52 44.46 -19.66
C GLY E 303 -27.39 45.67 -19.42
N THR F 2 -12.20 61.53 9.60
CA THR F 2 -11.25 61.23 10.67
C THR F 2 -11.49 59.83 11.23
N LYS F 3 -10.61 59.44 12.16
CA LYS F 3 -10.60 58.13 12.83
C LYS F 3 -10.48 57.05 11.75
N LEU F 4 -9.30 56.97 11.14
CA LEU F 4 -9.09 56.04 10.04
C LEU F 4 -9.02 54.62 10.57
N LYS F 5 -9.91 53.77 10.07
CA LYS F 5 -10.06 52.41 10.53
C LYS F 5 -9.29 51.45 9.65
N ALA F 6 -9.16 50.22 10.13
CA ALA F 6 -8.44 49.19 9.40
C ALA F 6 -9.25 48.73 8.20
N PRO F 7 -8.60 48.29 7.12
CA PRO F 7 -9.33 47.58 6.06
C PRO F 7 -9.89 46.28 6.60
N ALA F 8 -11.01 45.85 6.00
CA ALA F 8 -11.67 44.62 6.44
C ALA F 8 -10.81 43.38 6.18
N VAL F 9 -10.03 43.37 5.10
CA VAL F 9 -9.05 42.32 4.85
C VAL F 9 -7.68 42.98 4.75
N LEU F 10 -6.99 43.07 5.88
CA LEU F 10 -5.62 43.57 5.92
C LEU F 10 -4.71 42.45 6.40
N ALA F 11 -3.83 41.99 5.52
CA ALA F 11 -2.92 40.92 5.86
C ALA F 11 -1.55 41.22 5.29
N TYR F 12 -0.54 40.65 5.94
CA TYR F 12 0.86 40.87 5.57
C TYR F 12 1.54 39.52 5.40
N SER F 13 2.55 39.49 4.53
CA SER F 13 3.23 38.25 4.23
C SER F 13 4.42 38.05 5.17
N ARG F 14 4.98 36.85 5.11
CA ARG F 14 6.24 36.56 5.78
C ARG F 14 7.36 37.36 5.13
N LYS F 15 8.18 37.99 5.96
CA LYS F 15 9.43 38.56 5.49
C LYS F 15 10.62 37.83 6.06
N ILE F 16 10.40 36.85 6.93
CA ILE F 16 11.40 35.88 7.33
C ILE F 16 10.87 34.52 6.87
N ASN F 17 11.59 33.86 5.97
CA ASN F 17 11.12 32.62 5.37
C ASN F 17 12.12 31.50 5.62
N PRO F 18 12.12 30.90 6.80
CA PRO F 18 13.02 29.77 7.05
C PRO F 18 12.54 28.51 6.35
N THR F 19 13.52 27.70 5.94
CA THR F 19 13.22 26.39 5.40
C THR F 19 12.98 25.42 6.54
N ASN F 20 12.53 24.21 6.21
CA ASN F 20 12.54 23.15 7.19
C ASN F 20 13.97 22.77 7.54
N ALA F 21 14.25 22.73 8.84
CA ALA F 21 15.57 22.36 9.32
C ALA F 21 15.78 20.87 9.12
N LEU F 22 16.99 20.50 8.73
CA LEU F 22 17.33 19.10 8.55
C LEU F 22 18.36 18.73 9.60
N MET F 23 18.09 17.67 10.35
CA MET F 23 18.97 17.24 11.43
C MET F 23 19.95 16.19 10.92
N PHE F 24 21.24 16.48 11.06
CA PHE F 24 22.30 15.58 10.62
C PHE F 24 23.19 15.26 11.80
N ALA F 25 23.93 14.16 11.68
CA ALA F 25 24.91 13.77 12.67
C ALA F 25 26.31 13.91 12.08
N VAL F 26 27.15 14.66 12.78
CA VAL F 26 28.56 14.79 12.43
C VAL F 26 29.37 14.58 13.70
N ASN F 27 30.68 14.73 13.61
CA ASN F 27 31.53 14.80 14.78
C ASN F 27 32.06 16.23 14.91
N TRP F 28 32.69 16.51 16.05
CA TRP F 28 33.18 17.87 16.27
C TRP F 28 34.41 18.19 15.44
N SER F 29 35.15 17.18 14.99
CA SER F 29 36.32 17.37 14.15
C SER F 29 36.00 17.38 12.67
N ASP F 30 35.40 16.31 12.15
CA ASP F 30 35.00 16.24 10.75
C ASP F 30 33.50 16.51 10.62
N ARG F 31 33.21 17.70 10.09
CA ARG F 31 31.84 18.19 9.97
C ARG F 31 31.28 18.05 8.56
N ASP F 32 31.99 17.39 7.65
CA ASP F 32 31.54 17.27 6.28
C ASP F 32 30.91 15.92 5.94
N ASN F 33 31.14 14.88 6.73
CA ASN F 33 30.49 13.59 6.54
C ASN F 33 29.19 13.57 7.33
N THR F 34 28.18 14.19 6.74
CA THR F 34 26.90 14.46 7.39
C THR F 34 26.02 13.22 7.31
N THR F 35 26.10 12.36 8.31
CA THR F 35 25.14 11.27 8.43
C THR F 35 23.80 11.83 8.88
N ALA F 36 22.75 11.42 8.18
CA ALA F 36 21.41 11.90 8.48
C ALA F 36 20.78 11.03 9.55
N VAL F 37 20.35 11.67 10.63
CA VAL F 37 19.64 10.99 11.70
C VAL F 37 18.24 10.66 11.19
N MET F 38 17.67 9.59 11.70
CA MET F 38 16.39 9.09 11.22
C MET F 38 15.43 8.95 12.39
N VAL F 39 14.17 9.24 12.15
CA VAL F 39 13.13 9.04 13.14
C VAL F 39 12.83 7.55 13.24
N GLY F 40 13.12 6.97 14.40
CA GLY F 40 12.78 5.60 14.64
C GLY F 40 11.49 5.55 15.45
N THR F 41 10.98 4.35 15.69
CA THR F 41 9.73 4.21 16.42
C THR F 41 9.93 3.19 17.53
N LYS F 42 10.18 3.68 18.74
CA LYS F 42 10.25 2.80 19.90
C LYS F 42 8.87 2.72 20.53
N THR F 43 8.55 1.55 21.06
CA THR F 43 7.34 1.38 21.85
C THR F 43 7.75 1.21 23.30
N VAL F 44 7.26 2.10 24.15
CA VAL F 44 7.82 2.32 25.47
C VAL F 44 6.79 1.98 26.53
N ALA F 45 7.14 1.07 27.42
CA ALA F 45 6.33 0.82 28.60
C ALA F 45 6.58 1.89 29.65
N GLY F 46 5.53 2.26 30.36
CA GLY F 46 5.64 3.29 31.37
C GLY F 46 4.65 3.12 32.49
N THR F 47 4.29 4.22 33.15
CA THR F 47 3.33 4.20 34.25
C THR F 47 2.19 5.16 33.94
N GLN F 48 0.99 4.81 34.39
CA GLN F 48 -0.17 5.68 34.25
C GLN F 48 -0.17 6.66 35.43
N SER F 49 0.29 7.88 35.18
CA SER F 49 0.33 8.93 36.20
C SER F 49 -0.31 10.18 35.63
N VAL F 50 -1.63 10.26 35.75
CA VAL F 50 -2.38 11.45 35.36
C VAL F 50 -3.00 12.03 36.62
N ARG F 51 -3.25 13.34 36.59
CA ARG F 51 -3.64 14.06 37.80
C ARG F 51 -5.04 13.67 38.27
N GLY F 52 -5.95 13.38 37.35
CA GLY F 52 -7.31 13.01 37.73
C GLY F 52 -7.36 11.58 38.24
N ASN F 53 -6.99 10.61 37.39
CA ASN F 53 -7.10 9.20 37.74
C ASN F 53 -6.00 8.78 38.70
N PRO F 54 -6.35 8.62 39.98
CA PRO F 54 -5.42 8.12 40.98
C PRO F 54 -5.65 6.64 41.29
N ASN F 55 -6.78 6.07 40.88
CA ASN F 55 -7.06 4.65 41.05
C ASN F 55 -6.58 3.86 39.84
N ASP F 56 -6.13 4.57 38.80
CA ASP F 56 -5.45 3.93 37.68
C ASP F 56 -3.94 3.99 37.84
N ALA F 57 -3.45 4.26 39.05
CA ALA F 57 -2.03 4.45 39.28
C ALA F 57 -1.27 3.14 39.14
N ASP F 58 -1.81 2.05 39.67
CA ASP F 58 -1.12 0.77 39.68
C ASP F 58 -1.29 0.01 38.36
N LYS F 59 -1.04 0.69 37.24
CA LYS F 59 -1.12 0.11 35.91
C LYS F 59 -0.07 0.77 35.05
N GLY F 60 0.29 0.10 33.96
CA GLY F 60 1.23 0.68 33.02
C GLY F 60 0.54 1.29 31.84
N ASN F 61 1.18 2.23 31.16
CA ASN F 61 0.71 2.67 29.85
C ASN F 61 1.75 2.28 28.82
N ILE F 62 1.27 1.83 27.67
CA ILE F 62 2.12 1.47 26.56
C ILE F 62 1.97 2.55 25.51
N GLN F 63 3.02 3.33 25.28
CA GLN F 63 2.94 4.40 24.31
C GLN F 63 4.12 4.31 23.36
N THR F 64 3.83 3.94 22.12
CA THR F 64 4.85 3.98 21.09
C THR F 64 5.19 5.41 20.73
N VAL F 65 6.49 5.69 20.65
CA VAL F 65 6.98 7.06 20.54
C VAL F 65 7.94 7.14 19.37
N ASN F 66 7.70 8.08 18.47
CA ASN F 66 8.66 8.42 17.42
C ASN F 66 9.84 9.08 18.10
N PHE F 67 11.02 8.47 17.95
CA PHE F 67 12.20 8.97 18.65
C PHE F 67 13.29 9.28 17.63
N ALA F 68 14.17 10.20 18.00
CA ALA F 68 15.32 10.53 17.17
C ALA F 68 16.54 10.68 18.06
N ASN F 69 17.51 9.79 17.88
CA ASN F 69 18.75 9.82 18.65
C ASN F 69 19.92 10.00 17.71
N LEU F 70 21.00 10.55 18.24
CA LEU F 70 22.24 10.59 17.49
C LEU F 70 22.80 9.18 17.35
N PRO F 71 23.46 8.87 16.24
CA PRO F 71 24.22 7.61 16.17
C PRO F 71 25.32 7.58 17.20
N HIS F 72 25.65 6.37 17.67
CA HIS F 72 26.60 6.22 18.77
C HIS F 72 28.03 6.49 18.32
N ASN F 73 28.30 6.54 17.02
CA ASN F 73 29.61 6.91 16.51
C ASN F 73 29.71 8.39 16.16
N LYS F 74 28.66 9.17 16.37
CA LYS F 74 28.62 10.59 16.04
C LYS F 74 28.26 11.40 17.26
N ASN F 75 29.04 12.44 17.55
CA ASN F 75 28.88 13.20 18.77
C ASN F 75 28.30 14.59 18.57
N THR F 76 28.01 15.00 17.34
CA THR F 76 27.56 16.36 17.07
C THR F 76 26.32 16.34 16.19
N LEU F 77 25.28 17.04 16.63
CA LEU F 77 24.08 17.26 15.83
C LEU F 77 24.30 18.43 14.89
N LEU F 78 24.01 18.22 13.61
CA LEU F 78 24.04 19.29 12.61
C LEU F 78 22.60 19.63 12.25
N VAL F 79 22.19 20.86 12.56
CA VAL F 79 20.89 21.38 12.14
C VAL F 79 21.13 22.32 10.98
N LYS F 80 20.56 21.98 9.82
CA LYS F 80 20.84 22.69 8.58
C LYS F 80 19.53 23.24 8.02
N TYR F 81 19.48 24.56 7.84
CA TYR F 81 18.33 25.20 7.22
C TYR F 81 18.78 26.49 6.57
N ASN F 82 17.90 27.04 5.74
CA ASN F 82 18.11 28.35 5.14
C ASN F 82 17.02 29.30 5.58
N VAL F 83 17.44 30.49 6.03
CA VAL F 83 16.52 31.54 6.44
C VAL F 83 16.54 32.59 5.35
N LYS F 84 15.36 32.97 4.86
CA LYS F 84 15.24 33.91 3.75
C LYS F 84 14.60 35.20 4.27
N PHE F 85 15.37 36.29 4.23
CA PHE F 85 14.91 37.60 4.69
C PHE F 85 14.51 38.39 3.45
N VAL F 86 13.27 38.25 3.01
CA VAL F 86 12.81 38.97 1.83
C VAL F 86 12.41 40.38 2.25
N GLY F 87 12.36 41.30 1.30
CA GLY F 87 12.09 42.69 1.60
C GLY F 87 10.64 43.07 1.35
N ASP F 88 10.41 44.37 1.15
CA ASP F 88 9.08 44.98 1.00
C ASP F 88 8.19 44.64 2.19
N VAL F 89 8.64 45.07 3.37
CA VAL F 89 7.99 44.72 4.63
C VAL F 89 6.63 45.39 4.73
N PHE F 90 6.58 46.69 4.44
CA PHE F 90 5.37 47.47 4.68
C PHE F 90 4.31 47.29 3.61
N LYS F 91 4.61 46.58 2.52
CA LYS F 91 3.63 46.34 1.48
C LYS F 91 2.76 45.14 1.88
N ALA F 92 1.45 45.31 1.80
CA ALA F 92 0.50 44.29 2.20
C ALA F 92 0.03 43.49 0.99
N GLU F 93 -0.16 42.19 1.21
CA GLU F 93 -0.71 41.30 0.20
C GLU F 93 -2.22 41.25 0.24
N LEU F 94 -2.85 42.03 1.12
CA LEU F 94 -4.30 42.03 1.26
C LEU F 94 -4.66 43.40 1.82
N GLY F 95 -5.49 44.15 1.09
CA GLY F 95 -5.86 45.48 1.50
C GLY F 95 -4.73 46.48 1.31
N GLY F 96 -4.97 47.66 1.84
CA GLY F 96 -3.98 48.71 1.85
C GLY F 96 -4.26 49.80 0.84
N GLY F 97 -4.92 50.85 1.31
CA GLY F 97 -5.03 52.10 0.61
C GLY F 97 -5.27 53.15 1.68
N GLU F 98 -4.37 54.13 1.76
CA GLU F 98 -4.31 55.18 2.79
C GLU F 98 -4.09 54.64 4.22
N TYR F 99 -3.94 53.32 4.40
CA TYR F 99 -3.69 52.76 5.73
C TYR F 99 -2.32 52.12 5.71
N SER F 100 -2.09 51.19 4.78
CA SER F 100 -0.77 50.60 4.64
C SER F 100 0.23 51.63 4.14
N ASN F 101 -0.21 52.54 3.28
CA ASN F 101 0.65 53.61 2.80
C ASN F 101 0.96 54.65 3.86
N THR F 102 0.06 54.87 4.82
CA THR F 102 0.37 55.73 5.96
C THR F 102 1.08 55.00 7.08
N LEU F 103 0.90 53.67 7.17
CA LEU F 103 1.74 52.89 8.08
C LEU F 103 3.18 52.83 7.56
N GLN F 104 3.35 52.91 6.24
CA GLN F 104 4.68 53.04 5.66
C GLN F 104 5.35 54.33 6.08
N THR F 105 4.60 55.44 6.09
CA THR F 105 5.14 56.75 6.45
C THR F 105 5.15 56.97 7.96
N ALA F 106 4.53 56.08 8.73
CA ALA F 106 4.64 56.13 10.18
C ALA F 106 5.63 55.13 10.74
N LEU F 107 6.08 54.16 9.95
CA LEU F 107 7.10 53.20 10.36
C LEU F 107 8.36 53.39 9.54
N GLU F 108 8.55 54.59 8.99
CA GLU F 108 9.73 54.89 8.20
C GLU F 108 10.97 55.05 9.06
N ASN F 109 10.86 55.73 10.19
CA ASN F 109 11.98 55.95 11.10
C ASN F 109 11.91 54.96 12.26
N THR F 110 12.09 53.68 11.95
CA THR F 110 12.23 52.65 12.96
C THR F 110 13.66 52.12 12.94
N ASP F 111 14.15 51.72 14.10
CA ASP F 111 15.50 51.17 14.20
C ASP F 111 15.51 49.76 13.63
N PHE F 112 15.70 49.66 12.32
CA PHE F 112 15.80 48.37 11.65
C PHE F 112 17.12 47.67 11.93
N GLY F 113 18.16 48.41 12.33
CA GLY F 113 19.41 47.77 12.70
C GLY F 113 19.30 46.93 13.96
N THR F 114 18.63 47.45 14.98
CA THR F 114 18.34 46.66 16.18
C THR F 114 17.31 45.56 15.90
N LEU F 115 16.34 45.82 15.04
CA LEU F 115 15.37 44.80 14.65
C LEU F 115 15.98 43.63 13.90
N ALA F 116 16.83 43.90 12.92
CA ALA F 116 17.48 42.84 12.14
C ALA F 116 18.70 42.29 12.87
N TYR F 117 19.22 42.98 13.88
CA TYR F 117 20.26 42.43 14.73
C TYR F 117 19.74 41.28 15.59
N ARG F 118 18.66 41.51 16.32
CA ARG F 118 18.07 40.49 17.16
C ARG F 118 17.36 39.40 16.36
N TYR F 119 17.01 39.69 15.10
CA TYR F 119 16.56 38.66 14.16
C TYR F 119 17.67 37.68 13.80
N VAL F 120 18.89 38.15 13.60
CA VAL F 120 20.00 37.27 13.24
C VAL F 120 20.84 36.88 14.44
N TYR F 121 20.68 37.55 15.58
CA TYR F 121 21.24 37.06 16.83
C TYR F 121 20.60 35.76 17.27
N ASN F 122 19.28 35.65 17.17
CA ASN F 122 18.59 34.41 17.46
C ASN F 122 18.99 33.28 16.54
N ILE F 123 19.36 33.60 15.29
CA ILE F 123 19.96 32.64 14.39
C ILE F 123 21.39 32.32 14.82
N ALA F 124 22.16 33.35 15.18
CA ALA F 124 23.57 33.14 15.51
C ALA F 124 23.74 32.44 16.86
N ALA F 125 22.93 32.82 17.84
CA ALA F 125 23.01 32.18 19.15
C ALA F 125 22.32 30.83 19.18
N GLY F 126 21.66 30.43 18.10
CA GLY F 126 21.02 29.14 18.03
C GLY F 126 19.80 29.01 18.91
N ARG F 127 18.96 30.05 18.94
CA ARG F 127 17.68 29.92 19.62
C ARG F 127 16.72 28.99 18.90
N THR F 128 16.93 28.77 17.59
CA THR F 128 16.06 27.96 16.76
C THR F 128 16.18 26.47 17.08
N LEU F 129 17.21 26.10 17.85
CA LEU F 129 17.43 24.75 18.29
C LEU F 129 16.46 24.29 19.36
N TRP F 130 15.99 25.20 20.22
CA TRP F 130 15.09 24.95 21.34
C TRP F 130 15.62 23.87 22.30
N ARG F 131 15.03 22.68 22.25
CA ARG F 131 15.44 21.61 23.14
C ARG F 131 16.76 20.97 22.72
N ASN F 132 17.27 21.28 21.53
CA ASN F 132 18.60 20.82 21.13
C ASN F 132 19.73 21.55 21.85
N ARG F 133 19.43 22.61 22.62
CA ARG F 133 20.46 23.36 23.32
C ARG F 133 20.83 22.78 24.67
N VAL F 134 19.93 22.06 25.34
CA VAL F 134 20.21 21.60 26.69
C VAL F 134 21.18 20.42 26.62
N GLY F 135 22.24 20.49 27.42
CA GLY F 135 23.25 19.47 27.44
C GLY F 135 24.30 19.57 26.35
N ALA F 136 24.21 20.56 25.46
CA ALA F 136 25.22 20.79 24.45
C ALA F 136 26.45 21.40 25.12
N GLU F 137 27.62 20.83 24.83
CA GLU F 137 28.85 21.32 25.42
C GLU F 137 29.22 22.69 24.87
N SER F 138 29.16 22.85 23.55
CA SER F 138 29.35 24.14 22.92
C SER F 138 28.61 24.14 21.60
N ILE F 139 27.83 25.17 21.35
CA ILE F 139 27.02 25.28 20.14
C ILE F 139 27.77 26.16 19.14
N GLU F 140 28.07 25.57 17.99
CA GLU F 140 28.77 26.31 16.94
C GLU F 140 27.82 26.50 15.77
N THR F 141 27.71 27.75 15.31
CA THR F 141 26.75 28.12 14.28
C THR F 141 27.51 28.68 13.09
N VAL F 142 27.34 28.07 11.92
CA VAL F 142 27.97 28.53 10.70
C VAL F 142 26.90 29.12 9.80
N ILE F 143 27.08 30.38 9.42
CA ILE F 143 26.15 31.10 8.56
C ILE F 143 26.89 31.48 7.29
N THR F 144 26.36 31.06 6.14
CA THR F 144 26.99 31.32 4.84
C THR F 144 26.05 32.18 4.02
N VAL F 145 26.16 33.49 4.18
CA VAL F 145 25.39 34.45 3.40
C VAL F 145 26.30 35.16 2.42
N ASN F 146 25.88 35.15 1.14
CA ASN F 146 26.53 35.69 -0.07
C ASN F 146 28.05 35.52 -0.08
N ASP F 147 28.50 34.25 -0.07
CA ASP F 147 29.90 33.82 0.07
C ASP F 147 30.67 34.57 1.17
N GLN F 148 30.06 34.59 2.36
CA GLN F 148 30.72 35.09 3.56
C GLN F 148 30.34 34.17 4.71
N THR F 149 31.34 33.51 5.30
CA THR F 149 31.09 32.53 6.35
C THR F 149 31.31 33.17 7.72
N PHE F 150 30.33 32.98 8.61
CA PHE F 150 30.36 33.55 9.95
C PHE F 150 30.20 32.44 10.97
N THR F 151 31.01 32.47 12.02
CA THR F 151 31.06 31.39 13.01
C THR F 151 30.80 31.97 14.40
N PHE F 152 29.90 31.34 15.14
CA PHE F 152 29.48 31.80 16.46
C PHE F 152 29.53 30.64 17.44
N SER F 153 30.18 30.84 18.58
CA SER F 153 30.37 29.77 19.54
C SER F 153 29.77 30.04 20.91
N ASP F 154 30.04 31.20 21.51
CA ASP F 154 29.73 31.46 22.91
C ASP F 154 28.73 32.58 23.09
N LEU F 155 27.65 32.58 22.30
CA LEU F 155 26.66 33.64 22.36
C LEU F 155 25.57 33.29 23.38
N LEU F 156 25.45 34.11 24.42
CA LEU F 156 24.33 33.98 25.33
C LEU F 156 23.05 34.43 24.64
N VAL F 157 21.99 33.64 24.80
CA VAL F 157 20.83 33.77 23.91
C VAL F 157 19.90 34.87 24.39
N ASN F 158 19.49 34.82 25.65
CA ASN F 158 18.48 35.75 26.15
C ASN F 158 19.02 37.16 26.35
N GLU F 159 20.33 37.34 26.40
CA GLU F 159 20.96 38.66 26.44
C GLU F 159 21.53 38.94 25.06
N PHE F 160 20.92 39.89 24.35
CA PHE F 160 21.41 40.29 23.03
C PHE F 160 22.66 41.14 23.21
N ASP F 161 23.82 40.49 23.15
CA ASP F 161 25.11 41.15 23.36
C ASP F 161 25.57 41.79 22.06
N GLU F 162 26.65 42.56 22.15
CA GLU F 162 27.18 43.31 21.02
C GLU F 162 28.50 42.67 20.57
N ASP F 163 28.45 41.96 19.45
CA ASP F 163 29.64 41.48 18.78
C ASP F 163 29.65 41.96 17.33
N VAL F 164 30.82 41.88 16.71
CA VAL F 164 31.01 42.45 15.38
C VAL F 164 30.29 41.62 14.31
N ASP F 165 30.32 40.29 14.43
CA ASP F 165 29.86 39.44 13.33
C ASP F 165 28.34 39.38 13.22
N VAL F 166 27.62 39.41 14.35
CA VAL F 166 26.16 39.50 14.29
C VAL F 166 25.73 40.85 13.72
N ALA F 167 26.45 41.92 14.05
CA ALA F 167 26.20 43.24 13.51
C ALA F 167 26.65 43.37 12.06
N GLU F 168 27.33 42.36 11.51
CA GLU F 168 27.71 42.39 10.11
C GLU F 168 26.72 41.62 9.22
N ILE F 169 26.06 40.58 9.74
CA ILE F 169 24.89 40.01 9.07
C ILE F 169 23.68 40.91 9.24
N ALA F 170 23.64 41.71 10.30
CA ALA F 170 22.55 42.66 10.52
C ALA F 170 22.51 43.76 9.48
N ASP F 171 23.65 44.33 9.08
CA ASP F 171 23.67 45.45 8.14
C ASP F 171 23.39 45.05 6.71
N MET F 172 23.39 43.76 6.40
CA MET F 172 22.92 43.30 5.10
C MET F 172 21.49 42.78 5.14
N VAL F 173 20.96 42.49 6.33
CA VAL F 173 19.55 42.17 6.49
C VAL F 173 18.70 43.41 6.75
N ALA F 174 19.20 44.38 7.52
CA ALA F 174 18.45 45.61 7.76
C ALA F 174 18.39 46.47 6.51
N GLY F 175 19.35 46.32 5.60
CA GLY F 175 19.25 47.02 4.33
C GLY F 175 18.15 46.49 3.44
N VAL F 176 17.81 45.21 3.61
CA VAL F 176 16.76 44.57 2.85
C VAL F 176 15.40 44.82 3.49
N LEU F 177 15.33 44.65 4.82
CA LEU F 177 14.08 44.81 5.54
C LEU F 177 13.57 46.25 5.49
N SER F 178 14.47 47.22 5.54
CA SER F 178 14.12 48.61 5.33
C SER F 178 14.12 49.01 3.86
N GLY F 179 14.50 48.10 2.96
CA GLY F 179 14.58 48.42 1.55
C GLY F 179 13.84 47.42 0.67
N GLU F 180 14.52 46.95 -0.38
CA GLU F 180 13.91 46.06 -1.35
C GLU F 180 14.92 45.01 -1.76
N GLY F 181 14.49 43.75 -1.78
CA GLY F 181 15.33 42.66 -2.21
C GLY F 181 15.15 41.49 -1.28
N PHE F 182 16.19 40.65 -1.20
CA PHE F 182 16.17 39.53 -0.28
C PHE F 182 17.61 39.20 0.12
N VAL F 183 17.74 38.60 1.29
CA VAL F 183 19.01 38.05 1.77
C VAL F 183 18.72 36.69 2.38
N THR F 184 19.45 35.67 1.93
CA THR F 184 19.29 34.31 2.42
C THR F 184 20.50 33.93 3.26
N LEU F 185 20.26 33.40 4.45
CA LEU F 185 21.32 32.90 5.31
C LEU F 185 21.31 31.38 5.27
N LYS F 186 22.50 30.80 5.12
CA LYS F 186 22.64 29.34 5.07
C LYS F 186 23.20 28.91 6.42
N VAL F 187 22.31 28.52 7.31
CA VAL F 187 22.64 28.28 8.71
C VAL F 187 23.00 26.82 8.92
N GLU F 188 24.08 26.60 9.68
CA GLU F 188 24.52 25.25 10.04
C GLU F 188 24.85 25.26 11.52
N HIS F 189 24.06 24.54 12.32
CA HIS F 189 24.20 24.52 13.76
C HIS F 189 24.89 23.24 14.20
N TYR F 190 26.08 23.36 14.77
CA TYR F 190 26.80 22.23 15.34
C TYR F 190 26.78 22.34 16.85
N MET F 191 26.40 21.26 17.52
CA MET F 191 26.37 21.25 18.99
C MET F 191 26.96 19.92 19.47
N LEU F 192 27.84 19.99 20.46
CA LEU F 192 28.48 18.78 20.97
C LEU F 192 27.57 18.23 22.08
N LEU F 193 26.58 17.44 21.66
CA LEU F 193 25.67 16.82 22.61
C LEU F 193 26.32 15.59 23.23
N GLY F 194 26.70 14.63 22.38
CA GLY F 194 27.32 13.41 22.86
C GLY F 194 27.04 12.29 21.90
N GLU F 195 27.55 11.10 22.25
CA GLU F 195 27.38 9.91 21.44
C GLU F 195 26.11 9.21 21.88
N GLY F 196 25.13 9.14 21.00
CA GLY F 196 23.86 8.52 21.28
C GLY F 196 22.87 9.41 22.01
N SER F 197 23.19 10.69 22.16
CA SER F 197 22.28 11.63 22.80
C SER F 197 21.03 11.84 21.95
N GLU F 198 19.92 12.05 22.63
CA GLU F 198 18.65 12.26 21.96
C GLU F 198 18.57 13.67 21.40
N VAL F 199 18.30 13.77 20.10
CA VAL F 199 18.08 15.04 19.44
C VAL F 199 16.58 15.29 19.45
N PHE F 200 16.19 16.54 19.35
CA PHE F 200 14.78 16.89 19.55
C PHE F 200 14.21 17.59 18.33
N PRO F 201 13.62 16.86 17.39
CA PRO F 201 12.89 17.50 16.29
C PRO F 201 11.59 18.11 16.77
N SER F 202 10.86 18.78 15.89
CA SER F 202 9.54 19.29 16.22
C SER F 202 8.56 18.14 16.10
N GLN F 203 7.81 17.90 17.17
CA GLN F 203 6.74 16.92 17.14
C GLN F 203 5.61 17.45 16.25
N GLU F 204 4.91 16.53 15.59
CA GLU F 204 3.82 16.90 14.70
C GLU F 204 2.48 16.80 15.43
N PHE F 205 1.55 17.64 15.02
CA PHE F 205 0.14 17.48 15.38
C PHE F 205 -0.42 16.26 14.65
N VAL F 206 -0.89 15.30 15.43
CA VAL F 206 -1.68 14.16 14.96
C VAL F 206 -2.94 14.08 15.81
N GLU F 207 -4.07 13.89 15.14
CA GLU F 207 -5.38 13.95 15.82
C GLU F 207 -5.74 12.62 16.46
N ASN F 208 -6.01 11.61 15.64
CA ASN F 208 -6.42 10.31 16.16
C ASN F 208 -5.21 9.49 16.56
N SER F 209 -4.36 9.18 15.56
CA SER F 209 -3.03 8.57 15.68
C SER F 209 -2.99 7.17 16.25
N LYS F 210 -1.89 6.48 15.97
CA LYS F 210 -1.56 5.25 16.68
C LYS F 210 -0.19 5.45 17.34
N LEU F 211 0.16 6.70 17.59
CA LEU F 211 1.47 7.06 18.12
C LEU F 211 1.30 8.22 19.09
N SER F 212 1.88 8.09 20.29
CA SER F 212 1.87 9.16 21.26
C SER F 212 2.75 10.35 20.86
N LYS F 213 3.92 10.09 20.29
CA LYS F 213 4.76 11.12 19.70
C LYS F 213 4.85 10.86 18.19
N GLN F 214 4.71 11.92 17.41
CA GLN F 214 4.95 11.83 15.98
C GLN F 214 5.93 12.93 15.62
N LEU F 215 7.15 12.55 15.27
CA LEU F 215 8.22 13.48 14.98
C LEU F 215 8.23 13.84 13.51
N PHE F 216 8.61 15.08 13.22
CA PHE F 216 8.59 15.59 11.86
C PHE F 216 9.70 14.95 11.04
N ASP F 217 9.34 14.49 9.84
CA ASP F 217 10.28 13.78 8.99
C ASP F 217 10.24 14.32 7.57
N LEU F 218 11.39 14.31 6.92
CA LEU F 218 11.52 14.61 5.50
C LEU F 218 12.28 13.44 4.87
N ASN F 219 11.53 12.61 4.13
CA ASN F 219 12.02 11.34 3.57
C ASN F 219 12.60 10.43 4.66
N GLY F 220 11.95 10.41 5.82
CA GLY F 220 12.35 9.57 6.93
C GLY F 220 13.42 10.16 7.83
N GLN F 221 14.07 11.24 7.43
CA GLN F 221 15.10 11.88 8.24
C GLN F 221 14.45 12.90 9.17
N ALA F 222 14.91 12.91 10.42
CA ALA F 222 14.38 13.83 11.44
C ALA F 222 14.58 15.28 11.03
N ALA F 223 13.58 16.10 11.30
CA ALA F 223 13.54 17.44 10.77
C ALA F 223 12.74 18.33 11.69
N MET F 224 12.97 19.63 11.58
CA MET F 224 12.21 20.62 12.32
C MET F 224 11.32 21.42 11.37
N HIS F 225 10.19 21.89 11.89
CA HIS F 225 9.25 22.68 11.12
C HIS F 225 9.85 24.04 10.75
N ASP F 226 9.36 24.59 9.64
CA ASP F 226 9.75 25.93 9.24
C ASP F 226 9.17 26.99 10.16
N GLN F 227 8.04 26.70 10.80
CA GLN F 227 7.40 27.59 11.75
C GLN F 227 8.05 27.55 13.13
N LYS F 228 8.66 26.43 13.50
CA LYS F 228 9.39 26.31 14.76
C LYS F 228 10.73 27.03 14.71
N ILE F 229 11.42 26.92 13.58
CA ILE F 229 12.62 27.70 13.33
C ILE F 229 12.31 29.18 13.28
N GLY F 230 11.24 29.56 12.56
CA GLY F 230 10.86 30.95 12.44
C GLY F 230 10.31 31.54 13.71
N ASN F 231 9.83 30.70 14.61
CA ASN F 231 9.34 31.16 15.91
C ASN F 231 10.45 31.76 16.76
N ALA F 232 11.59 31.10 16.86
CA ALA F 232 12.69 31.59 17.68
C ALA F 232 13.45 32.73 17.05
N ILE F 233 13.43 32.85 15.71
CA ILE F 233 14.08 33.98 15.04
C ILE F 233 13.39 35.28 15.41
N ARG F 234 12.06 35.27 15.48
CA ARG F 234 11.30 36.46 15.85
C ARG F 234 11.09 36.58 17.36
N THR F 235 11.81 35.79 18.16
CA THR F 235 11.83 35.97 19.61
C THR F 235 12.80 37.10 19.95
N ILE F 236 12.34 38.31 19.70
CA ILE F 236 13.13 39.52 19.88
C ILE F 236 12.46 40.51 20.83
N ASP F 237 11.21 40.26 21.23
CA ASP F 237 10.41 41.23 21.96
C ASP F 237 10.86 41.28 23.41
N THR F 238 11.71 42.24 23.73
CA THR F 238 11.97 42.64 25.11
C THR F 238 11.33 43.98 25.42
N TRP F 239 10.37 44.40 24.60
CA TRP F 239 9.73 45.70 24.73
C TRP F 239 8.34 45.64 25.37
N TYR F 240 7.88 44.46 25.78
CA TYR F 240 6.57 44.36 26.40
C TYR F 240 6.64 44.82 27.85
N GLU F 241 5.46 44.97 28.45
CA GLU F 241 5.36 45.47 29.81
C GLU F 241 5.87 44.44 30.80
N ASP F 242 6.75 44.89 31.70
CA ASP F 242 7.48 44.05 32.67
C ASP F 242 8.23 42.92 31.96
N ALA F 243 9.14 43.33 31.08
CA ALA F 243 9.88 42.38 30.26
C ALA F 243 11.07 41.83 31.01
N THR F 244 11.15 40.50 31.06
CA THR F 244 12.29 39.82 31.65
C THR F 244 13.01 39.00 30.57
N THR F 245 12.26 38.17 29.85
CA THR F 245 12.80 37.32 28.81
C THR F 245 12.22 37.74 27.47
N PRO F 246 12.98 37.57 26.38
CA PRO F 246 12.40 37.79 25.04
C PRO F 246 11.30 36.81 24.71
N ILE F 247 10.26 37.31 24.04
CA ILE F 247 9.16 36.50 23.56
C ILE F 247 9.04 36.71 22.06
N ALA F 248 8.37 35.77 21.40
CA ALA F 248 8.14 35.83 19.96
C ALA F 248 7.17 36.95 19.68
N VAL F 249 7.42 37.71 18.61
CA VAL F 249 6.48 38.77 18.26
C VAL F 249 5.21 38.15 17.69
N GLU F 250 4.12 38.46 18.34
CA GLU F 250 2.75 38.14 18.02
C GLU F 250 1.94 39.44 18.11
N PRO F 251 0.79 39.52 17.45
CA PRO F 251 -0.05 40.72 17.63
C PRO F 251 -0.56 40.92 19.04
N TYR F 252 -0.66 39.85 19.82
CA TYR F 252 -1.06 39.96 21.23
C TYR F 252 0.02 39.48 22.17
N GLY F 253 1.23 39.28 21.65
CA GLY F 253 2.36 38.84 22.45
C GLY F 253 2.14 37.47 23.06
N SER F 254 1.47 36.60 22.31
CA SER F 254 0.97 35.36 22.87
C SER F 254 2.08 34.34 23.07
N VAL F 255 2.21 33.85 24.29
CA VAL F 255 3.01 32.68 24.58
C VAL F 255 2.05 31.61 25.08
N VAL F 256 1.56 30.78 24.16
CA VAL F 256 0.53 29.81 24.51
C VAL F 256 1.12 28.64 25.28
N ARG F 257 2.44 28.46 25.20
CA ARG F 257 3.10 27.42 25.99
C ARG F 257 3.13 27.80 27.46
N ASN F 258 3.14 29.11 27.75
CA ASN F 258 3.03 29.63 29.10
C ASN F 258 1.60 29.98 29.48
N GLY F 259 0.73 30.19 28.49
CA GLY F 259 -0.68 30.45 28.76
C GLY F 259 -1.00 31.88 29.11
N VAL F 260 -0.01 32.77 29.00
CA VAL F 260 -0.19 34.17 29.35
C VAL F 260 0.15 35.04 28.15
N ALA F 261 -0.74 35.98 27.82
CA ALA F 261 -0.49 36.98 26.79
C ALA F 261 0.07 38.24 27.44
N TYR F 262 1.27 38.62 27.00
CA TYR F 262 2.01 39.72 27.63
C TYR F 262 1.78 41.06 26.95
N ARG F 263 0.97 41.10 25.89
CA ARG F 263 0.74 42.34 25.16
C ARG F 263 -0.74 42.70 25.08
N ALA F 264 -1.63 41.83 25.53
CA ALA F 264 -3.06 42.05 25.40
C ALA F 264 -3.64 42.60 26.70
N GLY F 265 -4.58 43.53 26.55
CA GLY F 265 -5.32 44.07 27.67
C GLY F 265 -4.67 45.22 28.41
N ASN F 266 -3.54 45.73 27.93
CA ASN F 266 -2.88 46.86 28.57
C ASN F 266 -2.46 47.92 27.56
N LYS F 267 -3.22 48.05 26.47
CA LYS F 267 -3.08 49.08 25.44
C LYS F 267 -1.72 49.08 24.76
N THR F 268 -1.04 47.94 24.70
CA THR F 268 0.29 47.86 24.12
C THR F 268 0.36 46.81 23.00
N ASP F 269 -0.77 46.21 22.64
CA ASP F 269 -0.85 45.23 21.57
C ASP F 269 -0.60 45.89 20.22
N LEU F 270 -0.47 45.05 19.18
CA LEU F 270 -0.08 45.54 17.86
C LEU F 270 -1.18 46.37 17.23
N PHE F 271 -2.44 45.98 17.41
CA PHE F 271 -3.55 46.63 16.72
C PHE F 271 -3.77 48.05 17.23
N THR F 272 -3.67 48.25 18.54
CA THR F 272 -3.78 49.59 19.13
C THR F 272 -2.66 50.52 18.69
N LEU F 273 -1.42 50.04 18.67
CA LEU F 273 -0.30 50.85 18.20
C LEU F 273 -0.36 51.11 16.70
N MET F 274 -0.88 50.15 15.93
CA MET F 274 -1.09 50.34 14.49
C MET F 274 -2.13 51.43 14.24
N ASP F 275 -3.23 51.39 15.00
CA ASP F 275 -4.27 52.42 14.88
C ASP F 275 -3.75 53.78 15.31
N GLY F 276 -2.92 53.82 16.36
CA GLY F 276 -2.30 55.08 16.74
C GLY F 276 -1.32 55.59 15.70
N ALA F 277 -0.61 54.67 15.03
CA ALA F 277 0.36 55.06 14.01
C ALA F 277 -0.32 55.63 12.78
N VAL F 278 -1.45 55.03 12.37
CA VAL F 278 -2.14 55.56 11.19
C VAL F 278 -2.96 56.80 11.55
N ASN F 279 -3.35 56.92 12.82
CA ASN F 279 -4.16 58.07 13.22
C ASN F 279 -3.32 59.26 13.64
N GLY F 280 -2.08 59.06 14.06
CA GLY F 280 -1.20 60.18 14.33
C GLY F 280 -0.52 60.17 15.68
N LYS F 281 -0.62 59.06 16.41
CA LYS F 281 0.08 58.96 17.69
C LYS F 281 1.57 58.77 17.46
N SER F 282 2.36 59.44 18.28
CA SER F 282 3.82 59.34 18.22
C SER F 282 4.24 58.03 18.86
N LEU F 283 4.54 57.04 18.02
CA LEU F 283 4.92 55.72 18.52
C LEU F 283 6.33 55.77 19.12
N THR F 284 6.49 55.11 20.26
CA THR F 284 7.82 54.96 20.83
C THR F 284 8.63 53.98 19.99
N GLU F 285 9.96 54.10 20.08
CA GLU F 285 10.86 53.31 19.25
C GLU F 285 10.79 51.81 19.56
N GLU F 286 10.62 51.44 20.82
CA GLU F 286 10.43 50.05 21.19
C GLU F 286 9.05 49.52 20.81
N ASP F 287 8.07 50.40 20.61
CA ASP F 287 6.78 50.03 20.06
C ASP F 287 6.75 50.11 18.54
N GLN F 288 7.45 51.06 17.94
CA GLN F 288 7.58 51.12 16.48
C GLN F 288 8.31 49.90 15.95
N MET F 289 9.36 49.45 16.65
CA MET F 289 10.05 48.21 16.30
C MET F 289 9.13 47.01 16.42
N PHE F 290 8.24 47.00 17.42
CA PHE F 290 7.28 45.91 17.57
C PHE F 290 6.28 45.88 16.42
N VAL F 291 5.78 47.05 16.02
CA VAL F 291 4.81 47.13 14.94
C VAL F 291 5.45 46.71 13.61
N THR F 292 6.67 47.19 13.34
CA THR F 292 7.28 46.69 12.11
C THR F 292 7.84 45.30 12.24
N ALA F 293 7.98 44.72 13.43
CA ALA F 293 8.37 43.33 13.59
C ALA F 293 7.21 42.38 13.43
N ASN F 294 5.98 42.80 13.70
CA ASN F 294 4.81 42.01 13.36
C ASN F 294 4.51 42.02 11.87
N LEU F 295 4.90 43.08 11.16
CA LEU F 295 4.78 43.11 9.71
C LEU F 295 5.81 42.22 9.04
N ILE F 296 6.92 41.94 9.71
CA ILE F 296 7.88 40.93 9.28
C ILE F 296 7.44 39.53 9.67
N ARG F 297 6.80 39.36 10.84
CA ARG F 297 6.15 38.11 11.19
C ARG F 297 5.01 37.79 10.22
N GLY F 298 4.25 38.79 9.81
CA GLY F 298 3.07 38.58 9.01
C GLY F 298 1.85 38.34 9.87
N GLY F 299 0.72 38.19 9.20
CA GLY F 299 -0.53 37.97 9.91
C GLY F 299 -1.66 38.78 9.35
N VAL F 300 -2.87 38.55 9.84
CA VAL F 300 -4.06 39.25 9.38
C VAL F 300 -4.39 40.30 10.43
N PHE F 301 -4.28 41.57 10.04
CA PHE F 301 -4.39 42.69 10.96
C PHE F 301 -5.62 43.55 10.63
N GLY F 302 -6.66 42.91 10.13
CA GLY F 302 -7.88 43.62 9.78
C GLY F 302 -9.14 42.96 10.29
N GLY F 303 -10.15 43.75 10.61
CA GLY F 303 -11.40 43.24 11.14
C GLY F 303 -12.04 44.15 12.15
N THR G 2 -7.15 31.85 48.52
CA THR G 2 -6.28 31.81 47.36
C THR G 2 -6.57 30.60 46.49
N LYS G 3 -5.98 29.45 46.86
CA LYS G 3 -6.10 28.17 46.19
C LYS G 3 -5.72 28.27 44.72
N LEU G 4 -4.45 28.57 44.45
CA LEU G 4 -3.99 28.72 43.07
C LEU G 4 -3.86 27.33 42.46
N LYS G 5 -4.68 27.05 41.45
CA LYS G 5 -4.79 25.74 40.83
C LYS G 5 -3.60 25.50 39.91
N ALA G 6 -3.32 24.22 39.67
CA ALA G 6 -2.36 23.82 38.65
C ALA G 6 -2.91 24.22 37.29
N PRO G 7 -2.06 24.65 36.34
CA PRO G 7 -2.57 24.95 35.00
C PRO G 7 -3.02 23.70 34.28
N ALA G 8 -3.88 23.83 33.28
CA ALA G 8 -4.31 22.69 32.49
C ALA G 8 -3.15 22.05 31.76
N VAL G 9 -2.24 22.84 31.21
CA VAL G 9 -1.05 22.34 30.54
C VAL G 9 0.15 22.69 31.40
N LEU G 10 0.53 21.78 32.28
CA LEU G 10 1.75 21.92 33.06
C LEU G 10 2.63 20.71 32.82
N ALA G 11 3.88 20.95 32.40
CA ALA G 11 4.77 19.85 32.07
C ALA G 11 6.23 20.24 32.22
N TYR G 12 7.01 19.36 32.83
CA TYR G 12 8.44 19.52 32.95
C TYR G 12 9.13 18.46 32.10
N SER G 13 10.33 18.78 31.63
CA SER G 13 11.12 17.84 30.86
C SER G 13 12.07 17.10 31.78
N ARG G 14 12.64 16.01 31.28
CA ARG G 14 13.54 15.18 32.08
C ARG G 14 14.87 15.91 32.24
N LYS G 15 15.37 15.96 33.48
CA LYS G 15 16.67 16.53 33.75
C LYS G 15 17.72 15.44 33.96
N ILE G 16 17.33 14.19 33.76
CA ILE G 16 18.27 13.09 33.59
C ILE G 16 18.07 12.59 32.17
N ASN G 17 19.08 12.72 31.32
CA ASN G 17 18.95 12.32 29.94
C ASN G 17 20.00 11.28 29.59
N PRO G 18 19.80 10.01 29.95
CA PRO G 18 20.76 8.98 29.56
C PRO G 18 20.55 8.54 28.13
N THR G 19 21.68 8.29 27.46
CA THR G 19 21.64 7.68 26.14
C THR G 19 21.25 6.22 26.29
N ASN G 20 20.70 5.65 25.21
CA ASN G 20 20.40 4.23 25.23
C ASN G 20 21.69 3.41 25.28
N ALA G 21 21.79 2.59 26.32
CA ALA G 21 23.02 1.89 26.65
C ALA G 21 23.37 0.86 25.59
N LEU G 22 24.66 0.73 25.31
CA LEU G 22 25.17 -0.33 24.46
C LEU G 22 25.67 -1.47 25.33
N MET G 23 25.96 -2.61 24.69
CA MET G 23 26.49 -3.76 25.40
C MET G 23 27.71 -4.27 24.63
N PHE G 24 28.86 -4.22 25.28
CA PHE G 24 30.12 -4.69 24.70
C PHE G 24 30.58 -5.93 25.46
N ALA G 25 31.57 -6.61 24.88
CA ALA G 25 32.14 -7.80 25.48
C ALA G 25 33.63 -7.61 25.62
N VAL G 26 34.12 -7.61 26.86
CA VAL G 26 35.53 -7.46 27.16
C VAL G 26 35.96 -8.59 28.09
N ASN G 27 37.24 -8.58 28.44
CA ASN G 27 37.78 -9.45 29.47
C ASN G 27 37.98 -8.62 30.73
N TRP G 28 38.10 -9.30 31.87
CA TRP G 28 38.24 -8.59 33.13
C TRP G 28 39.61 -7.93 33.27
N SER G 29 40.65 -8.59 32.78
CA SER G 29 41.99 -8.00 32.85
C SER G 29 42.16 -6.92 31.79
N ASP G 30 41.93 -7.26 30.52
CA ASP G 30 42.03 -6.31 29.42
C ASP G 30 40.63 -5.77 29.13
N ARG G 31 40.39 -4.54 29.58
CA ARG G 31 39.08 -3.93 29.48
C ARG G 31 38.97 -3.02 28.26
N ASP G 32 39.87 -3.19 27.29
CA ASP G 32 39.91 -2.29 26.15
C ASP G 32 39.64 -2.98 24.81
N ASN G 33 39.68 -4.31 24.75
CA ASN G 33 39.37 -5.03 23.52
C ASN G 33 37.87 -5.27 23.42
N THR G 34 37.14 -4.18 23.17
CA THR G 34 35.69 -4.25 23.16
C THR G 34 35.16 -4.82 21.85
N THR G 35 34.43 -5.93 21.95
CA THR G 35 33.67 -6.43 20.81
C THR G 35 32.22 -6.04 21.00
N ALA G 36 31.36 -6.34 20.03
CA ALA G 36 29.96 -6.00 20.12
C ALA G 36 29.16 -7.24 20.44
N VAL G 37 28.31 -7.16 21.46
CA VAL G 37 27.39 -8.25 21.78
C VAL G 37 26.30 -8.29 20.72
N MET G 38 26.33 -9.32 19.89
CA MET G 38 25.43 -9.46 18.77
C MET G 38 24.15 -10.15 19.23
N VAL G 39 23.01 -9.54 18.95
CA VAL G 39 21.73 -10.15 19.25
C VAL G 39 21.46 -11.24 18.23
N GLY G 40 21.35 -12.48 18.71
CA GLY G 40 21.08 -13.59 17.83
C GLY G 40 19.60 -13.90 17.78
N THR G 41 19.23 -14.99 17.11
CA THR G 41 17.83 -15.39 17.03
C THR G 41 17.78 -16.91 17.12
N LYS G 42 17.60 -17.43 18.34
CA LYS G 42 17.46 -18.86 18.53
C LYS G 42 15.99 -19.25 18.50
N THR G 43 15.73 -20.55 18.41
CA THR G 43 14.37 -21.08 18.37
C THR G 43 14.27 -22.18 19.42
N VAL G 44 13.51 -21.92 20.48
CA VAL G 44 13.42 -22.85 21.59
C VAL G 44 12.33 -23.88 21.29
N ALA G 45 12.38 -25.02 21.96
CA ALA G 45 11.28 -25.97 21.96
C ALA G 45 10.87 -26.18 23.39
N GLY G 46 9.72 -25.64 23.77
CA GLY G 46 9.37 -25.61 25.17
C GLY G 46 8.02 -26.23 25.43
N THR G 47 7.51 -25.96 26.62
CA THR G 47 6.25 -26.54 27.05
C THR G 47 5.18 -25.46 27.12
N GLN G 48 3.93 -25.86 26.87
CA GLN G 48 2.77 -24.99 27.04
C GLN G 48 2.38 -25.08 28.51
N SER G 49 2.71 -24.04 29.28
CA SER G 49 2.58 -24.08 30.72
C SER G 49 1.75 -22.89 31.22
N VAL G 50 0.59 -22.70 30.59
CA VAL G 50 -0.40 -21.71 31.00
C VAL G 50 -0.99 -22.17 32.33
N ARG G 51 -1.43 -21.21 33.17
CA ARG G 51 -2.20 -21.55 34.37
C ARG G 51 -3.48 -22.29 34.02
N GLY G 52 -4.18 -21.83 32.98
CA GLY G 52 -5.32 -22.57 32.46
C GLY G 52 -4.83 -23.61 31.44
N ASN G 53 -5.77 -24.25 30.75
CA ASN G 53 -5.52 -25.26 29.72
C ASN G 53 -4.67 -26.41 30.26
N PRO G 54 -5.25 -27.12 31.25
CA PRO G 54 -4.58 -28.31 31.79
C PRO G 54 -4.64 -29.47 30.81
N ASN G 55 -5.56 -29.42 29.84
CA ASN G 55 -5.62 -30.40 28.76
C ASN G 55 -4.47 -30.26 27.77
N ASP G 56 -3.75 -29.14 27.81
CA ASP G 56 -2.54 -28.95 27.02
C ASP G 56 -1.33 -29.55 27.74
N ALA G 57 -0.13 -29.17 27.29
CA ALA G 57 1.15 -29.73 27.75
C ALA G 57 1.23 -31.23 27.48
N ASP G 58 0.57 -31.69 26.43
CA ASP G 58 0.84 -32.99 25.86
C ASP G 58 1.35 -32.75 24.44
N LYS G 59 1.33 -31.48 24.04
CA LYS G 59 1.80 -30.99 22.77
C LYS G 59 3.12 -30.25 22.98
N GLY G 60 3.64 -29.65 21.91
CA GLY G 60 4.88 -28.91 21.96
C GLY G 60 4.63 -27.41 22.02
N ASN G 61 5.73 -26.68 22.18
CA ASN G 61 5.71 -25.24 22.06
C ASN G 61 7.01 -24.78 21.43
N ILE G 62 6.92 -24.32 20.19
CA ILE G 62 8.06 -23.83 19.43
C ILE G 62 7.92 -22.32 19.36
N GLN G 63 8.92 -21.60 19.86
CA GLN G 63 8.99 -20.15 19.68
C GLN G 63 10.40 -19.75 19.30
N THR G 64 10.50 -18.66 18.54
CA THR G 64 11.78 -18.06 18.21
C THR G 64 11.95 -16.79 19.04
N VAL G 65 13.08 -16.67 19.72
CA VAL G 65 13.36 -15.54 20.59
C VAL G 65 14.69 -14.93 20.18
N ASN G 66 14.87 -13.66 20.53
CA ASN G 66 16.16 -13.01 20.37
C ASN G 66 16.98 -13.22 21.64
N PHE G 67 18.22 -13.65 21.45
CA PHE G 67 19.11 -13.86 22.58
C PHE G 67 20.40 -13.09 22.34
N ALA G 68 20.92 -12.53 23.42
CA ALA G 68 22.22 -11.88 23.41
C ALA G 68 23.08 -12.56 24.47
N ASN G 69 24.23 -13.07 24.04
CA ASN G 69 25.09 -13.82 24.93
C ASN G 69 26.50 -13.26 24.83
N LEU G 70 27.23 -13.36 25.93
CA LEU G 70 28.64 -13.05 25.92
C LEU G 70 29.37 -14.06 25.01
N PRO G 71 30.35 -13.61 24.23
CA PRO G 71 31.23 -14.56 23.54
C PRO G 71 31.99 -15.42 24.54
N HIS G 72 32.31 -16.64 24.13
CA HIS G 72 32.93 -17.58 25.06
C HIS G 72 34.40 -17.31 25.32
N ASN G 73 35.01 -16.37 24.61
CA ASN G 73 36.37 -15.94 24.88
C ASN G 73 36.42 -14.65 25.69
N LYS G 74 35.26 -14.08 26.04
CA LYS G 74 35.19 -12.86 26.82
C LYS G 74 34.32 -13.08 28.04
N ASN G 75 34.88 -12.79 29.22
CA ASN G 75 34.23 -13.13 30.48
C ASN G 75 33.57 -11.95 31.17
N THR G 76 33.50 -10.79 30.51
CA THR G 76 32.97 -9.62 31.20
C THR G 76 32.12 -8.80 30.22
N LEU G 77 30.87 -8.55 30.62
CA LEU G 77 29.97 -7.69 29.88
C LEU G 77 30.28 -6.23 30.19
N LEU G 78 30.41 -5.43 29.13
CA LEU G 78 30.61 -4.00 29.27
C LEU G 78 29.35 -3.29 28.78
N VAL G 79 28.73 -2.50 29.66
CA VAL G 79 27.56 -1.72 29.33
C VAL G 79 27.95 -0.24 29.35
N LYS G 80 27.83 0.42 28.20
CA LYS G 80 28.28 1.78 28.03
C LYS G 80 27.10 2.69 27.73
N TYR G 81 26.95 3.74 28.53
CA TYR G 81 25.98 4.79 28.26
C TYR G 81 26.52 6.11 28.81
N ASN G 82 25.90 7.20 28.38
CA ASN G 82 26.24 8.53 28.89
C ASN G 82 25.01 9.14 29.53
N VAL G 83 25.11 9.50 30.80
CA VAL G 83 24.02 10.13 31.54
C VAL G 83 24.24 11.63 31.48
N LYS G 84 23.22 12.37 31.07
CA LYS G 84 23.30 13.81 31.00
C LYS G 84 22.39 14.43 32.05
N PHE G 85 23.00 14.99 33.09
CA PHE G 85 22.28 15.65 34.16
C PHE G 85 22.19 17.14 33.83
N VAL G 86 21.14 17.52 33.10
CA VAL G 86 20.99 18.92 32.76
C VAL G 86 20.34 19.67 33.91
N GLY G 87 20.54 20.98 33.94
CA GLY G 87 20.01 21.82 34.99
C GLY G 87 18.71 22.48 34.61
N ASP G 88 18.42 23.62 35.26
CA ASP G 88 17.19 24.39 35.13
C ASP G 88 15.98 23.51 35.37
N VAL G 89 15.96 22.85 36.54
CA VAL G 89 14.96 21.85 36.87
C VAL G 89 13.57 22.44 37.01
N PHE G 90 13.44 23.58 37.69
CA PHE G 90 12.15 24.12 38.09
C PHE G 90 11.48 24.92 36.98
N LYS G 91 12.12 25.06 35.83
CA LYS G 91 11.48 25.70 34.69
C LYS G 91 10.72 24.66 33.87
N ALA G 92 9.44 24.93 33.66
CA ALA G 92 8.54 24.02 32.97
C ALA G 92 8.47 24.38 31.49
N GLU G 93 8.46 23.33 30.65
CA GLU G 93 8.35 23.52 29.22
C GLU G 93 6.93 23.95 28.85
N LEU G 94 5.94 23.30 29.44
CA LEU G 94 4.55 23.70 29.25
C LEU G 94 4.01 24.29 30.54
N GLY G 95 3.35 25.44 30.42
CA GLY G 95 2.97 26.21 31.58
C GLY G 95 4.12 27.03 32.12
N GLY G 96 3.87 27.65 33.27
CA GLY G 96 4.86 28.52 33.86
C GLY G 96 4.23 29.81 34.33
N GLY G 97 4.76 30.38 35.40
CA GLY G 97 4.13 31.55 35.98
C GLY G 97 3.12 31.12 37.02
N GLU G 98 3.07 31.88 38.12
CA GLU G 98 2.22 31.61 39.29
C GLU G 98 2.46 30.24 39.89
N TYR G 99 1.89 29.19 39.28
CA TYR G 99 1.96 27.85 39.86
C TYR G 99 3.38 27.29 39.82
N SER G 100 4.05 27.44 38.67
CA SER G 100 5.42 26.95 38.57
C SER G 100 6.39 27.83 39.34
N ASN G 101 6.15 29.15 39.33
CA ASN G 101 7.07 30.08 39.97
C ASN G 101 6.94 30.11 41.48
N THR G 102 5.76 29.84 42.04
CA THR G 102 5.59 29.73 43.49
C THR G 102 5.79 28.29 43.96
N LEU G 103 6.18 27.42 43.04
CA LEU G 103 6.73 26.11 43.39
C LEU G 103 8.25 26.08 43.31
N GLN G 104 8.85 26.82 42.37
CA GLN G 104 10.29 27.02 42.38
C GLN G 104 10.74 27.75 43.65
N THR G 105 10.00 28.77 44.07
CA THR G 105 10.20 29.36 45.40
C THR G 105 9.27 28.72 46.42
N ALA G 106 9.21 27.39 46.41
CA ALA G 106 8.68 26.59 47.50
C ALA G 106 9.60 25.40 47.67
N LEU G 107 10.43 25.17 46.64
CA LEU G 107 11.44 24.15 46.60
C LEU G 107 12.74 24.88 46.30
N GLU G 108 13.35 25.45 47.36
CA GLU G 108 14.58 26.18 47.24
C GLU G 108 15.55 25.89 48.37
N ASN G 109 15.07 25.34 49.48
CA ASN G 109 15.92 24.86 50.56
C ASN G 109 15.93 23.33 50.56
N THR G 110 15.55 22.74 49.43
CA THR G 110 15.53 21.30 49.27
C THR G 110 16.96 20.76 49.28
N ASP G 111 17.13 19.60 49.92
CA ASP G 111 18.44 18.98 50.02
C ASP G 111 18.79 18.38 48.66
N PHE G 112 19.31 19.22 47.77
CA PHE G 112 19.66 18.81 46.41
C PHE G 112 20.91 17.96 46.39
N GLY G 113 21.74 18.05 47.43
CA GLY G 113 22.90 17.19 47.55
C GLY G 113 22.52 15.75 47.76
N THR G 114 21.53 15.50 48.62
CA THR G 114 21.08 14.14 48.90
C THR G 114 20.33 13.55 47.71
N LEU G 115 19.62 14.39 46.94
CA LEU G 115 18.99 13.93 45.72
C LEU G 115 20.02 13.51 44.68
N ALA G 116 21.02 14.35 44.43
CA ALA G 116 22.10 14.02 43.52
C ALA G 116 23.03 12.96 44.08
N TYR G 117 23.04 12.77 45.40
CA TYR G 117 23.72 11.64 46.02
C TYR G 117 23.12 10.31 45.59
N ARG G 118 21.80 10.16 45.74
CA ARG G 118 21.15 8.91 45.37
C ARG G 118 20.99 8.79 43.86
N TYR G 119 21.04 9.89 43.12
CA TYR G 119 20.97 9.83 41.66
C TYR G 119 22.24 9.26 41.02
N VAL G 120 23.42 9.51 41.58
CA VAL G 120 24.64 9.04 40.93
C VAL G 120 25.16 7.83 41.68
N TYR G 121 24.50 7.49 42.80
CA TYR G 121 24.82 6.22 43.45
C TYR G 121 24.10 5.08 42.74
N ASN G 122 23.03 5.38 42.01
CA ASN G 122 22.33 4.37 41.23
C ASN G 122 22.99 4.17 39.86
N ILE G 123 24.02 4.94 39.55
CA ILE G 123 24.79 4.75 38.32
C ILE G 123 26.16 4.22 38.75
N ALA G 124 26.34 4.08 40.07
CA ALA G 124 27.62 3.63 40.60
C ALA G 124 27.48 2.27 41.26
N ALA G 125 26.32 2.00 41.84
CA ALA G 125 26.02 0.67 42.36
C ALA G 125 25.58 -0.29 41.26
N GLY G 126 25.41 0.21 40.04
CA GLY G 126 25.09 -0.63 38.91
C GLY G 126 23.66 -1.09 38.87
N ARG G 127 22.74 -0.29 39.40
CA ARG G 127 21.32 -0.64 39.34
C ARG G 127 20.74 -0.49 37.94
N THR G 128 21.45 0.19 37.03
CA THR G 128 21.02 0.35 35.65
C THR G 128 21.31 -0.90 34.80
N LEU G 129 21.69 -2.01 35.42
CA LEU G 129 22.02 -3.23 34.72
C LEU G 129 20.95 -4.30 34.86
N TRP G 130 20.18 -4.26 35.95
CA TRP G 130 19.01 -5.12 36.20
C TRP G 130 19.38 -6.59 36.26
N ARG G 131 18.97 -7.36 35.25
CA ARG G 131 19.27 -8.78 35.24
C ARG G 131 20.71 -9.07 34.84
N ASN G 132 21.47 -8.05 34.42
CA ASN G 132 22.89 -8.22 34.22
C ASN G 132 23.68 -8.19 35.52
N ARG G 133 23.04 -7.83 36.64
CA ARG G 133 23.69 -7.86 37.93
C ARG G 133 23.82 -9.25 38.52
N VAL G 134 22.83 -10.12 38.32
CA VAL G 134 22.82 -11.41 38.99
C VAL G 134 23.84 -12.33 38.33
N GLY G 135 24.57 -13.06 39.16
CA GLY G 135 25.62 -13.94 38.69
C GLY G 135 26.95 -13.28 38.47
N ALA G 136 27.03 -11.96 38.61
CA ALA G 136 28.30 -11.26 38.46
C ALA G 136 29.17 -11.47 39.69
N GLU G 137 30.47 -11.68 39.45
CA GLU G 137 31.41 -11.81 40.56
C GLU G 137 31.63 -10.46 41.21
N SER G 138 32.06 -9.48 40.43
CA SER G 138 32.21 -8.11 40.88
C SER G 138 31.80 -7.17 39.76
N ILE G 139 30.94 -6.21 40.09
CA ILE G 139 30.47 -5.21 39.13
C ILE G 139 31.32 -3.96 39.33
N GLU G 140 32.22 -3.69 38.38
CA GLU G 140 33.08 -2.52 38.47
C GLU G 140 32.56 -1.45 37.52
N THR G 141 32.30 -0.26 38.06
CA THR G 141 31.80 0.87 37.30
C THR G 141 32.89 1.91 37.13
N VAL G 142 33.06 2.37 35.90
CA VAL G 142 33.99 3.46 35.60
C VAL G 142 33.14 4.63 35.11
N ILE G 143 33.08 5.68 35.92
CA ILE G 143 32.37 6.90 35.56
C ILE G 143 33.40 7.99 35.32
N THR G 144 33.47 8.48 34.08
CA THR G 144 34.35 9.59 33.75
C THR G 144 33.53 10.84 33.49
N VAL G 145 33.72 11.84 34.34
CA VAL G 145 33.07 13.13 34.20
C VAL G 145 34.14 14.22 34.27
N ASN G 146 33.99 15.21 33.37
CA ASN G 146 34.81 16.42 33.14
C ASN G 146 36.31 16.20 33.35
N ASP G 147 36.85 15.19 32.66
CA ASP G 147 38.27 14.82 32.65
C ASP G 147 38.78 14.44 34.04
N GLN G 148 37.97 13.68 34.77
CA GLN G 148 38.44 12.95 35.95
C GLN G 148 37.58 11.71 36.10
N THR G 149 38.19 10.54 35.93
CA THR G 149 37.48 9.27 36.01
C THR G 149 37.31 8.84 37.45
N PHE G 150 36.26 8.04 37.69
CA PHE G 150 35.95 7.51 39.00
C PHE G 150 35.64 6.03 38.87
N THR G 151 36.17 5.22 39.78
CA THR G 151 36.02 3.77 39.73
C THR G 151 35.28 3.29 40.97
N PHE G 152 34.24 2.46 40.76
CA PHE G 152 33.43 1.92 41.84
C PHE G 152 33.25 0.43 41.61
N SER G 153 33.53 -0.38 42.64
CA SER G 153 33.57 -1.82 42.45
C SER G 153 32.68 -2.62 43.42
N ASP G 154 32.44 -2.13 44.63
CA ASP G 154 31.78 -2.96 45.64
C ASP G 154 30.67 -2.23 46.39
N LEU G 155 29.82 -1.51 45.67
CA LEU G 155 28.77 -0.73 46.29
C LEU G 155 27.50 -1.55 46.44
N LEU G 156 26.92 -1.54 47.65
CA LEU G 156 25.65 -2.21 47.90
C LEU G 156 24.54 -1.46 47.18
N VAL G 157 23.68 -2.20 46.49
CA VAL G 157 22.77 -1.57 45.53
C VAL G 157 21.55 -0.98 46.24
N ASN G 158 21.14 -1.59 47.35
CA ASN G 158 19.90 -1.16 47.99
C ASN G 158 20.12 -0.13 49.09
N GLU G 159 21.21 -0.24 49.83
CA GLU G 159 21.50 0.68 50.92
C GLU G 159 22.33 1.84 50.40
N PHE G 160 21.79 3.06 50.52
CA PHE G 160 22.52 4.27 50.14
C PHE G 160 23.53 4.58 51.24
N ASP G 161 24.67 3.90 51.21
CA ASP G 161 25.67 4.01 52.24
C ASP G 161 26.72 5.05 51.87
N GLU G 162 27.58 5.36 52.83
CA GLU G 162 28.56 6.43 52.64
C GLU G 162 29.72 5.97 51.77
N ASP G 163 30.05 6.79 50.77
CA ASP G 163 31.22 6.56 49.93
C ASP G 163 31.70 7.92 49.43
N VAL G 164 33.01 8.16 49.54
CA VAL G 164 33.55 9.50 49.33
C VAL G 164 33.65 9.88 47.86
N ASP G 165 33.59 8.91 46.95
CA ASP G 165 33.75 9.19 45.53
C ASP G 165 32.47 9.16 44.74
N VAL G 166 31.35 8.74 45.34
CA VAL G 166 30.04 8.92 44.72
C VAL G 166 29.48 10.23 45.24
N ALA G 167 30.13 10.81 46.25
CA ALA G 167 29.76 12.12 46.77
C ALA G 167 30.51 13.26 46.10
N GLU G 168 31.71 13.00 45.58
CA GLU G 168 32.41 14.00 44.77
C GLU G 168 31.78 14.18 43.41
N ILE G 169 31.23 13.11 42.84
CA ILE G 169 30.45 13.22 41.61
C ILE G 169 29.15 13.96 41.88
N ALA G 170 28.48 13.65 43.00
CA ALA G 170 27.22 14.28 43.34
C ALA G 170 27.36 15.77 43.63
N ASP G 171 28.55 16.23 44.03
CA ASP G 171 28.80 17.66 44.15
C ASP G 171 28.79 18.37 42.80
N MET G 172 29.22 17.70 41.73
CA MET G 172 29.14 18.30 40.40
C MET G 172 27.73 18.22 39.84
N VAL G 173 26.90 17.33 40.39
CA VAL G 173 25.54 17.15 39.92
C VAL G 173 24.56 18.05 40.69
N ALA G 174 24.75 18.19 42.01
CA ALA G 174 23.89 19.03 42.81
C ALA G 174 24.20 20.51 42.62
N GLY G 175 25.32 20.83 41.98
CA GLY G 175 25.61 22.19 41.60
C GLY G 175 24.97 22.52 40.27
N VAL G 176 24.48 21.49 39.60
CA VAL G 176 23.78 21.67 38.32
C VAL G 176 22.27 21.54 38.53
N LEU G 177 21.84 20.52 39.28
CA LEU G 177 20.41 20.30 39.52
C LEU G 177 19.80 21.39 40.38
N SER G 178 20.59 22.04 41.23
CA SER G 178 20.11 23.17 42.01
C SER G 178 20.55 24.48 41.35
N GLY G 179 20.62 24.48 40.03
CA GLY G 179 21.04 25.66 39.29
C GLY G 179 20.84 25.51 37.80
N GLU G 180 21.78 26.05 37.03
CA GLU G 180 21.68 26.04 35.57
C GLU G 180 22.93 25.38 34.98
N GLY G 181 22.78 24.90 33.76
CA GLY G 181 23.87 24.26 33.04
C GLY G 181 23.57 22.79 32.83
N PHE G 182 24.64 22.00 32.72
CA PHE G 182 24.52 20.57 32.53
C PHE G 182 25.81 19.92 33.00
N VAL G 183 25.75 18.60 33.19
CA VAL G 183 26.94 17.79 33.41
C VAL G 183 26.67 16.42 32.81
N THR G 184 27.72 15.75 32.36
CA THR G 184 27.58 14.51 31.62
C THR G 184 28.49 13.44 32.22
N LEU G 185 27.88 12.39 32.77
CA LEU G 185 28.61 11.23 33.25
C LEU G 185 28.69 10.20 32.13
N LYS G 186 29.90 9.92 31.67
CA LYS G 186 30.14 8.88 30.68
C LYS G 186 30.43 7.59 31.45
N VAL G 187 29.46 6.70 31.48
CA VAL G 187 29.47 5.57 32.40
C VAL G 187 29.81 4.30 31.67
N GLU G 188 30.72 3.51 32.25
CA GLU G 188 31.07 2.19 31.77
C GLU G 188 30.86 1.20 32.90
N HIS G 189 30.27 0.05 32.58
CA HIS G 189 29.87 -0.95 33.58
C HIS G 189 30.53 -2.28 33.25
N TYR G 190 31.53 -2.68 34.03
CA TYR G 190 32.18 -3.96 33.85
C TYR G 190 31.70 -4.93 34.94
N MET G 191 31.17 -6.06 34.52
CA MET G 191 30.70 -7.09 35.45
C MET G 191 31.30 -8.43 35.04
N LEU G 192 31.88 -9.15 35.99
CA LEU G 192 32.49 -10.44 35.69
C LEU G 192 31.40 -11.49 35.79
N LEU G 193 30.64 -11.62 34.70
CA LEU G 193 29.59 -12.63 34.63
C LEU G 193 30.17 -14.02 34.44
N GLY G 194 30.95 -14.19 33.37
CA GLY G 194 31.49 -15.50 33.04
C GLY G 194 31.68 -15.61 31.54
N GLU G 195 32.27 -16.73 31.13
CA GLU G 195 32.58 -16.96 29.72
C GLU G 195 31.35 -17.58 29.06
N GLY G 196 30.81 -16.88 28.07
CA GLY G 196 29.66 -17.39 27.36
C GLY G 196 28.35 -17.26 28.09
N SER G 197 28.28 -16.42 29.12
CA SER G 197 27.06 -16.26 29.90
C SER G 197 26.05 -15.42 29.14
N GLU G 198 24.80 -15.46 29.59
CA GLU G 198 23.72 -14.72 28.95
C GLU G 198 23.63 -13.32 29.53
N VAL G 199 23.75 -12.32 28.67
CA VAL G 199 23.50 -10.93 29.04
C VAL G 199 22.04 -10.65 28.76
N PHE G 200 21.51 -9.60 29.40
CA PHE G 200 20.09 -9.32 29.36
C PHE G 200 19.84 -7.89 28.90
N PRO G 201 19.69 -7.65 27.61
CA PRO G 201 19.31 -6.32 27.13
C PRO G 201 17.86 -6.01 27.42
N SER G 202 17.45 -4.77 27.17
CA SER G 202 16.05 -4.39 27.23
C SER G 202 15.30 -5.07 26.10
N GLN G 203 14.08 -5.51 26.37
CA GLN G 203 13.28 -6.20 25.38
C GLN G 203 12.29 -5.22 24.75
N GLU G 204 12.23 -5.22 23.43
CA GLU G 204 11.34 -4.33 22.70
C GLU G 204 9.91 -4.84 22.74
N PHE G 205 8.98 -3.92 22.91
CA PHE G 205 7.56 -4.19 22.72
C PHE G 205 7.31 -4.55 21.25
N VAL G 206 6.64 -5.68 21.02
CA VAL G 206 6.30 -6.12 19.67
C VAL G 206 4.79 -6.36 19.61
N GLU G 207 4.18 -5.88 18.52
CA GLU G 207 2.74 -6.00 18.34
C GLU G 207 2.40 -7.16 17.40
N ASN G 208 3.04 -7.19 16.24
CA ASN G 208 2.86 -8.28 15.27
C ASN G 208 3.36 -9.59 15.85
N SER G 209 4.53 -9.55 16.50
CA SER G 209 5.10 -10.62 17.32
C SER G 209 5.29 -11.94 16.59
N LYS G 210 6.06 -11.92 15.50
CA LYS G 210 6.57 -13.18 14.95
C LYS G 210 7.51 -13.83 15.94
N LEU G 211 8.37 -13.05 16.57
CA LEU G 211 9.24 -13.52 17.65
C LEU G 211 8.44 -13.57 18.95
N SER G 212 8.94 -14.31 19.93
CA SER G 212 8.32 -14.29 21.24
C SER G 212 9.09 -13.42 22.22
N LYS G 213 10.29 -12.98 21.86
CA LYS G 213 11.11 -12.10 22.69
C LYS G 213 12.06 -11.33 21.79
N GLN G 214 11.78 -10.05 21.58
CA GLN G 214 12.63 -9.22 20.74
C GLN G 214 13.46 -8.28 21.62
N LEU G 215 14.75 -8.55 21.71
CA LEU G 215 15.67 -7.70 22.44
C LEU G 215 15.93 -6.43 21.65
N PHE G 216 16.21 -5.35 22.38
CA PHE G 216 16.52 -4.07 21.75
C PHE G 216 17.89 -4.14 21.08
N ASP G 217 17.95 -3.64 19.85
CA ASP G 217 19.19 -3.67 19.09
C ASP G 217 19.47 -2.29 18.53
N LEU G 218 20.77 -1.97 18.42
CA LEU G 218 21.24 -0.72 17.85
C LEU G 218 22.28 -1.10 16.80
N ASN G 219 21.82 -1.19 15.54
CA ASN G 219 22.59 -1.68 14.39
C ASN G 219 23.16 -3.08 14.67
N GLY G 220 22.34 -3.91 15.30
CA GLY G 220 22.72 -5.28 15.62
C GLY G 220 23.32 -5.47 16.99
N GLN G 221 23.95 -4.44 17.53
CA GLN G 221 24.52 -4.50 18.88
C GLN G 221 23.42 -4.61 19.93
N ALA G 222 23.64 -5.45 20.93
CA ALA G 222 22.74 -5.56 22.05
C ALA G 222 22.70 -4.25 22.83
N ALA G 223 21.50 -3.86 23.24
CA ALA G 223 21.32 -2.52 23.76
C ALA G 223 20.18 -2.48 24.77
N MET G 224 20.30 -1.58 25.73
CA MET G 224 19.25 -1.29 26.68
C MET G 224 18.59 0.04 26.31
N HIS G 225 17.31 0.17 26.61
CA HIS G 225 16.57 1.38 26.32
C HIS G 225 17.07 2.54 27.18
N ASP G 226 16.99 3.74 26.62
CA ASP G 226 17.33 4.96 27.34
C ASP G 226 16.38 5.23 28.49
N GLN G 227 15.12 4.82 28.36
CA GLN G 227 14.15 4.96 29.43
C GLN G 227 14.29 3.86 30.47
N LYS G 228 15.02 2.80 30.18
CA LYS G 228 15.31 1.73 31.13
C LYS G 228 16.51 2.06 32.01
N ILE G 229 17.55 2.64 31.42
CA ILE G 229 18.66 3.18 32.20
C ILE G 229 18.18 4.33 33.07
N GLY G 230 17.35 5.22 32.51
CA GLY G 230 16.83 6.33 33.28
C GLY G 230 15.83 5.94 34.34
N ASN G 231 15.18 4.78 34.19
CA ASN G 231 14.30 4.25 35.22
C ASN G 231 15.06 3.87 36.48
N ALA G 232 16.25 3.31 36.35
CA ALA G 232 17.02 2.90 37.51
C ALA G 232 17.86 4.01 38.11
N ILE G 233 18.09 5.10 37.39
CA ILE G 233 18.75 6.26 37.99
C ILE G 233 17.82 6.92 39.00
N ARG G 234 16.52 6.97 38.69
CA ARG G 234 15.54 7.60 39.55
C ARG G 234 15.01 6.67 40.64
N THR G 235 15.55 5.46 40.77
CA THR G 235 15.12 4.54 41.82
C THR G 235 15.73 4.98 43.15
N ILE G 236 15.21 6.09 43.66
CA ILE G 236 15.75 6.74 44.85
C ILE G 236 14.69 6.96 45.91
N ASP G 237 13.42 6.69 45.60
CA ASP G 237 12.29 7.00 46.48
C ASP G 237 12.26 5.98 47.61
N THR G 238 12.77 6.39 48.78
CA THR G 238 12.66 5.61 50.01
C THR G 238 11.93 6.38 51.09
N TRP G 239 10.98 7.25 50.69
CA TRP G 239 10.33 8.15 51.63
C TRP G 239 8.81 8.09 51.48
N TYR G 240 8.28 6.92 51.11
CA TYR G 240 6.85 6.74 51.12
C TYR G 240 6.41 6.02 52.39
N GLU G 241 5.14 5.60 52.39
CA GLU G 241 4.60 4.88 53.54
C GLU G 241 5.17 3.47 53.60
N ASP G 242 5.78 3.14 54.74
CA ASP G 242 6.40 1.84 55.03
C ASP G 242 7.48 1.50 53.99
N ALA G 243 8.53 2.32 53.99
CA ALA G 243 9.58 2.21 52.99
C ALA G 243 10.50 1.02 53.28
N THR G 244 10.60 0.13 52.30
CA THR G 244 11.48 -1.03 52.39
C THR G 244 12.62 -0.93 51.38
N THR G 245 12.27 -0.78 50.10
CA THR G 245 13.26 -0.76 49.03
C THR G 245 13.06 0.47 48.17
N PRO G 246 14.13 1.00 47.55
CA PRO G 246 13.96 2.13 46.62
C PRO G 246 13.16 1.77 45.38
N ILE G 247 12.21 2.61 45.00
CA ILE G 247 11.55 2.49 43.70
C ILE G 247 11.80 3.78 42.95
N ALA G 248 11.46 3.79 41.65
CA ALA G 248 11.59 4.97 40.82
C ALA G 248 10.60 6.02 41.26
N VAL G 249 11.03 7.28 41.23
CA VAL G 249 10.09 8.36 41.53
C VAL G 249 9.13 8.51 40.35
N GLU G 250 7.86 8.33 40.65
CA GLU G 250 6.74 8.48 39.74
C GLU G 250 5.77 9.40 40.44
N PRO G 251 4.87 10.07 39.70
CA PRO G 251 3.90 10.96 40.37
C PRO G 251 2.94 10.24 41.32
N TYR G 252 2.78 8.93 41.19
CA TYR G 252 1.96 8.16 42.11
C TYR G 252 2.77 7.13 42.90
N GLY G 253 4.08 7.10 42.72
CA GLY G 253 4.90 6.06 43.33
C GLY G 253 4.58 4.66 42.86
N SER G 254 4.29 4.49 41.57
CA SER G 254 3.76 3.23 41.10
C SER G 254 4.87 2.32 40.57
N VAL G 255 4.76 1.04 40.87
CA VAL G 255 5.64 0.01 40.33
C VAL G 255 4.74 -0.88 39.47
N VAL G 256 4.89 -0.78 38.15
CA VAL G 256 3.98 -1.46 37.25
C VAL G 256 4.26 -2.96 37.20
N ARG G 257 5.49 -3.37 37.50
CA ARG G 257 5.79 -4.79 37.56
C ARG G 257 5.36 -5.43 38.87
N ASN G 258 5.00 -4.64 39.87
CA ASN G 258 4.48 -5.14 41.13
C ASN G 258 2.97 -5.03 41.24
N GLY G 259 2.32 -4.22 40.40
CA GLY G 259 0.88 -4.07 40.43
C GLY G 259 0.34 -3.20 41.54
N VAL G 260 1.20 -2.49 42.25
CA VAL G 260 0.77 -1.64 43.36
C VAL G 260 1.41 -0.27 43.19
N ALA G 261 0.78 0.74 43.79
CA ALA G 261 1.31 2.11 43.79
C ALA G 261 1.46 2.55 45.23
N TYR G 262 2.70 2.80 45.65
CA TYR G 262 3.01 3.06 47.06
C TYR G 262 2.61 4.46 47.50
N ARG G 263 2.79 5.48 46.67
CA ARG G 263 2.50 6.86 47.05
C ARG G 263 1.06 7.26 46.78
N ALA G 264 0.35 6.49 45.97
CA ALA G 264 -1.00 6.88 45.55
C ALA G 264 -2.03 6.56 46.61
N GLY G 265 -2.89 7.53 46.91
CA GLY G 265 -4.06 7.30 47.74
C GLY G 265 -4.00 7.87 49.15
N ASN G 266 -2.90 7.63 49.86
CA ASN G 266 -2.76 8.12 51.24
C ASN G 266 -2.05 9.47 51.31
N LYS G 267 -2.52 10.41 50.50
CA LYS G 267 -2.22 11.85 50.56
C LYS G 267 -0.72 12.16 50.54
N THR G 268 0.03 11.32 49.82
CA THR G 268 1.46 11.57 49.69
C THR G 268 1.95 11.44 48.25
N ASP G 269 1.06 11.29 47.26
CA ASP G 269 1.49 11.33 45.88
C ASP G 269 1.85 12.76 45.49
N LEU G 270 2.41 12.90 44.29
CA LEU G 270 3.07 14.15 43.89
C LEU G 270 2.07 15.30 43.74
N PHE G 271 0.92 15.04 43.13
CA PHE G 271 -0.03 16.11 42.81
C PHE G 271 -0.62 16.73 44.08
N THR G 272 -0.95 15.91 45.07
CA THR G 272 -1.44 16.40 46.35
C THR G 272 -0.30 16.82 47.27
N LEU G 273 0.95 16.74 46.80
CA LEU G 273 2.08 17.28 47.53
C LEU G 273 2.50 18.59 46.88
N MET G 274 2.50 18.60 45.54
CA MET G 274 2.78 19.81 44.78
C MET G 274 1.73 20.89 45.01
N ASP G 275 0.46 20.51 45.06
CA ASP G 275 -0.61 21.47 45.34
C ASP G 275 -0.49 22.04 46.74
N GLY G 276 -0.12 21.21 47.73
CA GLY G 276 0.13 21.72 49.06
C GLY G 276 1.35 22.61 49.16
N ALA G 277 2.41 22.30 48.41
CA ALA G 277 3.60 23.13 48.40
C ALA G 277 3.32 24.49 47.76
N VAL G 278 2.52 24.51 46.70
CA VAL G 278 2.17 25.77 46.04
C VAL G 278 1.25 26.60 46.93
N ASN G 279 0.23 25.94 47.52
CA ASN G 279 -0.77 26.64 48.31
C ASN G 279 -0.21 27.21 49.61
N GLY G 280 0.86 26.60 50.12
CA GLY G 280 1.55 27.20 51.25
C GLY G 280 1.77 26.28 52.44
N LYS G 281 1.49 24.99 52.28
CA LYS G 281 1.79 24.03 53.33
C LYS G 281 3.29 23.81 53.44
N SER G 282 3.76 23.70 54.69
CA SER G 282 5.18 23.49 54.94
C SER G 282 5.54 22.05 54.59
N LEU G 283 6.20 21.88 53.46
CA LEU G 283 6.57 20.55 52.98
C LEU G 283 7.69 19.97 53.82
N THR G 284 7.57 18.68 54.12
CA THR G 284 8.67 17.97 54.76
C THR G 284 9.82 17.78 53.78
N GLU G 285 11.02 17.58 54.33
CA GLU G 285 12.22 17.45 53.50
C GLU G 285 12.17 16.20 52.63
N GLU G 286 11.73 15.07 53.18
CA GLU G 286 11.65 13.80 52.48
C GLU G 286 10.54 13.78 51.43
N ASP G 287 9.63 14.75 51.51
CA ASP G 287 8.64 14.92 50.44
C ASP G 287 9.02 16.04 49.49
N GLN G 288 9.73 17.07 49.94
CA GLN G 288 10.31 18.09 49.06
C GLN G 288 11.28 17.49 48.06
N MET G 289 12.17 16.61 48.49
CA MET G 289 13.04 15.90 47.57
C MET G 289 12.29 14.98 46.63
N PHE G 290 11.18 14.40 47.08
CA PHE G 290 10.33 13.61 46.19
C PHE G 290 9.72 14.46 45.08
N VAL G 291 9.20 15.63 45.45
CA VAL G 291 8.57 16.52 44.46
C VAL G 291 9.60 17.04 43.46
N THR G 292 10.77 17.48 43.93
CA THR G 292 11.75 17.95 42.97
C THR G 292 12.41 16.81 42.20
N ALA G 293 12.42 15.58 42.73
CA ALA G 293 12.82 14.42 41.96
C ALA G 293 11.83 14.09 40.86
N ASN G 294 10.54 14.28 41.10
CA ASN G 294 9.54 14.19 40.04
C ASN G 294 9.68 15.28 38.99
N LEU G 295 9.98 16.52 39.40
CA LEU G 295 10.28 17.58 38.44
C LEU G 295 11.53 17.31 37.63
N ILE G 296 12.53 16.67 38.23
CA ILE G 296 13.67 16.16 37.48
C ILE G 296 13.25 15.06 36.50
N ARG G 297 12.36 14.16 36.92
CA ARG G 297 11.86 13.11 36.01
C ARG G 297 11.01 13.71 34.90
N GLY G 298 10.09 14.59 35.24
CA GLY G 298 9.24 15.25 34.27
C GLY G 298 7.96 14.48 33.99
N GLY G 299 7.07 15.15 33.29
CA GLY G 299 5.77 14.60 32.94
C GLY G 299 4.70 15.67 33.02
N VAL G 300 3.48 15.29 32.64
CA VAL G 300 2.37 16.24 32.74
C VAL G 300 1.88 16.29 34.20
N PHE G 301 1.72 17.50 34.70
CA PHE G 301 1.28 17.72 36.07
C PHE G 301 0.09 18.68 36.05
N GLY G 302 -0.79 18.49 35.08
CA GLY G 302 -1.89 19.41 34.90
C GLY G 302 -3.22 18.74 34.60
N GLY G 303 -4.31 19.35 35.08
CA GLY G 303 -5.64 18.82 34.85
C GLY G 303 -5.96 17.59 35.67
N THR H 2 -11.45 -15.06 51.91
CA THR H 2 -10.02 -15.12 51.61
C THR H 2 -9.79 -15.49 50.14
N LYS H 3 -9.20 -16.67 49.94
CA LYS H 3 -8.89 -17.23 48.61
C LYS H 3 -8.01 -16.28 47.79
N LEU H 4 -6.79 -16.07 48.29
CA LEU H 4 -5.83 -15.21 47.62
C LEU H 4 -5.37 -15.90 46.34
N LYS H 5 -5.78 -15.36 45.20
CA LYS H 5 -5.44 -15.94 43.91
C LYS H 5 -4.14 -15.35 43.39
N ALA H 6 -3.57 -16.01 42.37
CA ALA H 6 -2.31 -15.59 41.79
C ALA H 6 -2.46 -14.27 41.03
N PRO H 7 -1.45 -13.41 41.09
CA PRO H 7 -1.41 -12.26 40.20
C PRO H 7 -1.33 -12.71 38.75
N ALA H 8 -1.96 -11.92 37.89
CA ALA H 8 -2.10 -12.25 36.48
C ALA H 8 -0.79 -12.18 35.71
N VAL H 9 0.23 -11.51 36.26
CA VAL H 9 1.53 -11.41 35.61
C VAL H 9 2.62 -11.90 36.55
N LEU H 10 2.28 -12.84 37.42
CA LEU H 10 3.26 -13.43 38.32
C LEU H 10 4.25 -14.29 37.53
N ALA H 11 5.51 -13.88 37.56
CA ALA H 11 6.56 -14.58 36.84
C ALA H 11 7.81 -14.64 37.70
N TYR H 12 8.58 -15.70 37.54
CA TYR H 12 9.82 -15.85 38.30
C TYR H 12 10.99 -15.84 37.34
N SER H 13 12.22 -15.81 37.87
CA SER H 13 13.39 -15.68 37.03
C SER H 13 14.20 -16.96 37.09
N ARG H 14 15.05 -17.14 36.08
CA ARG H 14 15.85 -18.36 35.95
C ARG H 14 16.92 -18.42 37.03
N LYS H 15 16.76 -19.35 37.98
CA LYS H 15 17.74 -19.53 39.03
C LYS H 15 18.77 -20.61 38.70
N ILE H 16 18.61 -21.29 37.57
CA ILE H 16 19.68 -22.12 37.00
C ILE H 16 20.05 -21.48 35.69
N ASN H 17 21.31 -21.06 35.58
CA ASN H 17 21.76 -20.33 34.39
C ASN H 17 22.89 -21.08 33.73
N PRO H 18 22.60 -22.02 32.82
CA PRO H 18 23.68 -22.69 32.10
C PRO H 18 24.08 -21.93 30.85
N THR H 19 25.38 -21.88 30.57
CA THR H 19 25.83 -21.32 29.31
C THR H 19 25.64 -22.35 28.19
N ASN H 20 25.64 -21.86 26.96
CA ASN H 20 25.58 -22.75 25.80
C ASN H 20 26.93 -23.43 25.68
N ALA H 21 26.95 -24.76 25.76
CA ALA H 21 28.20 -25.49 25.80
C ALA H 21 28.87 -25.53 24.44
N LEU H 22 30.14 -25.90 24.43
CA LEU H 22 30.88 -26.19 23.22
C LEU H 22 31.49 -27.58 23.32
N MET H 23 31.37 -28.34 22.23
CA MET H 23 31.94 -29.67 22.15
C MET H 23 33.34 -29.57 21.54
N PHE H 24 34.34 -29.99 22.30
CA PHE H 24 35.72 -30.00 21.87
C PHE H 24 36.15 -31.44 21.60
N ALA H 25 37.39 -31.61 21.16
CA ALA H 25 37.94 -32.93 20.87
C ALA H 25 39.29 -33.06 21.56
N VAL H 26 39.35 -33.91 22.58
CA VAL H 26 40.58 -34.14 23.33
C VAL H 26 40.88 -35.63 23.37
N ASN H 27 41.93 -36.01 24.09
CA ASN H 27 42.26 -37.40 24.33
C ASN H 27 42.04 -37.71 25.81
N TRP H 28 42.04 -39.01 26.12
CA TRP H 28 41.88 -39.42 27.52
C TRP H 28 43.09 -39.06 28.35
N SER H 29 44.29 -39.22 27.79
CA SER H 29 45.50 -38.79 28.48
C SER H 29 45.78 -37.31 28.23
N ASP H 30 45.77 -36.91 26.96
CA ASP H 30 45.97 -35.52 26.58
C ASP H 30 44.62 -34.81 26.50
N ARG H 31 44.12 -34.40 27.66
CA ARG H 31 42.80 -33.79 27.78
C ARG H 31 42.85 -32.27 27.87
N ASP H 32 44.01 -31.66 27.65
CA ASP H 32 44.13 -30.21 27.74
C ASP H 32 44.22 -29.51 26.40
N ASN H 33 44.67 -30.20 25.35
CA ASN H 33 44.73 -29.62 24.00
C ASN H 33 43.35 -29.76 23.35
N THR H 34 42.52 -28.74 23.55
CA THR H 34 41.17 -28.73 23.01
C THR H 34 41.18 -28.47 21.52
N THR H 35 40.44 -29.30 20.78
CA THR H 35 40.29 -29.13 19.34
C THR H 35 38.82 -28.91 19.06
N ALA H 36 38.49 -27.82 18.38
CA ALA H 36 37.11 -27.42 18.18
C ALA H 36 36.42 -28.34 17.18
N VAL H 37 35.40 -29.05 17.64
CA VAL H 37 34.58 -29.90 16.78
C VAL H 37 33.68 -29.00 15.95
N MET H 38 33.88 -29.01 14.64
CA MET H 38 33.16 -28.13 13.74
C MET H 38 32.02 -28.88 13.07
N VAL H 39 30.91 -28.18 12.88
CA VAL H 39 29.71 -28.77 12.30
C VAL H 39 29.90 -28.85 10.79
N GLY H 40 29.82 -30.07 10.25
CA GLY H 40 29.86 -30.28 8.83
C GLY H 40 28.48 -30.39 8.22
N THR H 41 28.45 -30.70 6.93
CA THR H 41 27.17 -30.86 6.22
C THR H 41 27.33 -32.04 5.27
N LYS H 42 26.96 -33.22 5.73
CA LYS H 42 26.99 -34.42 4.90
C LYS H 42 25.67 -34.55 4.14
N THR H 43 25.75 -35.19 2.97
CA THR H 43 24.56 -35.54 2.22
C THR H 43 24.33 -37.04 2.32
N VAL H 44 23.13 -37.42 2.76
CA VAL H 44 22.79 -38.83 2.95
C VAL H 44 21.85 -39.21 1.81
N ALA H 45 21.64 -40.52 1.61
CA ALA H 45 20.92 -40.95 0.43
C ALA H 45 19.99 -42.12 0.75
N GLY H 46 18.97 -42.27 -0.07
CA GLY H 46 18.10 -43.43 -0.02
C GLY H 46 17.00 -43.34 1.01
N THR H 47 16.24 -44.43 1.13
CA THR H 47 15.22 -44.67 2.14
C THR H 47 14.12 -43.61 2.16
N GLN H 48 13.31 -43.56 1.11
CA GLN H 48 12.09 -42.77 1.09
C GLN H 48 11.02 -43.47 1.93
N SER H 49 11.08 -43.28 3.25
CA SER H 49 10.17 -43.97 4.13
C SER H 49 9.07 -43.04 4.63
N VAL H 50 7.82 -43.42 4.34
CA VAL H 50 6.63 -42.67 4.74
C VAL H 50 5.71 -43.63 5.47
N ARG H 51 5.02 -43.16 6.51
CA ARG H 51 3.86 -43.89 7.02
C ARG H 51 2.80 -43.96 5.94
N GLY H 52 2.36 -45.21 5.65
CA GLY H 52 1.60 -45.59 4.46
C GLY H 52 2.31 -45.11 3.20
N ASN H 53 1.54 -44.82 2.14
CA ASN H 53 2.03 -44.32 0.84
C ASN H 53 3.12 -45.19 0.24
N PRO H 54 2.83 -46.48 0.07
CA PRO H 54 3.82 -47.46 -0.38
C PRO H 54 4.21 -47.29 -1.84
N ASN H 55 3.47 -46.50 -2.62
CA ASN H 55 3.80 -46.24 -4.00
C ASN H 55 5.02 -45.33 -4.16
N ASP H 56 5.39 -44.57 -3.13
CA ASP H 56 6.57 -43.73 -3.16
C ASP H 56 7.81 -44.44 -2.66
N ALA H 57 7.69 -45.69 -2.23
CA ALA H 57 8.81 -46.39 -1.59
C ALA H 57 9.90 -46.74 -2.60
N ASP H 58 9.52 -46.90 -3.87
CA ASP H 58 10.49 -47.18 -4.92
C ASP H 58 11.36 -45.97 -5.25
N LYS H 59 10.94 -44.77 -4.87
CA LYS H 59 11.72 -43.56 -5.12
C LYS H 59 12.85 -43.42 -4.10
N GLY H 60 13.60 -42.32 -4.20
CA GLY H 60 14.71 -42.10 -3.29
C GLY H 60 14.80 -40.68 -2.78
N ASN H 61 14.99 -40.54 -1.47
CA ASN H 61 15.16 -39.25 -0.83
C ASN H 61 16.62 -39.04 -0.44
N ILE H 62 17.30 -38.16 -1.18
CA ILE H 62 18.64 -37.74 -0.82
C ILE H 62 18.55 -36.27 -0.43
N GLN H 63 19.23 -35.90 0.65
CA GLN H 63 19.11 -34.59 1.26
C GLN H 63 20.30 -34.29 2.14
N THR H 64 20.54 -33.01 2.39
CA THR H 64 21.70 -32.55 3.14
C THR H 64 21.30 -32.33 4.59
N VAL H 65 22.02 -32.98 5.51
CA VAL H 65 21.84 -32.78 6.95
C VAL H 65 23.15 -32.22 7.52
N ASN H 66 23.06 -31.64 8.71
CA ASN H 66 24.26 -31.18 9.40
C ASN H 66 24.75 -32.27 10.35
N PHE H 67 26.07 -32.44 10.40
CA PHE H 67 26.66 -33.45 11.25
C PHE H 67 27.89 -32.86 11.92
N ALA H 68 28.20 -33.40 13.10
CA ALA H 68 29.44 -33.07 13.79
C ALA H 68 30.08 -34.37 14.24
N ASN H 69 31.40 -34.40 14.22
CA ASN H 69 32.10 -35.66 14.48
C ASN H 69 33.50 -35.35 15.02
N LEU H 70 33.94 -36.14 15.98
CA LEU H 70 35.30 -36.03 16.46
C LEU H 70 36.27 -36.55 15.41
N PRO H 71 37.47 -35.97 15.33
CA PRO H 71 38.51 -36.54 14.47
C PRO H 71 39.01 -37.85 15.03
N HIS H 72 39.60 -38.67 14.16
CA HIS H 72 40.03 -40.00 14.58
C HIS H 72 41.27 -39.95 15.47
N ASN H 73 41.98 -38.82 15.48
CA ASN H 73 43.13 -38.66 16.37
C ASN H 73 42.73 -38.30 17.80
N LYS H 74 41.46 -37.99 18.05
CA LYS H 74 40.96 -37.65 19.38
C LYS H 74 39.87 -38.63 19.77
N ASN H 75 40.06 -39.31 20.90
CA ASN H 75 39.16 -40.35 21.36
C ASN H 75 38.24 -39.88 22.49
N THR H 76 38.30 -38.61 22.87
CA THR H 76 37.54 -38.12 24.00
C THR H 76 36.79 -36.86 23.63
N LEU H 77 35.51 -36.83 23.94
CA LEU H 77 34.66 -35.66 23.72
C LEU H 77 34.71 -34.74 24.93
N LEU H 78 35.01 -33.47 24.69
CA LEU H 78 35.08 -32.47 25.74
C LEU H 78 33.93 -31.49 25.56
N VAL H 79 32.98 -31.50 26.50
CA VAL H 79 31.87 -30.56 26.52
C VAL H 79 32.05 -29.65 27.72
N LYS H 80 32.10 -28.34 27.47
CA LYS H 80 32.45 -27.37 28.49
C LYS H 80 31.34 -26.32 28.57
N TYR H 81 30.78 -26.15 29.77
CA TYR H 81 29.77 -25.13 30.02
C TYR H 81 29.88 -24.68 31.47
N ASN H 82 29.30 -23.52 31.75
CA ASN H 82 29.22 -23.00 33.10
C ASN H 82 27.76 -22.92 33.53
N VAL H 83 27.48 -23.42 34.73
CA VAL H 83 26.14 -23.39 35.31
C VAL H 83 26.16 -22.44 36.48
N LYS H 84 25.23 -21.49 36.49
CA LYS H 84 25.17 -20.44 37.50
C LYS H 84 23.89 -20.57 38.29
N PHE H 85 24.03 -20.85 39.59
CA PHE H 85 22.90 -20.93 40.52
C PHE H 85 22.81 -19.61 41.26
N VAL H 86 21.82 -18.79 40.92
CA VAL H 86 21.67 -17.51 41.59
C VAL H 86 20.61 -17.64 42.68
N GLY H 87 20.64 -16.72 43.64
CA GLY H 87 19.75 -16.80 44.79
C GLY H 87 18.45 -16.05 44.62
N ASP H 88 17.75 -15.83 45.74
CA ASP H 88 16.43 -15.19 45.80
C ASP H 88 15.42 -15.92 44.92
N VAL H 89 15.32 -17.23 45.14
CA VAL H 89 14.49 -18.09 44.29
C VAL H 89 12.99 -17.91 44.54
N PHE H 90 12.60 -17.23 45.61
CA PHE H 90 11.20 -17.00 45.90
C PHE H 90 10.74 -15.60 45.52
N LYS H 91 11.60 -14.83 44.89
CA LYS H 91 11.26 -13.48 44.59
C LYS H 91 10.90 -13.52 43.22
N ALA H 92 9.81 -12.87 42.88
CA ALA H 92 9.32 -12.87 41.53
C ALA H 92 9.93 -11.70 40.79
N GLU H 93 10.69 -11.98 39.74
CA GLU H 93 11.31 -10.92 38.96
C GLU H 93 10.25 -9.92 38.55
N LEU H 94 9.25 -10.39 37.83
CA LEU H 94 8.15 -9.53 37.45
C LEU H 94 6.95 -10.23 38.02
N GLY H 95 6.51 -9.84 39.21
CA GLY H 95 5.41 -10.55 39.84
C GLY H 95 4.61 -9.71 40.80
N GLY H 96 4.96 -9.75 42.08
CA GLY H 96 4.23 -9.00 43.02
C GLY H 96 4.49 -9.31 44.42
N GLY H 97 3.49 -9.07 45.22
CA GLY H 97 3.60 -9.37 46.60
C GLY H 97 2.46 -10.24 46.94
N GLU H 98 2.23 -10.50 48.21
CA GLU H 98 1.20 -11.40 48.64
C GLU H 98 1.42 -12.81 48.14
N TYR H 99 0.97 -13.11 46.95
CA TYR H 99 1.10 -14.44 46.49
C TYR H 99 2.58 -14.67 46.43
N SER H 100 3.38 -13.63 46.58
CA SER H 100 4.81 -13.94 46.52
C SER H 100 5.41 -14.01 47.92
N ASN H 101 5.00 -13.10 48.79
CA ASN H 101 5.52 -13.10 50.16
C ASN H 101 4.89 -14.16 51.05
N THR H 102 3.80 -14.81 50.62
CA THR H 102 3.36 -15.99 51.35
C THR H 102 3.85 -17.28 50.70
N LEU H 103 4.31 -17.23 49.43
CA LEU H 103 5.06 -18.34 48.89
C LEU H 103 6.47 -18.35 49.46
N GLN H 104 6.96 -17.17 49.88
CA GLN H 104 8.13 -17.04 50.73
C GLN H 104 8.03 -17.84 52.02
N THR H 105 6.87 -17.82 52.68
CA THR H 105 6.71 -18.48 53.98
C THR H 105 6.15 -19.88 53.88
N ALA H 106 5.45 -20.22 52.80
CA ALA H 106 4.94 -21.57 52.63
C ALA H 106 6.03 -22.53 52.17
N LEU H 107 7.13 -22.02 51.62
CA LEU H 107 8.18 -22.85 51.07
C LEU H 107 9.52 -22.69 51.77
N GLU H 108 9.58 -21.95 52.87
CA GLU H 108 10.83 -21.71 53.56
C GLU H 108 11.32 -22.95 54.29
N ASN H 109 10.38 -23.82 54.69
CA ASN H 109 10.73 -25.04 55.45
C ASN H 109 10.93 -26.25 54.53
N THR H 110 11.56 -25.99 53.40
CA THR H 110 11.82 -26.99 52.38
C THR H 110 13.27 -27.47 52.48
N ASP H 111 13.56 -28.56 51.77
CA ASP H 111 14.89 -29.17 51.74
C ASP H 111 15.60 -28.69 50.48
N PHE H 112 16.34 -27.58 50.62
CA PHE H 112 17.16 -27.11 49.50
C PHE H 112 18.37 -28.01 49.28
N GLY H 113 18.79 -28.75 50.31
CA GLY H 113 19.93 -29.63 50.22
C GLY H 113 19.73 -30.76 49.23
N THR H 114 18.57 -31.42 49.28
CA THR H 114 18.30 -32.52 48.36
C THR H 114 18.02 -32.04 46.94
N LEU H 115 17.36 -30.88 46.78
CA LEU H 115 17.19 -30.30 45.45
C LEU H 115 18.51 -29.88 44.82
N ALA H 116 19.38 -29.24 45.59
CA ALA H 116 20.73 -28.95 45.13
C ALA H 116 21.53 -30.21 44.87
N TYR H 117 21.31 -31.26 45.65
CA TYR H 117 21.99 -32.52 45.42
C TYR H 117 21.59 -33.14 44.10
N ARG H 118 20.29 -33.17 43.81
CA ARG H 118 19.84 -33.72 42.53
C ARG H 118 20.17 -32.82 41.34
N TYR H 119 20.17 -31.49 41.52
CA TYR H 119 20.63 -30.56 40.49
C TYR H 119 22.10 -30.77 40.14
N VAL H 120 22.98 -30.80 41.15
CA VAL H 120 24.39 -31.08 40.91
C VAL H 120 24.61 -32.51 40.40
N TYR H 121 23.81 -33.48 40.85
CA TYR H 121 23.96 -34.86 40.41
C TYR H 121 23.60 -35.02 38.94
N ASN H 122 22.58 -34.31 38.46
CA ASN H 122 22.27 -34.37 37.03
C ASN H 122 23.36 -33.75 36.17
N ILE H 123 24.15 -32.83 36.71
CA ILE H 123 25.31 -32.28 36.04
C ILE H 123 26.48 -33.26 36.11
N ALA H 124 26.69 -33.86 37.28
CA ALA H 124 27.88 -34.67 37.52
C ALA H 124 27.80 -36.03 36.83
N ALA H 125 26.61 -36.65 36.84
CA ALA H 125 26.43 -37.96 36.24
C ALA H 125 26.53 -37.88 34.73
N GLY H 126 26.08 -36.77 34.16
CA GLY H 126 26.24 -36.56 32.73
C GLY H 126 24.95 -36.60 31.95
N ARG H 127 23.85 -36.17 32.55
CA ARG H 127 22.58 -36.14 31.84
C ARG H 127 22.45 -34.96 30.89
N THR H 128 23.45 -34.07 30.86
CA THR H 128 23.35 -32.83 30.10
C THR H 128 23.71 -32.98 28.64
N LEU H 129 23.81 -34.20 28.15
CA LEU H 129 24.07 -34.44 26.73
C LEU H 129 22.99 -35.28 26.07
N TRP H 130 22.52 -36.34 26.75
CA TRP H 130 21.33 -37.14 26.46
C TRP H 130 21.44 -38.04 25.24
N ARG H 131 22.47 -37.84 24.42
CA ARG H 131 22.62 -38.66 23.22
C ARG H 131 24.10 -38.98 23.02
N ASN H 132 24.97 -38.19 23.65
CA ASN H 132 26.39 -38.46 23.66
C ASN H 132 26.81 -39.29 24.86
N ARG H 133 25.95 -39.45 25.84
CA ARG H 133 26.22 -40.33 26.97
C ARG H 133 26.20 -41.80 26.59
N VAL H 134 25.37 -42.18 25.62
CA VAL H 134 25.32 -43.57 25.19
C VAL H 134 26.56 -43.89 24.37
N GLY H 135 26.97 -45.15 24.39
CA GLY H 135 28.15 -45.60 23.69
C GLY H 135 29.44 -45.01 24.21
N ALA H 136 29.53 -44.79 25.52
CA ALA H 136 30.70 -44.23 26.17
C ALA H 136 31.14 -45.12 27.30
N GLU H 137 32.47 -45.23 27.47
CA GLU H 137 33.06 -46.11 28.46
C GLU H 137 32.90 -45.59 29.88
N SER H 138 33.38 -44.38 30.15
CA SER H 138 33.19 -43.76 31.45
C SER H 138 32.86 -42.30 31.24
N ILE H 139 32.18 -41.71 32.21
CA ILE H 139 31.76 -40.31 32.16
C ILE H 139 32.63 -39.58 33.18
N GLU H 140 33.73 -38.99 32.73
CA GLU H 140 34.59 -38.25 33.64
C GLU H 140 34.24 -36.77 33.59
N THR H 141 33.75 -36.24 34.70
CA THR H 141 33.30 -34.86 34.79
C THR H 141 34.05 -34.16 35.90
N VAL H 142 34.65 -33.01 35.59
CA VAL H 142 35.30 -32.17 36.57
C VAL H 142 34.45 -30.90 36.69
N ILE H 143 34.24 -30.45 37.92
CA ILE H 143 33.47 -29.25 38.19
C ILE H 143 34.32 -28.31 39.04
N THR H 144 34.51 -27.09 38.56
CA THR H 144 35.27 -26.05 39.27
C THR H 144 34.27 -25.06 39.83
N VAL H 145 34.16 -25.02 41.16
CA VAL H 145 33.17 -24.17 41.81
C VAL H 145 33.80 -22.83 42.16
N ASN H 146 34.77 -22.86 43.08
CA ASN H 146 35.48 -21.67 43.52
C ASN H 146 36.97 -22.00 43.60
N ASP H 147 37.47 -22.55 42.48
CA ASP H 147 38.78 -23.17 42.34
C ASP H 147 38.90 -24.37 43.28
N GLN H 148 37.92 -25.26 43.16
CA GLN H 148 37.90 -26.54 43.86
C GLN H 148 37.41 -27.62 42.92
N THR H 149 38.33 -28.28 42.22
CA THR H 149 37.96 -29.25 41.19
C THR H 149 37.77 -30.63 41.78
N PHE H 150 36.54 -31.16 41.65
CA PHE H 150 36.21 -32.52 42.06
C PHE H 150 35.80 -33.32 40.84
N THR H 151 36.20 -34.60 40.81
CA THR H 151 36.01 -35.47 39.66
C THR H 151 35.00 -36.56 39.97
N PHE H 152 34.16 -36.87 38.97
CA PHE H 152 33.13 -37.90 39.05
C PHE H 152 33.32 -38.87 37.89
N SER H 153 33.13 -40.16 38.14
CA SER H 153 33.46 -41.15 37.13
C SER H 153 32.29 -42.04 36.69
N ASP H 154 31.53 -42.57 37.64
CA ASP H 154 30.57 -43.62 37.29
C ASP H 154 29.22 -43.48 38.00
N LEU H 155 28.72 -42.26 38.15
CA LEU H 155 27.44 -42.05 38.81
C LEU H 155 26.29 -42.56 37.94
N LEU H 156 25.40 -43.35 38.55
CA LEU H 156 24.24 -43.88 37.85
C LEU H 156 23.21 -42.77 37.61
N VAL H 157 22.77 -42.62 36.37
CA VAL H 157 22.04 -41.45 35.91
C VAL H 157 20.65 -41.34 36.53
N ASN H 158 19.90 -42.44 36.50
CA ASN H 158 18.53 -42.43 36.99
C ASN H 158 18.42 -42.72 38.48
N GLU H 159 19.53 -43.03 39.14
CA GLU H 159 19.54 -43.39 40.56
C GLU H 159 20.38 -42.37 41.30
N PHE H 160 19.73 -41.51 42.09
CA PHE H 160 20.44 -40.52 42.88
C PHE H 160 21.08 -41.18 44.10
N ASP H 161 22.29 -41.71 43.94
CA ASP H 161 22.99 -42.37 45.04
C ASP H 161 23.70 -41.34 45.91
N GLU H 162 24.49 -41.80 46.89
CA GLU H 162 25.13 -40.91 47.86
C GLU H 162 26.61 -40.78 47.50
N ASP H 163 26.98 -39.61 47.00
CA ASP H 163 28.37 -39.27 46.69
C ASP H 163 28.79 -38.08 47.55
N VAL H 164 30.01 -38.11 48.06
CA VAL H 164 30.47 -37.10 49.00
C VAL H 164 30.70 -35.76 48.32
N ASP H 165 31.28 -35.78 47.11
CA ASP H 165 31.62 -34.54 46.43
C ASP H 165 30.38 -33.85 45.87
N VAL H 166 29.43 -34.64 45.37
CA VAL H 166 28.16 -34.09 44.91
C VAL H 166 27.39 -33.48 46.08
N ALA H 167 27.47 -34.13 47.25
CA ALA H 167 26.87 -33.57 48.45
C ALA H 167 27.58 -32.30 48.91
N GLU H 168 28.90 -32.22 48.71
CA GLU H 168 29.63 -31.00 49.05
C GLU H 168 29.20 -29.84 48.17
N ILE H 169 29.16 -30.05 46.84
CA ILE H 169 28.71 -29.01 45.91
C ILE H 169 27.24 -28.68 46.18
N ALA H 170 26.46 -29.67 46.63
CA ALA H 170 25.09 -29.43 47.08
C ALA H 170 25.03 -28.50 48.27
N ASP H 171 25.96 -28.64 49.23
CA ASP H 171 26.02 -27.70 50.34
C ASP H 171 26.34 -26.28 49.88
N MET H 172 27.27 -26.13 48.94
CA MET H 172 27.60 -24.78 48.46
C MET H 172 26.45 -24.18 47.64
N VAL H 173 25.75 -25.01 46.88
CA VAL H 173 24.65 -24.51 46.05
C VAL H 173 23.42 -24.20 46.91
N ALA H 174 23.10 -25.07 47.87
CA ALA H 174 21.96 -24.84 48.73
C ALA H 174 22.25 -23.78 49.79
N GLY H 175 23.51 -23.40 49.96
CA GLY H 175 23.83 -22.23 50.75
C GLY H 175 23.68 -20.96 49.93
N VAL H 176 23.34 -21.11 48.65
CA VAL H 176 23.07 -19.98 47.77
C VAL H 176 21.61 -19.90 47.35
N LEU H 177 20.99 -21.04 47.01
CA LEU H 177 19.57 -21.07 46.65
C LEU H 177 18.63 -20.74 47.80
N SER H 178 19.04 -20.99 49.04
CA SER H 178 18.21 -20.67 50.19
C SER H 178 18.44 -19.26 50.72
N GLY H 179 19.27 -18.48 50.04
CA GLY H 179 19.57 -17.13 50.48
C GLY H 179 19.82 -16.21 49.30
N GLU H 180 20.86 -15.39 49.42
CA GLU H 180 21.17 -14.40 48.42
C GLU H 180 22.59 -14.65 47.91
N GLY H 181 22.78 -14.42 46.62
CA GLY H 181 24.08 -14.58 46.00
C GLY H 181 24.02 -15.50 44.80
N PHE H 182 25.21 -15.84 44.30
CA PHE H 182 25.36 -16.70 43.15
C PHE H 182 26.49 -17.70 43.40
N VAL H 183 26.47 -18.78 42.62
CA VAL H 183 27.57 -19.73 42.61
C VAL H 183 27.70 -20.33 41.21
N THR H 184 28.93 -20.32 40.67
CA THR H 184 29.16 -20.80 39.33
C THR H 184 29.95 -22.10 39.34
N LEU H 185 29.44 -23.10 38.62
CA LEU H 185 30.16 -24.36 38.43
C LEU H 185 30.66 -24.40 37.00
N LYS H 186 31.98 -24.42 36.84
CA LYS H 186 32.61 -24.56 35.52
C LYS H 186 32.73 -26.05 35.24
N VAL H 187 31.86 -26.56 34.36
CA VAL H 187 31.72 -27.99 34.13
C VAL H 187 32.43 -28.37 32.85
N GLU H 188 33.23 -29.43 32.92
CA GLU H 188 33.84 -30.04 31.75
C GLU H 188 33.52 -31.52 31.76
N HIS H 189 33.05 -32.04 30.62
CA HIS H 189 32.63 -33.42 30.48
C HIS H 189 33.63 -34.16 29.61
N TYR H 190 34.14 -35.29 30.09
CA TYR H 190 35.07 -36.12 29.33
C TYR H 190 34.52 -37.53 29.28
N MET H 191 34.47 -38.12 28.08
CA MET H 191 34.03 -39.49 27.91
C MET H 191 34.73 -40.16 26.73
N LEU H 192 34.95 -41.47 26.87
CA LEU H 192 35.62 -42.27 25.85
C LEU H 192 34.57 -42.74 24.85
N LEU H 193 34.14 -41.82 24.01
CA LEU H 193 33.14 -42.11 22.97
C LEU H 193 33.73 -43.03 21.90
N GLY H 194 34.93 -42.73 21.45
CA GLY H 194 35.58 -43.52 20.42
C GLY H 194 36.25 -42.64 19.39
N GLU H 195 37.25 -43.19 18.70
CA GLU H 195 37.93 -42.44 17.65
C GLU H 195 37.04 -42.31 16.43
N GLY H 196 36.67 -41.07 16.10
CA GLY H 196 35.79 -40.83 14.97
C GLY H 196 34.33 -41.17 15.21
N SER H 197 33.92 -41.33 16.47
CA SER H 197 32.53 -41.62 16.77
C SER H 197 31.67 -40.39 16.55
N GLU H 198 30.52 -40.59 15.91
CA GLU H 198 29.66 -39.48 15.55
C GLU H 198 29.03 -38.86 16.80
N VAL H 199 29.21 -37.55 16.95
CA VAL H 199 28.71 -36.83 18.11
C VAL H 199 27.38 -36.20 17.73
N PHE H 200 26.56 -35.94 18.75
CA PHE H 200 25.18 -35.47 18.57
C PHE H 200 24.96 -34.16 19.30
N PRO H 201 25.25 -33.03 18.68
CA PRO H 201 24.95 -31.73 19.30
C PRO H 201 23.46 -31.43 19.28
N SER H 202 23.05 -30.39 19.99
CA SER H 202 21.66 -29.95 19.97
C SER H 202 21.37 -29.29 18.64
N GLN H 203 20.29 -29.68 18.00
CA GLN H 203 19.95 -29.19 16.68
C GLN H 203 18.88 -28.10 16.77
N GLU H 204 18.58 -27.48 15.62
CA GLU H 204 17.92 -26.18 15.58
C GLU H 204 16.70 -26.25 14.67
N PHE H 205 16.15 -25.07 14.39
CA PHE H 205 15.03 -24.88 13.47
C PHE H 205 15.47 -24.65 12.03
N VAL H 206 14.67 -25.18 11.11
CA VAL H 206 14.59 -24.71 9.74
C VAL H 206 13.26 -23.99 9.60
N GLU H 207 13.30 -22.74 9.13
CA GLU H 207 12.08 -21.94 8.96
C GLU H 207 11.16 -22.55 7.92
N ASN H 208 11.57 -22.54 6.65
CA ASN H 208 10.91 -23.37 5.65
C ASN H 208 11.70 -24.66 5.45
N SER H 209 12.91 -24.52 4.91
CA SER H 209 13.94 -25.55 4.79
C SER H 209 15.21 -24.88 4.27
N LYS H 210 16.32 -25.14 4.95
CA LYS H 210 17.66 -24.91 4.39
C LYS H 210 18.37 -26.26 4.33
N LEU H 211 18.35 -26.97 5.44
CA LEU H 211 18.83 -28.34 5.50
C LEU H 211 17.64 -29.19 5.97
N SER H 212 17.84 -30.50 6.06
CA SER H 212 16.84 -31.34 6.71
C SER H 212 17.21 -31.57 8.17
N LYS H 213 18.36 -31.09 8.61
CA LYS H 213 18.80 -31.09 9.99
C LYS H 213 19.81 -29.98 10.14
N GLN H 214 19.52 -29.00 10.98
CA GLN H 214 20.52 -28.01 11.34
C GLN H 214 21.26 -28.49 12.57
N LEU H 215 22.17 -27.65 13.07
CA LEU H 215 22.94 -27.95 14.27
C LEU H 215 23.33 -26.62 14.90
N PHE H 216 23.55 -26.64 16.20
CA PHE H 216 23.91 -25.41 16.90
C PHE H 216 25.35 -25.06 16.62
N ASP H 217 25.56 -23.82 16.18
CA ASP H 217 26.90 -23.31 15.90
C ASP H 217 27.19 -22.05 16.69
N LEU H 218 28.36 -22.03 17.33
CA LEU H 218 28.88 -20.85 17.99
C LEU H 218 30.25 -20.60 17.37
N ASN H 219 30.29 -19.66 16.41
CA ASN H 219 31.43 -19.40 15.54
C ASN H 219 31.90 -20.67 14.83
N GLY H 220 30.93 -21.46 14.38
CA GLY H 220 31.19 -22.65 13.59
C GLY H 220 31.40 -23.93 14.39
N GLN H 221 31.51 -23.85 15.71
CA GLN H 221 31.77 -25.02 16.52
C GLN H 221 30.49 -25.83 16.73
N ALA H 222 30.64 -27.10 17.09
CA ALA H 222 29.55 -27.90 17.59
C ALA H 222 29.22 -27.44 19.00
N ALA H 223 27.92 -27.28 19.27
CA ALA H 223 27.52 -26.65 20.52
C ALA H 223 26.31 -27.34 21.13
N MET H 224 25.69 -26.81 22.16
CA MET H 224 24.47 -27.43 22.68
C MET H 224 23.72 -26.35 23.33
N HIS H 225 22.46 -26.15 23.01
CA HIS H 225 21.79 -25.00 23.54
C HIS H 225 21.70 -25.13 24.98
N ASP H 226 21.43 -24.04 25.66
CA ASP H 226 21.41 -24.05 27.09
C ASP H 226 20.12 -24.40 27.57
N GLN H 227 19.14 -24.41 26.71
CA GLN H 227 17.82 -24.66 27.15
C GLN H 227 17.85 -26.12 27.43
N LYS H 228 18.73 -26.87 26.81
CA LYS H 228 18.81 -28.30 26.94
C LYS H 228 19.59 -28.57 28.13
N ILE H 229 20.69 -27.93 28.25
CA ILE H 229 21.54 -28.09 29.42
C ILE H 229 20.84 -27.37 30.57
N GLY H 230 19.62 -26.90 30.32
CA GLY H 230 18.81 -26.34 31.38
C GLY H 230 17.75 -27.33 31.81
N ASN H 231 17.20 -28.04 30.83
CA ASN H 231 16.21 -29.09 31.13
C ASN H 231 16.85 -30.25 31.88
N ALA H 232 18.10 -30.57 31.52
CA ALA H 232 18.71 -31.79 32.04
C ALA H 232 19.10 -31.65 33.51
N ILE H 233 19.41 -30.44 33.96
CA ILE H 233 19.59 -30.21 35.38
C ILE H 233 18.27 -30.35 36.14
N ARG H 234 17.17 -29.84 35.57
CA ARG H 234 15.89 -29.90 36.26
C ARG H 234 15.09 -31.16 35.92
N THR H 235 15.77 -32.21 35.42
CA THR H 235 15.15 -33.53 35.29
C THR H 235 15.34 -34.30 36.60
N ILE H 236 14.71 -33.77 37.64
CA ILE H 236 14.84 -34.29 39.00
C ILE H 236 13.48 -34.62 39.60
N ASP H 237 12.41 -34.49 38.81
CA ASP H 237 11.06 -34.73 39.29
C ASP H 237 10.82 -36.23 39.35
N THR H 238 11.04 -36.81 40.53
CA THR H 238 10.71 -38.20 40.80
C THR H 238 9.49 -38.34 41.69
N TRP H 239 8.78 -37.25 41.98
CA TRP H 239 7.71 -37.29 42.95
C TRP H 239 6.36 -37.04 42.30
N TYR H 240 6.13 -37.63 41.13
CA TYR H 240 4.84 -37.61 40.47
C TYR H 240 4.14 -38.93 40.72
N GLU H 241 3.07 -39.19 39.96
CA GLU H 241 2.14 -40.27 40.26
C GLU H 241 2.72 -41.65 39.90
N ASP H 242 3.90 -41.70 39.28
CA ASP H 242 4.37 -42.93 38.67
C ASP H 242 5.88 -43.12 38.75
N ALA H 243 6.40 -43.97 37.86
CA ALA H 243 7.72 -44.61 37.89
C ALA H 243 8.91 -43.69 38.13
N THR H 244 10.02 -44.29 38.59
CA THR H 244 11.13 -43.53 39.14
C THR H 244 12.01 -42.88 38.07
N THR H 245 11.61 -42.92 36.80
CA THR H 245 12.34 -42.19 35.77
C THR H 245 12.17 -40.70 36.00
N PRO H 246 13.25 -39.96 36.20
CA PRO H 246 13.14 -38.53 36.57
C PRO H 246 12.80 -37.68 35.35
N ILE H 247 11.60 -37.12 35.35
CA ILE H 247 11.16 -36.21 34.30
C ILE H 247 11.57 -34.80 34.65
N ALA H 248 11.47 -33.89 33.68
CA ALA H 248 11.80 -32.48 33.89
C ALA H 248 10.77 -31.82 34.79
N VAL H 249 11.24 -30.93 35.66
CA VAL H 249 10.37 -30.17 36.54
C VAL H 249 9.68 -29.11 35.67
N GLU H 250 8.43 -29.36 35.35
CA GLU H 250 7.59 -28.51 34.54
C GLU H 250 6.31 -28.21 35.31
N PRO H 251 5.61 -27.11 35.01
CA PRO H 251 4.38 -26.79 35.75
C PRO H 251 3.26 -27.82 35.63
N TYR H 252 3.17 -28.53 34.51
CA TYR H 252 2.23 -29.62 34.36
C TYR H 252 2.91 -30.99 34.42
N GLY H 253 4.20 -31.02 34.73
CA GLY H 253 4.95 -32.26 34.71
C GLY H 253 5.03 -32.88 33.33
N SER H 254 5.34 -32.09 32.31
CA SER H 254 5.18 -32.55 30.95
C SER H 254 6.51 -32.91 30.31
N VAL H 255 6.51 -34.05 29.63
CA VAL H 255 7.62 -34.46 28.77
C VAL H 255 7.08 -34.45 27.34
N VAL H 256 7.61 -33.56 26.51
CA VAL H 256 7.15 -33.47 25.13
C VAL H 256 7.62 -34.66 24.29
N ARG H 257 8.67 -35.36 24.72
CA ARG H 257 9.12 -36.54 23.99
C ARG H 257 8.20 -37.72 24.21
N ASN H 258 7.75 -37.91 25.46
CA ASN H 258 6.75 -38.93 25.76
C ASN H 258 5.40 -38.56 25.17
N GLY H 259 5.05 -37.27 25.22
CA GLY H 259 3.79 -36.81 24.70
C GLY H 259 2.71 -36.79 25.76
N VAL H 260 3.09 -37.04 27.00
CA VAL H 260 2.15 -37.12 28.11
C VAL H 260 2.66 -36.23 29.24
N ALA H 261 1.76 -35.63 30.00
CA ALA H 261 2.15 -34.82 31.15
C ALA H 261 1.82 -35.63 32.41
N TYR H 262 2.85 -35.91 33.21
CA TYR H 262 2.70 -36.77 34.38
C TYR H 262 2.17 -36.05 35.58
N ARG H 263 1.98 -34.72 35.55
CA ARG H 263 1.38 -34.02 36.68
C ARG H 263 0.11 -33.27 36.31
N ALA H 264 -0.29 -33.25 35.04
CA ALA H 264 -1.51 -32.58 34.64
C ALA H 264 -2.70 -33.52 34.73
N GLY H 265 -3.82 -32.99 35.21
CA GLY H 265 -5.02 -33.80 35.36
C GLY H 265 -4.96 -34.77 36.52
N ASN H 266 -4.06 -34.54 37.48
CA ASN H 266 -3.94 -35.42 38.63
C ASN H 266 -3.93 -34.65 39.94
N LYS H 267 -4.29 -33.36 39.92
CA LYS H 267 -4.25 -32.43 41.05
C LYS H 267 -2.87 -32.32 41.68
N THR H 268 -1.81 -32.49 40.89
CA THR H 268 -0.44 -32.36 41.35
C THR H 268 0.36 -31.45 40.43
N ASP H 269 -0.36 -30.63 39.64
CA ASP H 269 0.28 -29.60 38.84
C ASP H 269 0.72 -28.45 39.74
N LEU H 270 1.51 -27.53 39.15
CA LEU H 270 2.06 -26.44 39.94
C LEU H 270 0.98 -25.45 40.38
N PHE H 271 0.08 -25.08 39.48
CA PHE H 271 -0.91 -24.05 39.77
C PHE H 271 -2.02 -24.49 40.71
N THR H 272 -2.16 -25.79 40.96
CA THR H 272 -3.14 -26.26 41.92
C THR H 272 -2.57 -26.30 43.33
N LEU H 273 -1.46 -27.01 43.53
CA LEU H 273 -0.94 -27.15 44.88
C LEU H 273 -0.08 -25.96 45.29
N MET H 274 0.36 -25.12 44.35
CA MET H 274 0.91 -23.82 44.72
C MET H 274 -0.17 -22.93 45.32
N ASP H 275 -1.36 -22.95 44.71
CA ASP H 275 -2.51 -22.23 45.26
C ASP H 275 -2.93 -22.82 46.59
N GLY H 276 -2.81 -24.13 46.73
CA GLY H 276 -3.03 -24.80 48.00
C GLY H 276 -2.06 -24.37 49.10
N ALA H 277 -0.79 -24.24 48.75
CA ALA H 277 0.22 -23.78 49.70
C ALA H 277 -0.01 -22.33 50.08
N VAL H 278 -0.46 -21.51 49.13
CA VAL H 278 -0.72 -20.10 49.40
C VAL H 278 -1.94 -19.94 50.30
N ASN H 279 -3.03 -20.67 49.98
CA ASN H 279 -4.32 -20.40 50.59
C ASN H 279 -4.38 -20.89 52.04
N GLY H 280 -3.52 -21.83 52.40
CA GLY H 280 -3.46 -22.26 53.78
C GLY H 280 -3.29 -23.76 53.97
N LYS H 281 -3.51 -24.53 52.92
CA LYS H 281 -3.31 -25.97 53.00
C LYS H 281 -1.82 -26.30 53.08
N SER H 282 -1.51 -27.29 53.91
CA SER H 282 -0.15 -27.74 54.05
C SER H 282 0.24 -28.62 52.85
N LEU H 283 1.53 -28.63 52.55
CA LEU H 283 2.05 -29.40 51.45
C LEU H 283 3.06 -30.42 51.98
N THR H 284 3.19 -31.52 51.26
CA THR H 284 4.20 -32.53 51.57
C THR H 284 5.58 -32.00 51.21
N GLU H 285 6.60 -32.69 51.74
CA GLU H 285 7.98 -32.31 51.44
C GLU H 285 8.30 -32.51 49.96
N GLU H 286 7.82 -33.60 49.36
CA GLU H 286 8.06 -33.89 47.96
C GLU H 286 7.19 -33.06 47.01
N ASP H 287 6.20 -32.32 47.52
CA ASP H 287 5.40 -31.43 46.71
C ASP H 287 5.73 -29.96 46.88
N GLN H 288 5.93 -29.49 48.12
CA GLN H 288 6.48 -28.16 48.34
C GLN H 288 7.90 -28.08 47.76
N MET H 289 8.63 -29.20 47.84
CA MET H 289 9.88 -29.39 47.12
C MET H 289 9.71 -29.17 45.62
N PHE H 290 8.64 -29.69 45.04
CA PHE H 290 8.36 -29.49 43.62
C PHE H 290 8.10 -28.02 43.30
N VAL H 291 7.38 -27.32 44.19
CA VAL H 291 7.14 -25.89 43.98
C VAL H 291 8.44 -25.10 43.98
N THR H 292 9.29 -25.32 45.00
CA THR H 292 10.52 -24.53 45.04
C THR H 292 11.54 -24.99 44.03
N ALA H 293 11.41 -26.21 43.50
CA ALA H 293 12.23 -26.61 42.37
C ALA H 293 11.73 -26.01 41.06
N ASN H 294 10.43 -25.75 40.97
CA ASN H 294 9.86 -25.19 39.76
C ASN H 294 9.99 -23.68 39.72
N LEU H 295 10.12 -23.01 40.87
CA LEU H 295 10.49 -21.60 40.87
C LEU H 295 11.92 -21.37 40.40
N ILE H 296 12.83 -22.31 40.69
CA ILE H 296 14.18 -22.28 40.13
C ILE H 296 14.18 -22.43 38.62
N ARG H 297 13.28 -23.25 38.07
CA ARG H 297 13.08 -23.31 36.63
C ARG H 297 12.59 -21.97 36.10
N GLY H 298 11.56 -21.42 36.73
CA GLY H 298 10.95 -20.18 36.31
C GLY H 298 9.66 -20.41 35.54
N GLY H 299 9.18 -19.34 34.92
CA GLY H 299 7.96 -19.37 34.14
C GLY H 299 6.93 -18.42 34.68
N VAL H 300 5.99 -18.07 33.81
CA VAL H 300 4.91 -17.19 34.23
C VAL H 300 3.83 -18.06 34.88
N PHE H 301 3.30 -17.60 36.00
CA PHE H 301 2.33 -18.36 36.79
C PHE H 301 1.11 -17.47 37.01
N GLY H 302 0.21 -17.46 36.02
CA GLY H 302 -0.96 -16.60 36.09
C GLY H 302 -1.76 -16.60 34.81
N GLY H 303 -3.07 -16.46 34.93
CA GLY H 303 -3.95 -16.45 33.77
C GLY H 303 -5.09 -15.46 33.90
N THR I 2 -10.85 -52.05 17.69
CA THR I 2 -9.43 -52.15 17.36
C THR I 2 -8.57 -51.88 18.59
N LYS I 3 -7.34 -51.45 18.35
CA LYS I 3 -6.39 -51.16 19.44
C LYS I 3 -5.49 -50.03 18.94
N LEU I 4 -4.31 -49.85 19.55
CA LEU I 4 -3.52 -48.62 19.45
C LEU I 4 -2.94 -48.43 18.05
N LYS I 5 -3.19 -47.26 17.48
CA LYS I 5 -2.59 -46.80 16.24
C LYS I 5 -1.21 -46.20 16.55
N ALA I 6 -0.46 -45.87 15.49
CA ALA I 6 0.79 -45.14 15.63
C ALA I 6 0.54 -43.78 16.27
N PRO I 7 1.45 -43.30 17.12
CA PRO I 7 1.23 -42.04 17.84
C PRO I 7 1.33 -40.83 16.92
N ALA I 8 1.09 -39.66 17.52
CA ALA I 8 1.34 -38.41 16.82
C ALA I 8 2.81 -38.25 16.45
N VAL I 9 3.72 -38.58 17.36
CA VAL I 9 5.15 -38.65 17.05
C VAL I 9 5.71 -39.98 17.54
N LEU I 10 6.53 -40.63 16.71
CA LEU I 10 7.21 -41.86 17.07
C LEU I 10 8.42 -42.08 16.17
N ALA I 11 9.57 -42.32 16.80
CA ALA I 11 10.80 -42.68 16.09
C ALA I 11 11.74 -43.37 17.08
N TYR I 12 12.60 -44.23 16.54
CA TYR I 12 13.64 -44.88 17.32
C TYR I 12 14.99 -44.39 16.82
N SER I 13 16.02 -44.62 17.64
CA SER I 13 17.35 -44.06 17.38
C SER I 13 18.26 -45.16 16.87
N ARG I 14 19.32 -44.75 16.16
CA ARG I 14 20.36 -45.61 15.64
C ARG I 14 21.07 -46.38 16.75
N LYS I 15 21.03 -47.70 16.72
CA LYS I 15 21.65 -48.54 17.73
C LYS I 15 22.91 -49.23 17.23
N ILE I 16 23.10 -49.31 15.93
CA ILE I 16 24.39 -49.63 15.33
C ILE I 16 25.02 -48.35 14.78
N ASN I 17 26.01 -47.84 15.51
CA ASN I 17 26.64 -46.58 15.18
C ASN I 17 27.99 -46.83 14.54
N PRO I 18 28.13 -46.67 13.24
CA PRO I 18 29.45 -46.85 12.62
C PRO I 18 30.24 -45.56 12.54
N THR I 19 31.52 -45.62 12.88
CA THR I 19 32.39 -44.48 12.60
C THR I 19 32.66 -44.41 11.10
N ASN I 20 32.86 -43.18 10.62
CA ASN I 20 33.24 -43.01 9.22
C ASN I 20 34.63 -43.57 9.00
N ALA I 21 34.78 -44.38 7.97
CA ALA I 21 36.02 -45.12 7.73
C ALA I 21 37.11 -44.17 7.24
N LEU I 22 38.33 -44.42 7.72
CA LEU I 22 39.50 -43.71 7.23
C LEU I 22 40.38 -44.74 6.52
N MET I 23 40.70 -44.48 5.27
CA MET I 23 41.38 -45.49 4.47
C MET I 23 42.88 -45.19 4.37
N PHE I 24 43.66 -46.22 4.66
CA PHE I 24 45.12 -46.10 4.68
C PHE I 24 45.70 -47.08 3.67
N ALA I 25 47.01 -46.96 3.45
CA ALA I 25 47.72 -47.85 2.53
C ALA I 25 48.89 -48.50 3.27
N VAL I 26 48.94 -49.83 3.21
CA VAL I 26 49.92 -50.64 3.92
C VAL I 26 50.48 -51.71 3.01
N ASN I 27 51.25 -52.63 3.58
CA ASN I 27 51.64 -53.86 2.91
C ASN I 27 51.22 -55.05 3.75
N TRP I 28 51.13 -56.21 3.10
CA TRP I 28 50.92 -57.48 3.78
C TRP I 28 52.17 -58.01 4.47
N SER I 29 53.35 -57.49 4.12
CA SER I 29 54.57 -57.82 4.86
C SER I 29 54.49 -57.21 6.26
N ASP I 30 54.41 -55.88 6.32
CA ASP I 30 54.17 -55.18 7.58
C ASP I 30 52.89 -54.38 7.46
N ARG I 31 51.91 -54.65 8.33
CA ARG I 31 50.56 -54.11 8.21
C ARG I 31 50.35 -52.86 9.06
N ASP I 32 51.43 -52.20 9.48
CA ASP I 32 51.32 -51.06 10.37
C ASP I 32 51.94 -49.77 9.85
N ASN I 33 52.67 -49.80 8.74
CA ASN I 33 53.28 -48.59 8.18
C ASN I 33 52.29 -47.90 7.25
N THR I 34 51.24 -47.35 7.86
CA THR I 34 50.13 -46.76 7.12
C THR I 34 50.53 -45.42 6.52
N THR I 35 49.91 -45.11 5.38
CA THR I 35 50.05 -43.81 4.74
C THR I 35 48.68 -43.18 4.63
N ALA I 36 48.57 -42.05 3.91
CA ALA I 36 47.30 -41.36 3.77
C ALA I 36 46.85 -41.50 2.32
N VAL I 37 45.72 -42.19 2.11
CA VAL I 37 45.12 -42.26 0.78
C VAL I 37 44.40 -40.94 0.54
N MET I 38 45.07 -40.01 -0.12
CA MET I 38 44.56 -38.67 -0.31
C MET I 38 43.71 -38.60 -1.57
N VAL I 39 42.82 -37.61 -1.62
CA VAL I 39 41.92 -37.40 -2.74
C VAL I 39 42.27 -36.06 -3.37
N GLY I 40 42.89 -36.11 -4.55
CA GLY I 40 43.20 -34.91 -5.31
C GLY I 40 42.26 -34.72 -6.48
N THR I 41 42.64 -33.77 -7.34
CA THR I 41 41.83 -33.41 -8.50
C THR I 41 42.68 -33.44 -9.76
N LYS I 42 42.13 -34.00 -10.83
CA LYS I 42 42.70 -33.87 -12.17
C LYS I 42 41.62 -33.33 -13.11
N THR I 43 42.04 -32.54 -14.09
CA THR I 43 41.10 -31.91 -15.00
C THR I 43 40.60 -32.90 -16.03
N VAL I 44 39.28 -32.96 -16.19
CA VAL I 44 38.64 -33.84 -17.16
C VAL I 44 37.79 -32.96 -18.08
N ALA I 45 38.10 -32.97 -19.36
CA ALA I 45 37.36 -32.24 -20.37
C ALA I 45 37.04 -33.15 -21.55
N GLY I 46 35.83 -33.03 -22.08
CA GLY I 46 35.41 -33.85 -23.20
C GLY I 46 33.99 -34.34 -23.10
N THR I 47 33.42 -34.29 -21.90
CA THR I 47 32.03 -34.69 -21.70
C THR I 47 31.11 -33.58 -22.18
N GLN I 48 30.37 -33.84 -23.26
CA GLN I 48 29.56 -32.83 -23.91
C GLN I 48 28.33 -33.52 -24.49
N SER I 49 27.68 -32.85 -25.45
CA SER I 49 26.47 -33.30 -26.15
C SER I 49 25.31 -33.53 -25.17
N VAL I 50 24.91 -32.42 -24.55
CA VAL I 50 23.72 -32.40 -23.72
C VAL I 50 22.47 -32.43 -24.60
N ARG I 51 21.32 -32.69 -23.98
CA ARG I 51 20.05 -32.71 -24.70
C ARG I 51 19.72 -31.34 -25.27
N GLY I 52 19.25 -31.34 -26.53
CA GLY I 52 18.93 -30.14 -27.31
C GLY I 52 20.13 -29.19 -27.42
N ASN I 53 21.24 -29.73 -27.92
CA ASN I 53 22.47 -28.97 -28.14
C ASN I 53 22.88 -29.13 -29.60
N PRO I 54 22.81 -28.04 -30.36
CA PRO I 54 23.23 -28.05 -31.75
C PRO I 54 24.63 -27.46 -31.93
N ASN I 55 24.86 -26.25 -31.40
CA ASN I 55 26.14 -25.59 -31.53
C ASN I 55 26.88 -25.41 -30.21
N ASP I 56 26.21 -25.60 -29.07
CA ASP I 56 26.83 -25.39 -27.78
C ASP I 56 27.52 -26.64 -27.24
N ALA I 57 27.55 -27.72 -28.01
CA ALA I 57 28.21 -28.96 -27.59
C ALA I 57 29.66 -29.00 -28.08
N ASP I 58 30.40 -27.94 -27.74
CA ASP I 58 31.78 -27.81 -28.13
C ASP I 58 32.70 -27.31 -27.03
N LYS I 59 32.17 -26.79 -25.93
CA LYS I 59 33.00 -26.17 -24.91
C LYS I 59 33.77 -27.22 -24.10
N GLY I 60 34.94 -26.80 -23.61
CA GLY I 60 35.72 -27.63 -22.72
C GLY I 60 35.44 -27.29 -21.27
N ASN I 61 34.60 -28.08 -20.62
CA ASN I 61 34.22 -27.82 -19.24
C ASN I 61 35.36 -28.27 -18.32
N ILE I 62 35.89 -27.34 -17.52
CA ILE I 62 36.93 -27.68 -16.56
C ILE I 62 36.26 -28.40 -15.39
N GLN I 63 36.41 -29.72 -15.36
CA GLN I 63 35.78 -30.58 -14.35
C GLN I 63 36.91 -31.29 -13.60
N THR I 64 37.39 -30.66 -12.53
CA THR I 64 38.45 -31.23 -11.71
C THR I 64 37.85 -32.31 -10.81
N VAL I 65 37.68 -33.50 -11.38
CA VAL I 65 37.02 -34.60 -10.69
C VAL I 65 37.92 -35.13 -9.58
N ASN I 66 37.33 -35.74 -8.57
CA ASN I 66 38.04 -36.20 -7.39
C ASN I 66 38.50 -37.64 -7.66
N PHE I 67 39.74 -37.79 -8.11
CA PHE I 67 40.28 -39.11 -8.37
C PHE I 67 40.66 -39.78 -7.07
N ALA I 68 40.59 -41.12 -7.06
CA ALA I 68 40.93 -41.88 -5.86
C ALA I 68 41.65 -43.15 -6.32
N ASN I 69 42.95 -43.19 -6.13
CA ASN I 69 43.76 -44.34 -6.49
C ASN I 69 44.66 -44.74 -5.32
N LEU I 70 44.91 -46.03 -5.20
CA LEU I 70 45.90 -46.51 -4.25
C LEU I 70 47.29 -46.07 -4.72
N PRO I 71 48.18 -45.69 -3.81
CA PRO I 71 49.52 -45.25 -4.22
C PRO I 71 50.34 -46.41 -4.76
N HIS I 72 51.33 -46.06 -5.60
CA HIS I 72 52.16 -47.08 -6.23
C HIS I 72 53.14 -47.68 -5.23
N ASN I 73 53.46 -46.97 -4.15
CA ASN I 73 54.40 -47.45 -3.15
C ASN I 73 53.83 -48.60 -2.32
N LYS I 74 52.57 -48.50 -1.90
CA LYS I 74 51.95 -49.49 -1.02
C LYS I 74 50.94 -50.29 -1.83
N ASN I 75 51.01 -51.62 -1.74
CA ASN I 75 50.13 -52.46 -2.54
C ASN I 75 49.08 -53.14 -1.69
N THR I 76 48.70 -52.53 -0.57
CA THR I 76 47.60 -53.05 0.24
C THR I 76 46.83 -51.92 0.91
N LEU I 77 45.54 -51.83 0.60
CA LEU I 77 44.65 -50.85 1.19
C LEU I 77 44.29 -51.23 2.62
N LEU I 78 44.19 -50.24 3.50
CA LEU I 78 43.77 -50.45 4.89
C LEU I 78 42.52 -49.62 5.13
N VAL I 79 41.36 -50.28 5.19
CA VAL I 79 40.10 -49.64 5.54
C VAL I 79 39.90 -49.80 7.04
N LYS I 80 40.07 -48.71 7.79
CA LYS I 80 40.04 -48.75 9.24
C LYS I 80 38.85 -47.92 9.74
N TYR I 81 38.05 -48.56 10.60
CA TYR I 81 36.80 -47.99 11.10
C TYR I 81 36.42 -48.73 12.38
N ASN I 82 35.57 -48.10 13.17
CA ASN I 82 35.08 -48.69 14.41
C ASN I 82 33.58 -48.90 14.32
N VAL I 83 33.10 -49.97 14.96
CA VAL I 83 31.69 -50.31 14.99
C VAL I 83 31.26 -50.34 16.45
N LYS I 84 30.21 -49.60 16.78
CA LYS I 84 29.75 -49.42 18.15
C LYS I 84 28.31 -49.92 18.25
N PHE I 85 28.13 -51.04 18.93
CA PHE I 85 26.80 -51.58 19.22
C PHE I 85 26.24 -50.88 20.45
N VAL I 86 25.04 -50.34 20.33
CA VAL I 86 24.35 -49.67 21.44
C VAL I 86 23.13 -50.49 21.80
N GLY I 87 22.97 -50.78 23.09
CA GLY I 87 21.85 -51.56 23.57
C GLY I 87 20.59 -50.74 23.76
N ASP I 88 19.63 -51.30 24.50
CA ASP I 88 18.30 -50.71 24.74
C ASP I 88 17.59 -50.39 23.43
N VAL I 89 17.46 -51.41 22.58
CA VAL I 89 17.04 -51.23 21.20
C VAL I 89 15.51 -51.17 21.09
N PHE I 90 14.82 -51.34 22.21
CA PHE I 90 13.36 -51.22 22.23
C PHE I 90 12.85 -49.94 22.84
N LYS I 91 13.68 -49.20 23.57
CA LYS I 91 13.27 -47.91 24.11
C LYS I 91 13.29 -46.87 23.00
N ALA I 92 12.15 -46.29 22.70
CA ALA I 92 12.08 -45.23 21.70
C ALA I 92 12.34 -43.88 22.35
N GLU I 93 13.31 -43.15 21.81
CA GLU I 93 13.57 -41.80 22.27
C GLU I 93 12.43 -40.88 21.87
N LEU I 94 11.98 -41.00 20.63
CA LEU I 94 10.86 -40.18 20.17
C LEU I 94 9.57 -40.97 20.29
N GLY I 95 8.58 -40.45 20.95
CA GLY I 95 7.32 -41.16 20.96
C GLY I 95 7.18 -42.21 22.02
N GLY I 96 8.28 -42.79 22.43
CA GLY I 96 8.26 -43.80 23.46
C GLY I 96 7.09 -43.85 24.40
N GLY I 97 6.19 -44.77 24.12
CA GLY I 97 5.02 -44.89 24.95
C GLY I 97 4.45 -46.27 24.87
N GLU I 98 3.13 -46.36 24.76
CA GLU I 98 2.49 -47.64 24.78
C GLU I 98 2.88 -48.46 23.61
N TYR I 99 2.63 -47.95 22.42
CA TYR I 99 2.97 -48.65 21.20
C TYR I 99 4.38 -49.20 21.32
N SER I 100 5.29 -48.40 21.85
CA SER I 100 6.65 -48.83 22.05
C SER I 100 6.87 -49.85 23.15
N ASN I 101 6.11 -49.80 24.22
CA ASN I 101 6.35 -50.70 25.33
C ASN I 101 5.76 -52.02 24.95
N THR I 102 4.48 -52.05 24.66
CA THR I 102 3.86 -53.24 24.09
C THR I 102 4.73 -53.88 23.02
N LEU I 103 5.46 -53.08 22.24
CA LEU I 103 6.47 -53.61 21.32
C LEU I 103 7.61 -54.31 22.04
N GLN I 104 8.09 -53.72 23.14
CA GLN I 104 9.18 -54.32 23.91
C GLN I 104 8.75 -55.63 24.57
N THR I 105 7.54 -55.67 25.14
CA THR I 105 7.04 -56.92 25.70
C THR I 105 6.66 -57.94 24.63
N ALA I 106 6.26 -57.49 23.44
CA ALA I 106 5.94 -58.40 22.35
C ALA I 106 7.20 -59.00 21.75
N LEU I 107 8.26 -58.20 21.62
CA LEU I 107 9.53 -58.67 21.08
C LEU I 107 10.49 -59.14 22.17
N GLU I 108 10.02 -60.03 23.06
CA GLU I 108 10.88 -60.50 24.14
C GLU I 108 11.60 -61.77 23.75
N ASN I 109 10.95 -62.62 22.96
CA ASN I 109 11.54 -63.88 22.51
C ASN I 109 12.34 -63.76 21.22
N THR I 110 12.80 -62.56 20.89
CA THR I 110 13.60 -62.36 19.69
C THR I 110 14.99 -62.96 19.88
N ASP I 111 15.41 -63.78 18.91
CA ASP I 111 16.74 -64.38 18.93
C ASP I 111 17.76 -63.30 18.60
N PHE I 112 18.34 -62.72 19.66
CA PHE I 112 19.35 -61.69 19.49
C PHE I 112 20.68 -62.30 19.03
N GLY I 113 20.86 -63.59 19.27
CA GLY I 113 22.06 -64.30 18.85
C GLY I 113 22.28 -64.34 17.36
N THR I 114 21.24 -64.62 16.59
CA THR I 114 21.36 -64.68 15.14
C THR I 114 21.42 -63.29 14.49
N LEU I 115 20.71 -62.29 15.04
CA LEU I 115 20.92 -60.90 14.63
C LEU I 115 22.35 -60.46 14.86
N ALA I 116 22.90 -60.77 16.04
CA ALA I 116 24.30 -60.46 16.33
C ALA I 116 25.24 -61.22 15.42
N TYR I 117 24.91 -62.48 15.12
CA TYR I 117 25.73 -63.30 14.22
C TYR I 117 25.80 -62.71 12.83
N ARG I 118 24.66 -62.30 12.28
CA ARG I 118 24.68 -61.77 10.93
C ARG I 118 25.23 -60.34 10.91
N TYR I 119 25.09 -59.59 12.01
CA TYR I 119 25.73 -58.30 12.17
C TYR I 119 27.26 -58.41 12.11
N VAL I 120 27.83 -59.36 12.84
CA VAL I 120 29.28 -59.54 12.80
C VAL I 120 29.69 -60.22 11.47
N TYR I 121 28.76 -60.98 10.87
CA TYR I 121 29.02 -61.61 9.57
C TYR I 121 29.19 -60.57 8.48
N ASN I 122 28.40 -59.50 8.50
CA ASN I 122 28.55 -58.43 7.52
C ASN I 122 29.87 -57.67 7.62
N ILE I 123 30.60 -57.79 8.73
CA ILE I 123 31.99 -57.34 8.82
C ILE I 123 32.95 -58.43 8.39
N ALA I 124 32.71 -59.67 8.84
CA ALA I 124 33.62 -60.77 8.54
C ALA I 124 33.60 -61.16 7.07
N ALA I 125 32.46 -61.03 6.39
CA ALA I 125 32.39 -61.32 4.97
C ALA I 125 33.03 -60.23 4.13
N GLY I 126 32.89 -58.97 4.53
CA GLY I 126 33.49 -57.87 3.79
C GLY I 126 32.55 -57.19 2.83
N ARG I 127 31.27 -57.10 3.20
CA ARG I 127 30.31 -56.38 2.37
C ARG I 127 30.52 -54.87 2.48
N THR I 128 31.17 -54.43 3.55
CA THR I 128 31.41 -53.02 3.81
C THR I 128 32.43 -52.38 2.88
N LEU I 129 33.23 -53.20 2.19
CA LEU I 129 34.17 -52.68 1.21
C LEU I 129 33.46 -52.24 -0.06
N TRP I 130 32.34 -52.89 -0.37
CA TRP I 130 31.53 -52.71 -1.57
C TRP I 130 32.36 -52.95 -2.83
N ARG I 131 32.70 -51.88 -3.56
CA ARG I 131 33.53 -51.98 -4.76
C ARG I 131 35.02 -51.99 -4.44
N ASN I 132 35.40 -52.27 -3.20
CA ASN I 132 36.80 -52.39 -2.82
C ASN I 132 37.19 -53.84 -2.57
N ARG I 133 36.24 -54.69 -2.23
CA ARG I 133 36.43 -56.14 -2.12
C ARG I 133 36.68 -56.78 -3.48
N VAL I 134 36.17 -56.19 -4.56
CA VAL I 134 36.47 -56.60 -5.92
C VAL I 134 37.94 -56.35 -6.21
N GLY I 135 38.50 -57.14 -7.13
CA GLY I 135 39.90 -57.04 -7.48
C GLY I 135 40.86 -57.57 -6.46
N ALA I 136 40.38 -58.29 -5.45
CA ALA I 136 41.23 -58.83 -4.39
C ALA I 136 41.01 -60.32 -4.25
N GLU I 137 42.12 -61.07 -4.26
CA GLU I 137 42.08 -62.51 -3.99
C GLU I 137 42.39 -62.80 -2.53
N SER I 138 43.05 -61.88 -1.84
CA SER I 138 43.33 -62.00 -0.41
C SER I 138 42.63 -60.87 0.32
N ILE I 139 41.70 -61.23 1.21
CA ILE I 139 40.94 -60.27 2.01
C ILE I 139 41.25 -60.62 3.45
N GLU I 140 41.61 -59.63 4.27
CA GLU I 140 41.86 -59.86 5.69
C GLU I 140 40.93 -59.00 6.53
N THR I 141 40.23 -59.63 7.46
CA THR I 141 39.31 -58.95 8.37
C THR I 141 39.71 -59.29 9.80
N VAL I 142 40.04 -58.28 10.58
CA VAL I 142 40.35 -58.44 12.00
C VAL I 142 39.39 -57.61 12.82
N ILE I 143 38.91 -58.18 13.93
CA ILE I 143 37.94 -57.55 14.81
C ILE I 143 38.66 -57.27 16.13
N THR I 144 39.08 -56.03 16.33
CA THR I 144 39.76 -55.65 17.57
C THR I 144 38.70 -55.20 18.57
N VAL I 145 37.90 -56.16 19.01
CA VAL I 145 37.05 -56.00 20.19
C VAL I 145 37.96 -56.21 21.39
N ASN I 146 37.48 -55.84 22.59
CA ASN I 146 38.31 -55.57 23.77
C ASN I 146 39.21 -56.72 24.20
N ASP I 147 40.51 -56.51 24.00
CA ASP I 147 41.61 -57.42 24.37
C ASP I 147 41.47 -58.80 23.72
N GLN I 148 40.90 -58.81 22.51
CA GLN I 148 40.87 -60.02 21.68
C GLN I 148 40.69 -59.66 20.21
N THR I 149 41.74 -59.89 19.40
CA THR I 149 41.65 -59.67 17.97
C THR I 149 41.45 -60.98 17.25
N PHE I 150 40.46 -61.03 16.36
CA PHE I 150 40.07 -62.27 15.68
C PHE I 150 40.15 -62.07 14.18
N THR I 151 40.89 -62.92 13.48
CA THR I 151 41.08 -62.76 12.04
C THR I 151 40.04 -63.49 11.21
N PHE I 152 39.61 -62.90 10.09
CA PHE I 152 38.59 -63.48 9.24
C PHE I 152 39.00 -63.37 7.79
N SER I 153 38.85 -64.46 7.04
CA SER I 153 39.26 -64.48 5.65
C SER I 153 38.16 -63.92 4.83
N ASP I 154 37.19 -64.76 4.47
CA ASP I 154 36.05 -64.32 3.71
C ASP I 154 35.01 -65.30 4.09
N LEU I 155 33.78 -64.85 4.15
CA LEU I 155 32.71 -65.73 4.53
C LEU I 155 31.64 -65.59 3.50
N LEU I 156 31.92 -64.88 2.42
CA LEU I 156 30.97 -64.67 1.33
C LEU I 156 29.79 -63.82 1.66
N VAL I 157 29.76 -62.64 1.08
CA VAL I 157 28.71 -61.70 1.33
C VAL I 157 27.28 -62.21 1.45
N ASN I 158 26.94 -63.23 0.69
CA ASN I 158 25.59 -63.65 0.77
C ASN I 158 25.50 -65.02 1.35
N GLU I 159 26.52 -65.83 1.17
CA GLU I 159 26.39 -67.22 1.61
C GLU I 159 26.53 -67.28 3.13
N PHE I 160 25.45 -67.66 3.81
CA PHE I 160 25.35 -67.54 5.26
C PHE I 160 25.53 -68.87 6.00
N ASP I 161 26.78 -69.31 6.19
CA ASP I 161 27.04 -70.52 6.97
C ASP I 161 27.19 -70.20 8.45
N GLU I 162 27.64 -71.19 9.24
CA GLU I 162 27.92 -70.98 10.65
C GLU I 162 29.43 -70.96 10.85
N ASP I 163 29.93 -69.91 11.49
CA ASP I 163 31.34 -69.79 11.84
C ASP I 163 31.47 -69.66 13.35
N VAL I 164 32.60 -70.14 13.88
CA VAL I 164 32.76 -70.23 15.32
C VAL I 164 33.13 -68.87 15.94
N ASP I 165 34.16 -68.22 15.41
CA ASP I 165 34.65 -66.99 16.03
C ASP I 165 33.73 -65.81 15.79
N VAL I 166 33.04 -65.78 14.64
CA VAL I 166 32.02 -64.77 14.39
C VAL I 166 30.89 -64.91 15.42
N ALA I 167 30.51 -66.15 15.71
CA ALA I 167 29.54 -66.43 16.78
C ALA I 167 30.06 -66.07 18.16
N GLU I 168 31.34 -66.25 18.46
CA GLU I 168 31.78 -65.93 19.82
C GLU I 168 31.90 -64.43 20.03
N ILE I 169 32.17 -63.67 18.96
CA ILE I 169 31.97 -62.22 19.04
C ILE I 169 30.48 -61.89 19.21
N ALA I 170 29.63 -62.62 18.46
CA ALA I 170 28.19 -62.40 18.52
C ALA I 170 27.58 -62.72 19.89
N ASP I 171 28.26 -63.50 20.74
CA ASP I 171 27.79 -63.71 22.10
C ASP I 171 27.71 -62.41 22.90
N MET I 172 28.83 -61.66 22.99
CA MET I 172 28.74 -60.42 23.76
C MET I 172 28.09 -59.31 22.95
N VAL I 173 28.06 -59.43 21.62
CA VAL I 173 27.26 -58.49 20.82
C VAL I 173 25.76 -58.66 21.11
N ALA I 174 25.30 -59.91 21.21
CA ALA I 174 23.91 -60.16 21.56
C ALA I 174 23.63 -59.83 23.03
N GLY I 175 24.64 -59.99 23.88
CA GLY I 175 24.49 -59.56 25.27
C GLY I 175 24.34 -58.06 25.41
N VAL I 176 25.03 -57.29 24.57
CA VAL I 176 24.82 -55.85 24.52
C VAL I 176 23.47 -55.50 23.92
N LEU I 177 23.10 -56.11 22.79
CA LEU I 177 21.88 -55.76 22.09
C LEU I 177 20.61 -56.25 22.80
N SER I 178 20.73 -57.23 23.69
CA SER I 178 19.55 -57.75 24.38
C SER I 178 19.09 -56.79 25.48
N GLY I 179 20.01 -56.40 26.36
CA GLY I 179 19.68 -55.50 27.44
C GLY I 179 20.15 -54.08 27.18
N GLU I 180 21.18 -53.66 27.90
CA GLU I 180 21.72 -52.32 27.78
C GLU I 180 23.24 -52.43 27.70
N GLY I 181 23.91 -51.28 27.73
CA GLY I 181 25.36 -51.22 27.63
C GLY I 181 25.79 -51.05 26.18
N PHE I 182 27.11 -51.01 26.00
CA PHE I 182 27.68 -50.82 24.69
C PHE I 182 28.92 -51.70 24.54
N VAL I 183 29.24 -52.03 23.29
CA VAL I 183 30.51 -52.66 22.95
C VAL I 183 31.05 -51.99 21.69
N THR I 184 32.36 -51.80 21.63
CA THR I 184 33.01 -51.17 20.49
C THR I 184 34.07 -52.12 19.96
N LEU I 185 33.91 -52.55 18.71
CA LEU I 185 34.83 -53.45 18.04
C LEU I 185 35.51 -52.72 16.88
N LYS I 186 36.83 -52.79 16.84
CA LYS I 186 37.63 -52.03 15.88
C LYS I 186 37.95 -52.91 14.68
N VAL I 187 37.79 -52.36 13.48
CA VAL I 187 37.85 -53.12 12.24
C VAL I 187 38.99 -52.59 11.39
N GLU I 188 39.85 -53.50 10.91
CA GLU I 188 40.82 -53.21 9.87
C GLU I 188 40.63 -54.19 8.72
N HIS I 189 40.71 -53.66 7.50
CA HIS I 189 40.42 -54.44 6.29
C HIS I 189 41.62 -54.34 5.35
N TYR I 190 42.16 -55.49 4.95
CA TYR I 190 43.39 -55.54 4.16
C TYR I 190 43.15 -56.32 2.87
N MET I 191 43.54 -55.73 1.72
CA MET I 191 43.38 -56.38 0.42
C MET I 191 44.57 -56.02 -0.48
N LEU I 192 45.09 -57.02 -1.21
CA LEU I 192 45.88 -56.72 -2.40
C LEU I 192 45.00 -56.21 -3.52
N LEU I 193 45.19 -54.95 -3.91
CA LEU I 193 44.52 -54.41 -5.08
C LEU I 193 45.55 -54.09 -6.15
N GLY I 194 46.80 -53.86 -5.74
CA GLY I 194 47.89 -53.59 -6.66
C GLY I 194 48.29 -52.12 -6.65
N GLU I 195 49.44 -51.87 -7.26
CA GLU I 195 49.94 -50.51 -7.40
C GLU I 195 49.17 -49.75 -8.48
N GLY I 196 48.77 -48.53 -8.17
CA GLY I 196 48.00 -47.75 -9.12
C GLY I 196 46.58 -48.24 -9.32
N SER I 197 46.07 -49.00 -8.36
CA SER I 197 44.75 -49.59 -8.45
C SER I 197 43.68 -48.56 -8.09
N GLU I 198 42.44 -48.91 -8.40
CA GLU I 198 41.30 -48.02 -8.16
C GLU I 198 40.67 -48.33 -6.81
N VAL I 199 40.77 -47.37 -5.89
CA VAL I 199 40.06 -47.42 -4.61
C VAL I 199 38.77 -46.64 -4.76
N PHE I 200 37.67 -47.18 -4.21
CA PHE I 200 36.35 -46.64 -4.47
C PHE I 200 35.68 -46.19 -3.18
N PRO I 201 35.87 -44.95 -2.75
CA PRO I 201 35.16 -44.46 -1.56
C PRO I 201 33.74 -44.03 -1.87
N SER I 202 33.00 -43.58 -0.86
CA SER I 202 31.61 -43.19 -1.05
C SER I 202 31.49 -41.86 -1.78
N GLN I 203 30.44 -41.75 -2.59
CA GLN I 203 30.21 -40.55 -3.39
C GLN I 203 29.46 -39.49 -2.59
N GLU I 204 28.97 -38.45 -3.26
CA GLU I 204 28.28 -37.36 -2.59
C GLU I 204 27.36 -36.68 -3.60
N PHE I 205 26.75 -35.58 -3.14
CA PHE I 205 25.74 -34.86 -3.93
C PHE I 205 26.41 -34.02 -5.02
N VAL I 206 26.25 -34.44 -6.27
CA VAL I 206 26.60 -33.62 -7.43
C VAL I 206 25.32 -33.39 -8.23
N GLU I 207 24.87 -32.14 -8.28
CA GLU I 207 23.65 -31.78 -9.00
C GLU I 207 23.95 -31.10 -10.33
N ASN I 208 24.64 -29.96 -10.29
CA ASN I 208 24.93 -29.20 -11.50
C ASN I 208 26.15 -29.77 -12.21
N SER I 209 26.42 -29.26 -13.41
CA SER I 209 27.58 -29.67 -14.19
C SER I 209 28.76 -28.75 -13.94
N LYS I 210 29.06 -28.55 -12.65
CA LYS I 210 30.26 -27.85 -12.22
C LYS I 210 31.34 -28.82 -11.78
N LEU I 211 30.96 -30.03 -11.39
CA LEU I 211 31.92 -31.10 -11.11
C LEU I 211 31.26 -32.43 -11.51
N SER I 212 31.96 -33.53 -11.25
CA SER I 212 31.37 -34.84 -11.52
C SER I 212 31.33 -35.66 -10.24
N LYS I 213 32.37 -35.56 -9.43
CA LYS I 213 32.47 -36.31 -8.18
C LYS I 213 33.07 -35.42 -7.10
N GLN I 214 32.38 -35.33 -5.97
CA GLN I 214 32.85 -34.59 -4.80
C GLN I 214 32.86 -35.54 -3.61
N LEU I 215 33.49 -36.71 -3.78
CA LEU I 215 33.41 -37.85 -2.86
C LEU I 215 33.78 -37.49 -1.42
N PHE I 216 33.24 -38.28 -0.50
CA PHE I 216 33.42 -38.02 0.93
C PHE I 216 34.85 -38.31 1.34
N ASP I 217 35.60 -37.25 1.63
CA ASP I 217 36.93 -37.37 2.23
C ASP I 217 36.99 -36.49 3.47
N LEU I 218 37.47 -37.05 4.57
CA LEU I 218 37.63 -36.31 5.80
C LEU I 218 39.09 -35.89 5.91
N ASN I 219 39.31 -34.57 6.01
CA ASN I 219 40.64 -33.93 6.06
C ASN I 219 41.49 -34.29 4.85
N GLY I 220 40.85 -34.43 3.68
CA GLY I 220 41.54 -34.72 2.44
C GLY I 220 41.89 -36.18 2.23
N GLN I 221 41.56 -37.06 3.18
CA GLN I 221 41.88 -38.48 3.09
C GLN I 221 40.60 -39.24 2.82
N ALA I 222 40.68 -40.24 1.93
CA ALA I 222 39.53 -40.95 1.39
C ALA I 222 38.72 -41.69 2.45
N ALA I 223 37.39 -41.60 2.36
CA ALA I 223 36.53 -42.06 3.43
C ALA I 223 35.29 -42.74 2.87
N MET I 224 34.85 -43.80 3.57
CA MET I 224 33.54 -44.39 3.39
C MET I 224 32.55 -43.61 4.25
N HIS I 225 31.34 -43.39 3.71
CA HIS I 225 30.26 -42.82 4.50
C HIS I 225 29.83 -43.80 5.57
N ASP I 226 29.54 -43.27 6.76
CA ASP I 226 29.06 -44.09 7.87
C ASP I 226 27.69 -44.68 7.61
N GLN I 227 26.83 -43.97 6.88
CA GLN I 227 25.55 -44.50 6.46
C GLN I 227 25.68 -45.68 5.51
N LYS I 228 26.66 -45.67 4.61
CA LYS I 228 26.89 -46.80 3.72
C LYS I 228 27.46 -48.00 4.46
N ILE I 229 28.31 -47.76 5.45
CA ILE I 229 28.85 -48.83 6.28
C ILE I 229 27.73 -49.47 7.10
N GLY I 230 26.84 -48.64 7.67
CA GLY I 230 25.65 -49.12 8.34
C GLY I 230 24.67 -49.84 7.42
N ASN I 231 24.61 -49.41 6.15
CA ASN I 231 23.83 -50.12 5.15
C ASN I 231 24.38 -51.51 4.92
N ALA I 232 25.71 -51.64 4.92
CA ALA I 232 26.32 -52.97 4.84
C ALA I 232 26.02 -53.79 6.09
N ILE I 233 25.96 -53.14 7.25
CA ILE I 233 25.57 -53.78 8.51
C ILE I 233 24.14 -54.30 8.45
N ARG I 234 23.22 -53.49 7.92
CA ARG I 234 21.80 -53.78 8.01
C ARG I 234 21.31 -54.65 6.85
N THR I 235 22.23 -55.30 6.13
CA THR I 235 21.88 -56.32 5.15
C THR I 235 21.60 -57.62 5.89
N ILE I 236 20.38 -57.73 6.41
CA ILE I 236 20.03 -58.77 7.37
C ILE I 236 18.98 -59.68 6.74
N ASP I 237 18.02 -59.06 6.04
CA ASP I 237 16.78 -59.69 5.63
C ASP I 237 16.97 -60.77 4.57
N THR I 238 16.61 -62.01 4.93
CA THR I 238 16.40 -63.10 3.97
C THR I 238 15.03 -63.72 4.18
N TRP I 239 14.32 -62.96 5.01
CA TRP I 239 13.00 -63.36 5.38
C TRP I 239 12.22 -62.53 4.43
N TYR I 240 12.92 -61.89 3.51
CA TYR I 240 12.16 -61.21 2.50
C TYR I 240 11.68 -62.30 1.61
N GLU I 241 10.37 -62.33 1.39
CA GLU I 241 9.77 -63.41 0.62
C GLU I 241 9.80 -63.21 -0.87
N ASP I 242 10.73 -62.43 -1.37
CA ASP I 242 10.80 -62.31 -2.79
C ASP I 242 11.96 -63.12 -3.33
N ALA I 243 13.02 -63.29 -2.55
CA ALA I 243 14.19 -64.03 -3.02
C ALA I 243 15.20 -64.32 -1.95
N THR I 244 16.44 -64.49 -2.38
CA THR I 244 17.52 -64.78 -1.44
C THR I 244 18.83 -64.07 -1.73
N THR I 245 18.82 -62.74 -1.70
CA THR I 245 20.05 -61.95 -1.83
C THR I 245 19.75 -60.94 -0.77
N PRO I 246 20.28 -61.12 0.49
CA PRO I 246 19.87 -60.20 1.54
C PRO I 246 19.77 -58.74 1.19
N ILE I 247 18.64 -58.16 1.54
CA ILE I 247 18.45 -56.78 1.24
C ILE I 247 18.83 -56.05 2.48
N ALA I 248 19.05 -54.75 2.34
CA ALA I 248 19.32 -53.94 3.50
C ALA I 248 17.98 -53.66 4.14
N VAL I 249 17.76 -54.11 5.36
CA VAL I 249 16.48 -53.93 6.04
C VAL I 249 16.06 -52.48 5.96
N GLU I 250 14.76 -52.27 5.95
CA GLU I 250 14.09 -51.07 5.47
C GLU I 250 12.63 -51.28 5.83
N PRO I 251 11.85 -50.22 6.13
CA PRO I 251 10.40 -50.42 6.33
C PRO I 251 9.67 -50.92 5.10
N TYR I 252 10.19 -50.67 3.90
CA TYR I 252 9.61 -51.19 2.67
C TYR I 252 10.53 -52.14 1.91
N GLY I 253 11.72 -52.44 2.44
CA GLY I 253 12.66 -53.34 1.79
C GLY I 253 13.16 -52.87 0.44
N SER I 254 13.26 -51.57 0.23
CA SER I 254 13.44 -51.01 -1.10
C SER I 254 14.85 -50.46 -1.28
N VAL I 255 15.42 -50.67 -2.47
CA VAL I 255 16.60 -49.95 -2.91
C VAL I 255 16.23 -49.03 -4.07
N VAL I 256 16.88 -47.88 -4.14
CA VAL I 256 16.74 -46.97 -5.27
C VAL I 256 17.71 -47.33 -6.39
N ARG I 257 18.72 -48.14 -6.09
CA ARG I 257 19.73 -48.54 -7.07
C ARG I 257 19.13 -49.38 -8.18
N ASN I 258 18.23 -50.29 -7.85
CA ASN I 258 17.48 -51.03 -8.86
C ASN I 258 16.10 -50.44 -9.09
N GLY I 259 15.57 -49.68 -8.14
CA GLY I 259 14.27 -49.05 -8.29
C GLY I 259 13.09 -49.90 -7.88
N VAL I 260 13.31 -51.17 -7.55
CA VAL I 260 12.23 -52.08 -7.14
C VAL I 260 12.05 -52.01 -5.63
N ALA I 261 10.91 -52.53 -5.16
CA ALA I 261 10.60 -52.53 -3.73
C ALA I 261 10.22 -53.92 -3.28
N TYR I 262 11.05 -54.53 -2.44
CA TYR I 262 10.95 -55.95 -2.13
C TYR I 262 9.86 -56.24 -1.11
N ARG I 263 9.54 -55.25 -0.26
CA ARG I 263 8.56 -55.50 0.80
C ARG I 263 7.42 -54.48 0.82
N ALA I 264 7.16 -53.76 -0.26
CA ALA I 264 6.14 -52.71 -0.25
C ALA I 264 4.85 -53.22 -0.87
N GLY I 265 3.98 -53.75 0.00
CA GLY I 265 2.63 -54.09 -0.43
C GLY I 265 2.16 -55.48 -0.07
N ASN I 266 3.05 -56.45 -0.07
CA ASN I 266 2.66 -57.86 0.12
C ASN I 266 2.70 -58.28 1.58
N LYS I 267 2.07 -57.46 2.45
CA LYS I 267 1.91 -57.72 3.90
C LYS I 267 3.23 -57.93 4.63
N THR I 268 4.33 -57.42 4.07
CA THR I 268 5.64 -57.46 4.70
C THR I 268 6.17 -56.05 4.94
N ASP I 269 5.27 -55.06 4.92
CA ASP I 269 5.58 -53.71 5.35
C ASP I 269 5.89 -53.71 6.84
N LEU I 270 6.72 -52.76 7.28
CA LEU I 270 6.91 -52.59 8.71
C LEU I 270 5.66 -52.06 9.39
N PHE I 271 4.94 -51.17 8.73
CA PHE I 271 3.84 -50.47 9.38
C PHE I 271 2.66 -51.39 9.64
N THR I 272 2.26 -52.14 8.61
CA THR I 272 1.16 -53.10 8.75
C THR I 272 1.51 -54.23 9.70
N LEU I 273 2.71 -54.80 9.58
CA LEU I 273 3.08 -55.92 10.44
C LEU I 273 3.37 -55.47 11.87
N MET I 274 3.83 -54.24 12.07
CA MET I 274 4.00 -53.67 13.41
C MET I 274 2.66 -53.41 14.09
N ASP I 275 1.69 -52.89 13.33
CA ASP I 275 0.35 -52.71 13.84
C ASP I 275 -0.29 -54.06 14.16
N GLY I 276 -0.01 -55.07 13.33
CA GLY I 276 -0.43 -56.42 13.68
C GLY I 276 0.26 -56.98 14.90
N ALA I 277 1.55 -56.66 15.06
CA ALA I 277 2.34 -57.17 16.18
C ALA I 277 1.84 -56.64 17.52
N VAL I 278 1.51 -55.36 17.58
CA VAL I 278 1.09 -54.77 18.84
C VAL I 278 -0.41 -54.93 19.05
N ASN I 279 -1.20 -54.75 17.99
CA ASN I 279 -2.66 -54.75 18.07
C ASN I 279 -3.25 -56.10 18.44
N GLY I 280 -2.50 -57.19 18.27
CA GLY I 280 -2.94 -58.48 18.78
C GLY I 280 -2.61 -59.69 17.94
N LYS I 281 -2.28 -59.48 16.66
CA LYS I 281 -1.95 -60.58 15.77
C LYS I 281 -0.56 -61.14 16.09
N SER I 282 -0.52 -62.38 16.56
CA SER I 282 0.75 -63.05 16.82
C SER I 282 1.37 -63.52 15.51
N LEU I 283 2.70 -63.46 15.42
CA LEU I 283 3.42 -63.70 14.19
C LEU I 283 4.66 -64.56 14.44
N THR I 284 5.42 -64.81 13.37
CA THR I 284 6.49 -65.80 13.38
C THR I 284 7.76 -65.20 13.97
N GLU I 285 8.89 -65.91 13.82
CA GLU I 285 10.16 -65.48 14.40
C GLU I 285 11.01 -64.65 13.45
N GLU I 286 11.03 -65.00 12.15
CA GLU I 286 11.87 -64.31 11.18
C GLU I 286 11.44 -62.88 10.93
N ASP I 287 10.14 -62.65 10.72
CA ASP I 287 9.65 -61.29 10.56
C ASP I 287 9.68 -60.49 11.86
N GLN I 288 9.55 -61.13 13.01
CA GLN I 288 9.76 -60.45 14.28
C GLN I 288 11.20 -60.00 14.43
N MET I 289 12.14 -60.85 14.00
CA MET I 289 13.54 -60.48 13.93
C MET I 289 13.81 -59.37 12.91
N PHE I 290 13.03 -59.34 11.83
CA PHE I 290 13.10 -58.21 10.89
C PHE I 290 12.63 -56.89 11.53
N VAL I 291 11.56 -56.93 12.32
CA VAL I 291 11.12 -55.76 13.09
C VAL I 291 12.20 -55.32 14.06
N THR I 292 12.80 -56.28 14.77
CA THR I 292 13.88 -55.99 15.71
C THR I 292 15.11 -55.39 15.04
N ALA I 293 15.54 -55.94 13.90
CA ALA I 293 16.67 -55.40 13.15
C ALA I 293 16.40 -54.01 12.59
N ASN I 294 15.19 -53.75 12.09
CA ASN I 294 14.86 -52.39 11.65
C ASN I 294 14.67 -51.45 12.83
N LEU I 295 14.49 -51.97 14.05
CA LEU I 295 14.49 -51.17 15.26
C LEU I 295 15.90 -50.90 15.76
N ILE I 296 16.90 -51.58 15.20
CA ILE I 296 18.31 -51.27 15.43
C ILE I 296 18.73 -50.28 14.36
N ARG I 297 18.09 -50.36 13.19
CA ARG I 297 18.25 -49.33 12.17
C ARG I 297 17.78 -47.96 12.66
N GLY I 298 16.62 -47.90 13.29
CA GLY I 298 16.01 -46.64 13.63
C GLY I 298 15.11 -46.12 12.52
N GLY I 299 14.70 -44.86 12.65
CA GLY I 299 13.88 -44.23 11.64
C GLY I 299 12.58 -43.75 12.24
N VAL I 300 11.72 -43.21 11.38
CA VAL I 300 10.41 -42.73 11.80
C VAL I 300 9.40 -43.86 11.63
N PHE I 301 8.53 -44.01 12.62
CA PHE I 301 7.58 -45.12 12.66
C PHE I 301 6.20 -44.66 13.11
N GLY I 302 5.80 -43.45 12.69
CA GLY I 302 4.53 -42.92 13.15
C GLY I 302 3.99 -41.79 12.30
N GLY I 303 2.68 -41.79 12.09
CA GLY I 303 2.03 -40.78 11.28
C GLY I 303 0.53 -40.72 11.46
N TYR J 2 32.23 -73.64 -33.64
CA TYR J 2 33.27 -73.08 -32.77
C TYR J 2 32.84 -73.18 -31.30
N ASN J 3 33.56 -73.98 -30.54
CA ASN J 3 33.18 -74.26 -29.16
C ASN J 3 33.38 -73.04 -28.27
N THR J 4 32.56 -72.96 -27.22
CA THR J 4 32.60 -71.81 -26.33
C THR J 4 32.32 -72.25 -24.90
N ILE J 5 32.77 -71.43 -23.95
CA ILE J 5 32.58 -71.66 -22.54
C ILE J 5 31.83 -70.46 -21.96
N SER J 6 31.15 -70.65 -20.83
CA SER J 6 30.31 -69.61 -20.26
C SER J 6 30.83 -69.14 -18.91
N ILE J 7 30.78 -67.83 -18.70
CA ILE J 7 31.09 -67.19 -17.43
C ILE J 7 29.84 -66.44 -16.99
N THR J 8 29.33 -66.74 -15.80
CA THR J 8 28.11 -66.13 -15.30
C THR J 8 28.42 -65.28 -14.08
N VAL J 9 28.01 -64.02 -14.13
CA VAL J 9 28.11 -63.14 -12.96
C VAL J 9 26.92 -63.42 -12.05
N VAL J 10 27.21 -63.82 -10.82
CA VAL J 10 26.14 -64.04 -9.85
C VAL J 10 25.55 -62.69 -9.43
N ASP J 11 24.25 -62.69 -9.13
CA ASP J 11 23.56 -61.46 -8.76
C ASP J 11 24.03 -60.98 -7.39
N ALA J 12 24.49 -59.73 -7.34
CA ALA J 12 25.01 -59.13 -6.12
C ALA J 12 24.39 -57.75 -5.97
N ASP J 13 23.74 -57.53 -4.82
CA ASP J 13 23.18 -56.21 -4.53
C ASP J 13 24.26 -55.22 -4.12
N ASP J 14 25.44 -55.72 -3.75
CA ASP J 14 26.51 -54.83 -3.29
C ASP J 14 27.20 -54.15 -4.46
N VAL J 15 27.79 -54.94 -5.36
CA VAL J 15 28.56 -54.41 -6.48
C VAL J 15 27.66 -54.39 -7.72
N GLY J 16 28.12 -53.66 -8.74
CA GLY J 16 27.36 -53.58 -9.96
C GLY J 16 27.56 -54.82 -10.82
N VAL J 17 26.49 -55.24 -11.50
CA VAL J 17 26.54 -56.41 -12.36
C VAL J 17 27.44 -56.16 -13.57
N ASN J 18 27.31 -54.98 -14.18
CA ASN J 18 28.21 -54.59 -15.26
C ASN J 18 29.58 -54.18 -14.73
N PHE J 19 29.65 -53.75 -13.46
CA PHE J 19 30.92 -53.35 -12.87
C PHE J 19 31.82 -54.57 -12.62
N VAL J 20 31.23 -55.70 -12.23
CA VAL J 20 31.99 -56.95 -12.15
C VAL J 20 32.44 -57.37 -13.54
N VAL J 21 31.59 -57.16 -14.55
CA VAL J 21 31.91 -57.49 -15.94
C VAL J 21 33.10 -56.67 -16.43
N SER J 22 33.15 -55.40 -16.02
CA SER J 22 34.27 -54.53 -16.35
C SER J 22 35.57 -55.00 -15.72
N LYS J 23 35.51 -55.46 -14.46
CA LYS J 23 36.70 -55.98 -13.81
C LYS J 23 37.06 -57.37 -14.33
N VAL J 24 36.05 -58.11 -14.81
CA VAL J 24 36.31 -59.37 -15.49
C VAL J 24 37.05 -59.12 -16.81
N LEU J 25 36.60 -58.13 -17.58
CA LEU J 25 37.23 -57.83 -18.86
C LEU J 25 38.61 -57.19 -18.68
N SER J 26 38.79 -56.43 -17.59
CA SER J 26 40.10 -55.86 -17.31
C SER J 26 41.09 -56.92 -16.89
N THR J 27 40.66 -57.88 -16.06
CA THR J 27 41.55 -58.95 -15.62
C THR J 27 41.80 -59.97 -16.74
N LEU J 28 40.88 -60.09 -17.70
CA LEU J 28 41.12 -60.93 -18.86
C LEU J 28 42.11 -60.29 -19.82
N HIS J 29 42.33 -58.98 -19.70
CA HIS J 29 43.29 -58.29 -20.56
C HIS J 29 44.71 -58.47 -20.03
N ASN J 30 44.93 -58.09 -18.77
CA ASN J 30 46.28 -58.04 -18.21
C ASN J 30 46.85 -59.42 -17.92
N LYS J 31 46.03 -60.46 -17.87
CA LYS J 31 46.50 -61.82 -17.63
C LYS J 31 46.50 -62.64 -18.90
N GLY J 32 46.80 -61.99 -20.02
CA GLY J 32 46.89 -62.67 -21.30
C GLY J 32 45.54 -62.91 -21.95
N ILE J 33 45.15 -64.19 -22.02
CA ILE J 33 43.89 -64.68 -22.56
C ILE J 33 43.68 -64.26 -24.01
N PHE J 34 43.32 -62.98 -24.23
CA PHE J 34 43.06 -62.47 -25.58
C PHE J 34 44.40 -62.25 -26.29
N ASN J 35 44.96 -63.34 -26.81
CA ASN J 35 46.21 -63.22 -27.55
C ASN J 35 45.95 -62.82 -29.00
N GLY J 36 45.35 -63.72 -29.78
CA GLY J 36 44.93 -63.38 -31.13
C GLY J 36 43.69 -64.09 -31.61
N GLU J 37 43.04 -64.87 -30.74
CA GLU J 37 41.95 -65.73 -31.19
C GLU J 37 40.76 -65.80 -30.25
N VAL J 38 40.86 -65.34 -29.01
CA VAL J 38 39.77 -65.46 -28.05
C VAL J 38 38.87 -64.24 -28.18
N GLY J 39 37.58 -64.49 -28.37
CA GLY J 39 36.61 -63.41 -28.54
C GLY J 39 35.47 -63.51 -27.55
N VAL J 40 34.86 -62.36 -27.22
CA VAL J 40 33.80 -62.34 -26.22
C VAL J 40 32.50 -61.83 -26.85
N THR J 41 31.43 -62.58 -26.64
CA THR J 41 30.09 -62.13 -27.04
C THR J 41 29.15 -62.22 -25.84
N PHE J 42 28.09 -61.41 -25.88
CA PHE J 42 27.09 -61.35 -24.82
C PHE J 42 25.73 -61.65 -25.46
N PRO J 43 25.00 -62.65 -24.95
CA PRO J 43 23.68 -62.95 -25.51
C PRO J 43 22.58 -61.98 -25.10
N ARG J 44 22.89 -61.02 -24.21
CA ARG J 44 21.85 -60.17 -23.62
C ARG J 44 22.04 -58.69 -23.91
N MET J 45 22.24 -58.33 -25.18
CA MET J 45 22.21 -56.92 -25.59
C MET J 45 20.76 -56.43 -25.57
N ASP J 46 20.34 -55.83 -24.46
CA ASP J 46 19.06 -55.13 -24.46
C ASP J 46 19.27 -53.64 -24.25
N LYS J 47 19.86 -53.26 -23.10
CA LYS J 47 20.29 -51.89 -22.90
C LYS J 47 21.72 -51.82 -22.37
N ASN J 48 22.08 -52.77 -21.51
CA ASN J 48 23.39 -52.84 -20.88
C ASN J 48 24.21 -53.94 -21.54
N VAL J 49 25.40 -54.19 -21.00
CA VAL J 49 26.24 -55.27 -21.52
C VAL J 49 25.63 -56.64 -21.17
N GLY J 50 25.21 -56.82 -19.92
CA GLY J 50 24.62 -58.07 -19.48
C GLY J 50 25.35 -58.64 -18.28
N ASP J 51 25.13 -59.92 -18.04
CA ASP J 51 25.74 -60.63 -16.93
C ASP J 51 26.49 -61.88 -17.33
N ILE J 52 26.09 -62.55 -18.40
CA ILE J 52 26.74 -63.81 -18.79
C ILE J 52 27.81 -63.52 -19.84
N ILE J 53 29.00 -64.07 -19.62
CA ILE J 53 30.14 -63.89 -20.51
C ILE J 53 30.44 -65.20 -21.21
N THR J 54 30.66 -65.12 -22.52
CA THR J 54 30.92 -66.30 -23.34
C THR J 54 32.18 -66.07 -24.16
N LEU J 55 33.12 -67.02 -24.09
CA LEU J 55 34.39 -66.92 -24.79
C LEU J 55 34.47 -68.01 -25.84
N PHE J 56 34.68 -67.64 -27.10
CA PHE J 56 34.52 -68.60 -28.19
C PHE J 56 35.82 -68.85 -28.96
N SER J 57 36.92 -69.07 -28.23
CA SER J 57 38.23 -69.30 -28.84
C SER J 57 38.23 -70.56 -29.69
N LYS J 58 38.96 -70.51 -30.80
CA LYS J 58 38.90 -71.57 -31.81
C LYS J 58 39.56 -72.85 -31.31
N THR J 59 40.70 -72.73 -30.65
CA THR J 59 41.36 -73.91 -30.09
C THR J 59 40.62 -74.45 -28.87
N GLY J 60 39.82 -73.63 -28.20
CA GLY J 60 39.05 -74.08 -27.06
C GLY J 60 39.59 -73.56 -25.75
N VAL J 61 38.72 -73.04 -24.90
CA VAL J 61 39.09 -72.54 -23.58
C VAL J 61 38.69 -73.60 -22.56
N ASP J 62 39.66 -74.15 -21.86
CA ASP J 62 39.39 -75.10 -20.79
C ASP J 62 39.00 -74.36 -19.52
N ARG J 63 38.41 -75.10 -18.59
CA ARG J 63 37.89 -74.52 -17.36
C ARG J 63 39.01 -74.15 -16.38
N LYS J 64 40.15 -74.85 -16.45
CA LYS J 64 41.18 -74.68 -15.44
C LYS J 64 41.97 -73.38 -15.62
N VAL J 65 42.11 -72.92 -16.86
CA VAL J 65 42.97 -71.76 -17.11
C VAL J 65 42.29 -70.46 -16.67
N LEU J 66 40.97 -70.36 -16.85
CA LEU J 66 40.28 -69.11 -16.55
C LEU J 66 39.63 -69.10 -15.18
N THR J 67 39.57 -70.23 -14.48
CA THR J 67 39.21 -70.20 -13.06
C THR J 67 40.34 -69.70 -12.18
N SER J 68 41.58 -69.78 -12.66
CA SER J 68 42.71 -69.16 -11.98
C SER J 68 43.01 -67.76 -12.51
N THR J 69 42.58 -67.45 -13.73
CA THR J 69 42.70 -66.09 -14.25
C THR J 69 41.73 -65.15 -13.53
N LEU J 70 40.48 -65.58 -13.36
CA LEU J 70 39.50 -64.81 -12.58
C LEU J 70 39.50 -65.27 -11.13
N ASN J 71 40.70 -65.32 -10.54
CA ASN J 71 40.85 -65.72 -9.14
C ASN J 71 40.42 -64.62 -8.19
N THR J 72 40.49 -63.36 -8.63
CA THR J 72 40.04 -62.25 -7.80
C THR J 72 38.53 -62.05 -7.84
N LEU J 73 37.83 -62.71 -8.76
CA LEU J 73 36.40 -62.51 -8.93
C LEU J 73 35.54 -63.69 -8.48
N THR J 74 36.10 -64.66 -7.75
CA THR J 74 35.34 -65.87 -7.43
C THR J 74 34.26 -65.65 -6.38
N ASP J 75 34.22 -64.48 -5.75
CA ASP J 75 33.16 -64.17 -4.79
C ASP J 75 31.80 -64.09 -5.47
N PHE J 76 31.75 -63.59 -6.70
CA PHE J 76 30.49 -63.37 -7.40
C PHE J 76 30.61 -63.77 -8.87
N ILE J 77 31.18 -64.94 -9.14
CA ILE J 77 31.29 -65.44 -10.51
C ILE J 77 30.82 -66.90 -10.53
N HIS J 78 30.45 -67.35 -11.73
CA HIS J 78 30.08 -68.74 -11.98
C HIS J 78 30.63 -69.15 -13.34
N ILE J 79 31.47 -70.16 -13.35
CA ILE J 79 32.15 -70.61 -14.57
C ILE J 79 31.47 -71.89 -15.05
N GLY J 80 30.94 -71.85 -16.27
CA GLY J 80 30.27 -73.00 -16.84
C GLY J 80 31.21 -73.93 -17.57
N LYS J 81 30.62 -74.97 -18.16
CA LYS J 81 31.22 -76.03 -18.96
C LYS J 81 31.42 -75.55 -20.40
N PRO J 82 32.38 -76.12 -21.14
CA PRO J 82 32.52 -75.74 -22.55
C PRO J 82 31.49 -76.40 -23.45
N LYS J 83 30.60 -75.61 -24.04
CA LYS J 83 29.64 -76.07 -25.04
C LYS J 83 30.15 -75.75 -26.43
N GLU J 84 29.28 -75.94 -27.42
CA GLU J 84 29.60 -75.67 -28.81
C GLU J 84 28.54 -74.79 -29.44
N ALA J 85 28.95 -74.00 -30.43
CA ALA J 85 28.05 -73.10 -31.15
C ALA J 85 28.52 -72.96 -32.58
N ASP J 86 27.58 -73.03 -33.53
CA ASP J 86 27.94 -72.91 -34.93
C ASP J 86 28.22 -71.47 -35.34
N LYS J 87 27.64 -70.49 -34.64
CA LYS J 87 27.83 -69.09 -34.95
C LYS J 87 27.66 -68.26 -33.68
N VAL J 88 28.58 -67.32 -33.46
CA VAL J 88 28.52 -66.40 -32.35
C VAL J 88 28.34 -64.99 -32.89
N LYS J 89 27.82 -64.10 -32.04
CA LYS J 89 27.59 -62.71 -32.43
C LYS J 89 28.73 -61.85 -31.89
N THR J 90 29.86 -61.88 -32.60
CA THR J 90 31.01 -61.08 -32.20
C THR J 90 30.77 -59.60 -32.48
N TYR J 91 31.41 -58.75 -31.69
CA TYR J 91 31.23 -57.31 -31.80
C TYR J 91 32.56 -56.66 -32.14
N ARG J 92 32.53 -55.33 -32.28
CA ARG J 92 33.70 -54.54 -32.61
C ARG J 92 33.70 -53.24 -31.83
N LYS J 93 34.88 -52.62 -31.75
CA LYS J 93 35.09 -51.43 -30.93
C LYS J 93 34.88 -50.18 -31.79
N VAL J 94 34.08 -49.25 -31.27
CA VAL J 94 33.84 -47.96 -31.92
C VAL J 94 34.11 -46.86 -30.90
N ASP J 95 34.86 -45.84 -31.32
CA ASP J 95 35.26 -44.75 -30.45
C ASP J 95 34.39 -43.52 -30.68
N THR J 96 34.37 -42.63 -29.69
CA THR J 96 33.66 -41.36 -29.78
C THR J 96 34.68 -40.22 -29.84
N LYS J 97 34.50 -39.33 -30.80
CA LYS J 97 35.37 -38.18 -30.98
C LYS J 97 34.68 -36.93 -30.45
N SER J 98 35.37 -36.19 -29.59
CA SER J 98 34.74 -35.05 -28.91
C SER J 98 35.77 -33.91 -28.83
N LYS J 99 35.74 -33.02 -29.82
CA LYS J 99 36.43 -31.74 -29.84
C LYS J 99 37.95 -31.86 -29.69
N GLY J 100 38.43 -31.83 -28.44
CA GLY J 100 39.87 -31.79 -28.19
C GLY J 100 40.60 -33.07 -28.51
N LYS J 101 39.86 -34.15 -28.80
CA LYS J 101 40.47 -35.35 -29.39
C LYS J 101 41.05 -35.04 -30.76
N LEU J 102 40.37 -34.18 -31.52
CA LEU J 102 40.79 -33.84 -32.87
C LEU J 102 41.53 -32.51 -32.96
N ILE J 103 41.42 -31.65 -31.93
CA ILE J 103 42.10 -30.36 -31.96
C ILE J 103 43.61 -30.53 -31.83
N ARG J 104 44.05 -31.35 -30.87
CA ARG J 104 45.49 -31.53 -30.66
C ARG J 104 46.08 -32.46 -31.70
N ARG J 105 45.26 -33.22 -32.41
CA ARG J 105 45.75 -34.02 -33.53
C ARG J 105 46.07 -33.14 -34.74
N CYS J 106 45.21 -32.15 -35.00
CA CYS J 106 45.33 -31.33 -36.20
C CYS J 106 46.54 -30.39 -36.16
N ILE J 107 46.90 -29.89 -34.98
CA ILE J 107 48.07 -29.01 -34.89
C ILE J 107 49.37 -29.81 -35.02
N LYS J 108 49.33 -31.11 -34.73
CA LYS J 108 50.53 -31.95 -34.84
C LYS J 108 50.82 -32.33 -36.29
N ARG J 109 49.78 -32.69 -37.05
CA ARG J 109 49.95 -33.19 -38.41
C ARG J 109 49.95 -32.04 -39.43
N LYS J 110 48.87 -31.26 -39.46
CA LYS J 110 48.74 -30.20 -40.46
C LYS J 110 49.60 -28.98 -40.16
N GLY J 111 50.08 -28.84 -38.93
CA GLY J 111 50.92 -27.70 -38.59
C GLY J 111 50.18 -26.38 -38.48
N VAL J 112 48.87 -26.42 -38.23
CA VAL J 112 48.08 -25.21 -38.10
C VAL J 112 48.26 -24.63 -36.70
N SER J 113 47.77 -23.42 -36.49
CA SER J 113 47.80 -22.77 -35.18
C SER J 113 46.67 -23.31 -34.30
N ALA J 114 46.71 -22.93 -33.03
CA ALA J 114 45.66 -23.36 -32.09
C ALA J 114 44.33 -22.69 -32.42
N GLU J 115 44.36 -21.41 -32.77
CA GLU J 115 43.13 -20.72 -33.16
C GLU J 115 42.68 -21.14 -34.55
N THR J 116 43.61 -21.53 -35.42
CA THR J 116 43.25 -22.03 -36.74
C THR J 116 42.59 -23.39 -36.66
N ALA J 117 43.07 -24.26 -35.77
CA ALA J 117 42.50 -25.59 -35.62
C ALA J 117 41.11 -25.53 -34.98
N GLU J 118 40.87 -24.56 -34.10
CA GLU J 118 39.56 -24.41 -33.50
C GLU J 118 38.57 -23.80 -34.48
N SER J 119 39.07 -23.09 -35.50
CA SER J 119 38.19 -22.48 -36.49
C SER J 119 37.59 -23.51 -37.43
N LEU J 120 38.38 -24.51 -37.82
CA LEU J 120 37.89 -25.53 -38.75
C LEU J 120 36.94 -26.50 -38.08
N TYR J 121 37.10 -26.75 -36.78
CA TYR J 121 36.29 -27.71 -36.06
C TYR J 121 35.32 -27.05 -35.09
N GLY J 122 35.04 -25.75 -35.25
CA GLY J 122 34.12 -25.07 -34.36
C GLY J 122 32.68 -25.53 -34.52
N ASN J 123 32.25 -25.71 -35.77
CA ASN J 123 30.86 -26.07 -36.06
C ASN J 123 30.70 -27.56 -36.41
N TYR J 124 31.57 -28.42 -35.88
CA TYR J 124 31.48 -29.85 -36.13
C TYR J 124 31.68 -30.59 -34.81
N LYS J 125 31.76 -31.92 -34.91
CA LYS J 125 32.03 -32.86 -33.82
C LYS J 125 30.96 -32.84 -32.72
N GLY J 126 31.18 -33.63 -31.66
CA GLY J 126 30.20 -33.77 -30.61
C GLY J 126 29.54 -35.13 -30.64
N GLU J 127 30.32 -36.15 -30.98
CA GLU J 127 29.78 -37.50 -31.12
C GLU J 127 29.44 -38.09 -29.76
N LYS J 128 28.21 -38.59 -29.62
CA LYS J 128 27.73 -39.21 -28.39
C LYS J 128 26.96 -40.48 -28.78
N CYS J 129 27.59 -41.63 -28.56
CA CYS J 129 26.95 -42.90 -28.86
C CYS J 129 25.90 -43.23 -27.81
N LYS J 130 24.72 -43.64 -28.28
CA LYS J 130 23.60 -44.00 -27.41
C LYS J 130 23.46 -45.52 -27.33
N LEU J 131 24.60 -46.19 -27.54
CA LEU J 131 24.62 -47.66 -27.59
C LEU J 131 25.31 -48.28 -26.39
N PRO J 132 25.02 -49.55 -26.09
CA PRO J 132 25.73 -50.22 -25.00
C PRO J 132 27.23 -49.96 -24.90
N TYR J 133 27.70 -49.65 -23.69
CA TYR J 133 29.11 -49.38 -23.46
C TYR J 133 29.65 -50.16 -22.27
N ILE J 134 30.96 -50.09 -22.06
CA ILE J 134 31.56 -50.80 -20.95
C ILE J 134 32.71 -49.98 -20.43
N VAL J 135 32.78 -49.84 -19.11
CA VAL J 135 33.83 -49.03 -18.54
C VAL J 135 35.02 -49.89 -18.19
N VAL J 136 35.87 -50.14 -19.16
CA VAL J 136 37.08 -50.87 -18.88
C VAL J 136 38.08 -49.77 -18.92
N ASN J 137 39.07 -49.80 -18.05
CA ASN J 137 39.99 -48.69 -17.97
C ASN J 137 41.19 -49.02 -18.81
N SER J 138 42.36 -48.53 -18.39
CA SER J 138 43.57 -48.87 -19.12
C SER J 138 44.78 -48.81 -18.20
N LYS J 139 45.80 -49.62 -18.52
CA LYS J 139 47.03 -49.67 -17.76
C LYS J 139 48.22 -49.04 -18.46
N SER J 140 48.22 -49.03 -19.80
CA SER J 140 49.31 -48.37 -20.52
C SER J 140 49.19 -46.86 -20.40
N THR J 141 47.99 -46.32 -20.60
CA THR J 141 47.71 -44.90 -20.39
C THR J 141 46.82 -44.78 -19.15
N GLY J 142 47.25 -43.94 -18.20
CA GLY J 142 46.63 -43.91 -16.90
C GLY J 142 45.35 -43.11 -16.78
N GLN J 143 44.28 -43.58 -17.42
CA GLN J 143 42.95 -43.00 -17.26
C GLN J 143 41.91 -44.08 -17.49
N ARG J 144 40.70 -43.83 -17.00
CA ARG J 144 39.56 -44.69 -17.23
C ARG J 144 38.69 -44.11 -18.34
N PHE J 145 37.96 -44.98 -19.03
CA PHE J 145 37.16 -44.57 -20.17
C PHE J 145 36.05 -45.57 -20.41
N SER J 146 35.14 -45.21 -21.30
CA SER J 146 34.01 -46.05 -21.69
C SER J 146 34.21 -46.53 -23.12
N MET J 147 34.10 -47.84 -23.32
CA MET J 147 34.31 -48.46 -24.62
C MET J 147 32.98 -48.95 -25.17
N PHE J 148 32.67 -48.60 -26.42
CA PHE J 148 31.39 -48.92 -27.05
C PHE J 148 31.54 -50.10 -27.99
N LEU J 149 30.58 -51.02 -27.95
CA LEU J 149 30.58 -52.22 -28.77
C LEU J 149 29.25 -52.35 -29.50
N GLU J 150 29.31 -52.70 -30.78
CA GLU J 150 28.12 -52.81 -31.62
C GLU J 150 28.19 -54.10 -32.44
N GLU J 151 27.01 -54.59 -32.84
CA GLU J 151 26.93 -55.86 -33.54
C GLU J 151 27.10 -55.66 -35.05
N CYS J 152 28.02 -56.43 -35.64
CA CYS J 152 28.24 -56.41 -37.08
C CYS J 152 28.77 -57.78 -37.51
N GLU J 153 29.36 -57.83 -38.69
CA GLU J 153 29.82 -59.08 -39.29
C GLU J 153 31.04 -59.64 -38.56
N ASN J 154 31.32 -60.92 -38.84
CA ASN J 154 32.41 -61.63 -38.18
C ASN J 154 33.75 -61.31 -38.84
N SER J 155 34.82 -61.47 -38.07
CA SER J 155 36.18 -61.31 -38.56
C SER J 155 37.04 -62.46 -38.05
N GLU J 156 38.11 -62.76 -38.79
CA GLU J 156 38.96 -63.90 -38.46
C GLU J 156 39.84 -63.62 -37.24
N LYS J 157 40.45 -62.45 -37.18
CA LYS J 157 41.42 -62.14 -36.15
C LYS J 157 40.78 -61.29 -35.05
N PHE J 158 41.44 -61.30 -33.88
CA PHE J 158 40.93 -60.62 -32.70
C PHE J 158 42.03 -59.77 -32.09
N ASN J 159 41.60 -58.75 -31.34
CA ASN J 159 42.52 -57.89 -30.60
C ASN J 159 42.66 -58.39 -29.16
N SER J 160 43.26 -57.58 -28.30
CA SER J 160 43.52 -57.94 -26.91
C SER J 160 42.34 -57.63 -25.99
N TYR J 161 41.21 -57.20 -26.55
CA TYR J 161 39.98 -56.98 -25.78
C TYR J 161 38.90 -58.01 -26.08
N GLY J 162 39.20 -59.05 -26.83
CA GLY J 162 38.18 -60.02 -27.20
C GLY J 162 37.22 -59.55 -28.27
N LEU J 163 37.57 -58.48 -28.98
CA LEU J 163 36.75 -57.94 -30.05
C LEU J 163 37.41 -58.23 -31.39
N CYS J 164 36.66 -58.01 -32.47
CA CYS J 164 37.17 -58.29 -33.81
C CYS J 164 37.95 -57.10 -34.36
N ILE J 165 38.78 -57.39 -35.36
CA ILE J 165 39.64 -56.39 -36.00
C ILE J 165 39.24 -56.29 -37.46
N VAL J 166 38.95 -55.07 -37.91
CA VAL J 166 38.58 -54.70 -39.28
C VAL J 166 37.38 -55.49 -39.80
#